data_3MZK
#
_entry.id   3MZK
#
_cell.length_a   56.734
_cell.length_b   139.012
_cell.length_c   205.424
_cell.angle_alpha   90.00
_cell.angle_beta   90.00
_cell.angle_gamma   90.00
#
_symmetry.space_group_name_H-M   'P 21 21 21'
#
loop_
_entity.id
_entity.type
_entity.pdbx_description
1 polymer 'Protein transport protein SEC13'
2 polymer 'Protein transport protein SEC16'
3 water water
#
loop_
_entity_poly.entity_id
_entity_poly.type
_entity_poly.pdbx_seq_one_letter_code
_entity_poly.pdbx_strand_id
1 'polypeptide(L)'
;MVVIANAHNELIHDAVLDYYGKRLATCSSDKTIKIFEVEGETHKLIDTLTGHEGPVWRVDWAHPKFGTILASCSYDGKVL
IWKEENGRWSQIAVHAVHSASVNSVQWAPHEYGPLLLVASSDGKVSVVEFKENGTTSPIIIDAHAIGVNSASWAPATIEE
DGEHNGTKESRKFVTGGADNLVKIWKYNSDAQTYVLESTLEGHSDWVRDVAWSPTVLLRSYLASVSQDRTCIIWTQDNEQ
GPWKKTLLKEEKFPDVLWRASWSLSGNVLALSGGDNKVTLWKENLEGKWEPAGEVHQ
;
A,D
2 'polypeptide(L)'
;GPGSDNEALLRRQFPIFHWSAANKVVYAVPPIPDQSQYMISSSIVQEIKVTPIDQIIKPNDMLKSFPGPLGSAKLKKKDL
TKWMETTIKSISENESSTDMTIWQLLEMKLNDKVNWKNISKLLYNSDELLMYLSQPFPNGDMIPNAYRLDINCQMRVLAF
LQTGNHDEALRLALSKRDYAIALLVGSLMGKDRWSEVIQKYLYEGFTAGPNDQKELAHFLLLIFQVFVGNSKMAIKSFYT
NNETSQWASENWKSIVAAVLINIPENNEDPLLIPPVVLEFLIEFGIFLTKKGLTAAASTLFIIGNVPLSNEPVMADSDVI
FESIGNMNTFESILWDEIYEYIFSYDPKFKGFSSILPQKIYHASLLQEQGLNSLGTKYTDYLSSSVRKLPKKDILTINLT
RELSEVASRLSESNTGWLAKPKLSSVWGQLDKSFNKYIGGD
;
B,C
#
# COMPACT_ATOMS: atom_id res chain seq x y z
N MET A 1 -68.68 -0.14 21.75
CA MET A 1 -67.80 0.10 22.89
C MET A 1 -68.54 -0.23 24.17
N VAL A 2 -67.80 -0.69 25.18
CA VAL A 2 -68.41 -1.03 26.46
C VAL A 2 -68.44 0.17 27.42
N VAL A 3 -69.63 0.53 27.87
CA VAL A 3 -69.76 1.62 28.83
C VAL A 3 -70.35 1.14 30.14
N ILE A 4 -69.73 1.52 31.25
CA ILE A 4 -70.22 1.19 32.59
C ILE A 4 -70.52 2.46 33.39
N ALA A 5 -71.81 2.81 33.47
CA ALA A 5 -72.25 3.95 34.25
C ALA A 5 -72.57 3.53 35.68
N ASN A 6 -72.23 4.39 36.64
CA ASN A 6 -72.53 4.14 38.05
C ASN A 6 -72.02 2.80 38.59
N ALA A 7 -70.72 2.56 38.49
CA ALA A 7 -70.13 1.37 39.11
C ALA A 7 -70.13 1.57 40.62
N HIS A 8 -70.01 2.83 41.05
CA HIS A 8 -70.06 3.18 42.45
C HIS A 8 -70.79 4.51 42.63
N ASN A 9 -71.32 4.75 43.82
CA ASN A 9 -71.94 6.04 44.09
C ASN A 9 -70.91 7.06 44.55
N GLU A 10 -69.77 6.56 45.07
CA GLU A 10 -68.66 7.40 45.51
C GLU A 10 -67.52 7.38 44.50
N LEU A 11 -66.53 8.25 44.70
CA LEU A 11 -65.34 8.33 43.83
C LEU A 11 -64.77 6.98 43.41
N ILE A 12 -64.43 6.87 42.11
CA ILE A 12 -63.78 5.68 41.60
C ILE A 12 -62.29 5.96 41.44
N HIS A 13 -61.46 5.16 42.10
CA HIS A 13 -60.02 5.44 42.16
C HIS A 13 -59.21 4.62 41.17
N ASP A 14 -59.73 3.49 40.78
CA ASP A 14 -59.03 2.63 39.85
C ASP A 14 -59.98 1.69 39.15
N ALA A 15 -59.67 1.37 37.90
CA ALA A 15 -60.40 0.36 37.16
C ALA A 15 -59.43 -0.35 36.23
N VAL A 16 -59.39 -1.67 36.27
CA VAL A 16 -58.33 -2.40 35.60
C VAL A 16 -58.83 -3.68 34.99
N LEU A 17 -58.55 -3.86 33.69
CA LEU A 17 -58.88 -5.11 33.01
C LEU A 17 -57.88 -6.19 33.41
N ASP A 18 -58.36 -7.42 33.53
CA ASP A 18 -57.45 -8.54 33.68
C ASP A 18 -56.75 -8.83 32.33
N TYR A 19 -55.91 -9.87 32.32
CA TYR A 19 -55.01 -10.16 31.19
C TYR A 19 -55.76 -10.44 29.88
N TYR A 20 -56.82 -11.22 29.96
CA TYR A 20 -57.61 -11.57 28.78
C TYR A 20 -58.67 -10.53 28.44
N GLY A 21 -58.73 -9.44 29.20
CA GLY A 21 -59.67 -8.37 28.93
C GLY A 21 -61.12 -8.81 29.04
N LYS A 22 -61.40 -9.76 29.92
CA LYS A 22 -62.78 -10.21 30.11
C LYS A 22 -63.31 -10.03 31.53
N ARG A 23 -62.47 -9.52 32.42
CA ARG A 23 -62.95 -9.07 33.71
C ARG A 23 -62.43 -7.66 33.94
N LEU A 24 -63.27 -6.81 34.52
CA LEU A 24 -62.87 -5.49 34.94
C LEU A 24 -63.00 -5.40 36.45
N ALA A 25 -62.02 -4.78 37.09
CA ALA A 25 -62.09 -4.56 38.54
C ALA A 25 -62.06 -3.08 38.87
N THR A 26 -63.04 -2.61 39.66
CA THR A 26 -63.15 -1.19 40.02
C THR A 26 -63.18 -1.02 41.53
N CYS A 27 -62.65 0.10 42.02
CA CYS A 27 -62.60 0.33 43.46
C CYS A 27 -62.87 1.78 43.85
N SER A 28 -63.47 1.97 45.01
CA SER A 28 -64.07 3.25 45.38
C SER A 28 -63.81 3.71 46.82
N SER A 29 -63.99 5.00 47.07
CA SER A 29 -64.09 5.52 48.44
C SER A 29 -65.19 4.84 49.25
N ASP A 30 -66.07 4.08 48.59
CA ASP A 30 -67.13 3.39 49.30
C ASP A 30 -66.63 2.10 49.96
N LYS A 31 -65.31 1.89 49.94
CA LYS A 31 -64.65 0.76 50.60
C LYS A 31 -64.82 -0.60 49.93
N THR A 32 -65.25 -0.62 48.68
CA THR A 32 -65.54 -1.91 48.05
C THR A 32 -64.78 -2.06 46.74
N ILE A 33 -64.60 -3.31 46.32
CA ILE A 33 -64.13 -3.59 44.97
C ILE A 33 -65.32 -4.20 44.22
N LYS A 34 -65.45 -3.87 42.94
CA LYS A 34 -66.43 -4.56 42.11
C LYS A 34 -65.79 -5.29 40.95
N ILE A 35 -66.24 -6.52 40.70
CA ILE A 35 -65.79 -7.29 39.55
C ILE A 35 -66.86 -7.42 38.47
N PHE A 36 -66.61 -6.81 37.32
CA PHE A 36 -67.49 -6.90 36.15
C PHE A 36 -67.00 -7.90 35.11
N GLU A 37 -67.91 -8.72 34.60
CA GLU A 37 -67.61 -9.55 33.45
C GLU A 37 -67.77 -8.74 32.18
N VAL A 38 -66.78 -8.82 31.29
CA VAL A 38 -66.87 -8.17 29.99
C VAL A 38 -66.74 -9.20 28.87
N GLU A 39 -67.86 -9.54 28.25
CA GLU A 39 -67.84 -10.48 27.13
C GLU A 39 -68.43 -9.79 25.91
N GLY A 40 -67.57 -9.42 24.97
CA GLY A 40 -67.99 -8.66 23.81
C GLY A 40 -68.32 -7.22 24.16
N GLU A 41 -69.47 -6.74 23.70
CA GLU A 41 -69.90 -5.37 23.97
C GLU A 41 -70.75 -5.31 25.24
N THR A 42 -70.98 -6.46 25.87
CA THR A 42 -71.80 -6.55 27.08
C THR A 42 -71.00 -6.58 28.38
N HIS A 43 -71.67 -6.30 29.49
CA HIS A 43 -71.05 -6.33 30.81
C HIS A 43 -72.07 -6.63 31.90
N LYS A 44 -71.64 -7.31 32.95
CA LYS A 44 -72.50 -7.49 34.13
C LYS A 44 -71.69 -7.57 35.41
N LEU A 45 -72.27 -7.05 36.49
CA LEU A 45 -71.67 -7.14 37.81
C LEU A 45 -71.66 -8.59 38.27
N ILE A 46 -70.50 -9.09 38.66
CA ILE A 46 -70.37 -10.47 39.12
C ILE A 46 -70.43 -10.53 40.65
N ASP A 47 -69.79 -9.57 41.30
CA ASP A 47 -69.61 -9.64 42.73
C ASP A 47 -69.06 -8.33 43.27
N THR A 48 -69.55 -7.95 44.45
CA THR A 48 -68.96 -6.82 45.15
C THR A 48 -68.13 -7.34 46.32
N LEU A 49 -66.88 -6.89 46.42
CA LEU A 49 -66.01 -7.39 47.47
C LEU A 49 -65.92 -6.38 48.62
N THR A 50 -66.34 -6.79 49.81
CA THR A 50 -66.26 -5.92 50.99
C THR A 50 -65.21 -6.46 51.94
N GLY A 51 -64.59 -5.57 52.69
CA GLY A 51 -63.53 -5.95 53.61
C GLY A 51 -62.69 -4.80 54.09
N HIS A 52 -62.40 -3.86 53.19
CA HIS A 52 -61.61 -2.71 53.58
C HIS A 52 -62.42 -1.78 54.47
N GLU A 53 -61.72 -0.91 55.18
CA GLU A 53 -62.34 -0.08 56.20
C GLU A 53 -62.04 1.36 55.91
N GLY A 54 -61.69 1.63 54.66
CA GLY A 54 -61.46 2.96 54.18
C GLY A 54 -61.45 2.90 52.66
N PRO A 55 -61.32 4.05 51.99
CA PRO A 55 -61.28 4.04 50.53
C PRO A 55 -60.26 3.03 50.00
N VAL A 56 -60.61 2.34 48.92
CA VAL A 56 -59.70 1.44 48.23
C VAL A 56 -59.06 2.20 47.05
N TRP A 57 -57.75 2.35 47.09
CA TRP A 57 -57.06 3.23 46.15
C TRP A 57 -56.72 2.57 44.82
N ARG A 58 -56.22 1.33 44.88
CA ARG A 58 -55.74 0.67 43.67
C ARG A 58 -56.02 -0.82 43.70
N VAL A 59 -56.01 -1.43 42.51
CA VAL A 59 -56.05 -2.88 42.37
C VAL A 59 -55.11 -3.33 41.27
N ASP A 60 -54.69 -4.58 41.33
CA ASP A 60 -53.79 -5.12 40.33
C ASP A 60 -54.05 -6.61 40.14
N TRP A 61 -54.09 -7.05 38.88
CA TRP A 61 -54.31 -8.46 38.58
C TRP A 61 -53.01 -9.21 38.53
N ALA A 62 -53.04 -10.44 39.01
CA ALA A 62 -51.88 -11.32 38.90
C ALA A 62 -51.93 -12.04 37.55
N HIS A 63 -50.76 -12.50 37.10
CA HIS A 63 -50.63 -13.20 35.83
C HIS A 63 -51.51 -14.44 35.79
N PRO A 64 -52.19 -14.65 34.67
CA PRO A 64 -53.22 -15.71 34.56
C PRO A 64 -52.71 -17.12 34.90
N LYS A 65 -51.42 -17.39 34.76
CA LYS A 65 -50.94 -18.73 35.06
C LYS A 65 -51.07 -19.07 36.53
N PHE A 66 -51.22 -18.03 37.36
CA PHE A 66 -51.42 -18.22 38.78
C PHE A 66 -52.91 -18.37 39.09
N GLY A 67 -53.73 -18.32 38.04
CA GLY A 67 -55.17 -18.31 38.21
C GLY A 67 -55.76 -16.91 38.14
N THR A 68 -56.98 -16.75 38.64
CA THR A 68 -57.68 -15.49 38.55
C THR A 68 -57.63 -14.78 39.90
N ILE A 69 -56.66 -13.89 40.06
CA ILE A 69 -56.33 -13.35 41.36
C ILE A 69 -56.17 -11.84 41.35
N LEU A 70 -56.83 -11.17 42.28
CA LEU A 70 -56.76 -9.72 42.37
C LEU A 70 -56.11 -9.26 43.68
N ALA A 71 -55.39 -8.16 43.62
CA ALA A 71 -54.91 -7.55 44.86
C ALA A 71 -55.46 -6.13 44.99
N SER A 72 -55.84 -5.76 46.21
CA SER A 72 -56.33 -4.41 46.49
C SER A 72 -55.62 -3.78 47.68
N CYS A 73 -55.44 -2.46 47.63
CA CYS A 73 -54.87 -1.73 48.76
C CYS A 73 -55.78 -0.59 49.19
N SER A 74 -55.64 -0.15 50.44
CA SER A 74 -56.59 0.79 51.02
C SER A 74 -56.01 1.72 52.09
N TYR A 75 -56.65 2.88 52.22
CA TYR A 75 -56.44 3.80 53.32
C TYR A 75 -56.31 3.08 54.70
N ASP A 76 -57.07 2.00 54.89
CA ASP A 76 -57.08 1.26 56.16
C ASP A 76 -55.75 0.55 56.46
N GLY A 77 -54.80 0.67 55.54
CA GLY A 77 -53.47 0.15 55.77
C GLY A 77 -53.31 -1.33 55.41
N LYS A 78 -54.37 -1.93 54.87
CA LYS A 78 -54.33 -3.34 54.51
C LYS A 78 -54.23 -3.58 53.02
N VAL A 79 -53.63 -4.72 52.66
CA VAL A 79 -53.70 -5.23 51.31
C VAL A 79 -54.53 -6.49 51.35
N LEU A 80 -55.58 -6.55 50.51
CA LEU A 80 -56.40 -7.75 50.44
C LEU A 80 -56.18 -8.46 49.12
N ILE A 81 -56.20 -9.78 49.15
CA ILE A 81 -56.02 -10.62 47.96
C ILE A 81 -57.24 -11.51 47.71
N TRP A 82 -57.76 -11.46 46.49
CA TRP A 82 -59.00 -12.16 46.18
C TRP A 82 -58.84 -13.14 45.02
N LYS A 83 -59.53 -14.26 45.11
CA LYS A 83 -59.42 -15.30 44.09
C LYS A 83 -60.80 -15.72 43.57
N GLU A 84 -60.88 -16.04 42.28
CA GLU A 84 -62.13 -16.52 41.69
C GLU A 84 -62.01 -18.01 41.50
N GLU A 85 -62.95 -18.76 42.06
CA GLU A 85 -62.98 -20.20 41.85
C GLU A 85 -64.40 -20.63 41.52
N ASN A 86 -64.54 -21.42 40.46
CA ASN A 86 -65.85 -21.86 39.99
C ASN A 86 -66.84 -20.72 39.90
N GLY A 87 -66.37 -19.58 39.38
CA GLY A 87 -67.24 -18.47 39.08
C GLY A 87 -67.44 -17.47 40.20
N ARG A 88 -67.25 -17.92 41.44
CA ARG A 88 -67.49 -17.08 42.62
C ARG A 88 -66.22 -16.50 43.24
N TRP A 89 -66.33 -15.28 43.76
CA TRP A 89 -65.20 -14.60 44.39
C TRP A 89 -65.13 -14.78 45.90
N SER A 90 -63.92 -14.68 46.44
CA SER A 90 -63.72 -14.69 47.89
C SER A 90 -62.35 -14.18 48.28
N GLN A 91 -62.18 -13.93 49.56
CA GLN A 91 -60.93 -13.41 50.08
C GLN A 91 -60.02 -14.55 50.51
N ILE A 92 -58.77 -14.53 50.07
CA ILE A 92 -57.86 -15.64 50.37
C ILE A 92 -56.64 -15.26 51.19
N ALA A 93 -56.39 -13.97 51.36
CA ALA A 93 -55.22 -13.54 52.09
C ALA A 93 -55.31 -12.08 52.52
N VAL A 94 -54.53 -11.73 53.55
CA VAL A 94 -54.46 -10.37 54.05
C VAL A 94 -53.03 -10.03 54.38
N HIS A 95 -52.55 -8.94 53.81
CA HIS A 95 -51.23 -8.41 54.13
C HIS A 95 -51.47 -7.15 54.98
N ALA A 96 -51.32 -7.26 56.29
CA ALA A 96 -51.56 -6.11 57.16
C ALA A 96 -50.35 -5.76 58.02
N VAL A 97 -49.38 -5.06 57.44
CA VAL A 97 -48.15 -4.73 58.15
C VAL A 97 -47.92 -3.24 58.35
N HIS A 98 -48.56 -2.41 57.53
CA HIS A 98 -48.27 -0.97 57.54
C HIS A 98 -49.17 -0.22 58.52
N SER A 99 -48.67 0.91 59.04
CA SER A 99 -49.42 1.64 60.06
C SER A 99 -50.02 2.92 59.50
N ALA A 100 -50.15 2.99 58.19
CA ALA A 100 -50.86 4.09 57.54
C ALA A 100 -51.25 3.64 56.16
N SER A 101 -51.95 4.52 55.43
CA SER A 101 -52.47 4.12 54.13
C SER A 101 -51.48 3.38 53.25
N VAL A 102 -51.98 2.32 52.62
CA VAL A 102 -51.27 1.63 51.57
C VAL A 102 -51.70 2.18 50.21
N ASN A 103 -50.78 2.88 49.54
CA ASN A 103 -51.09 3.66 48.36
C ASN A 103 -51.01 2.94 47.01
N SER A 104 -50.17 1.91 46.92
CA SER A 104 -50.09 1.10 45.70
C SER A 104 -49.74 -0.35 45.99
N VAL A 105 -50.20 -1.24 45.12
CA VAL A 105 -49.89 -2.66 45.21
C VAL A 105 -49.66 -3.13 43.78
N GLN A 106 -48.67 -3.99 43.55
CA GLN A 106 -48.39 -4.41 42.18
C GLN A 106 -47.75 -5.78 42.13
N TRP A 107 -48.29 -6.67 41.32
CA TRP A 107 -47.70 -7.99 41.14
C TRP A 107 -46.36 -7.96 40.40
N ALA A 108 -45.40 -8.74 40.89
CA ALA A 108 -44.09 -8.81 40.25
C ALA A 108 -44.16 -9.62 38.97
N PRO A 109 -43.17 -9.44 38.09
CA PRO A 109 -42.96 -10.28 36.90
C PRO A 109 -43.20 -11.73 37.27
N HIS A 110 -43.86 -12.49 36.40
CA HIS A 110 -44.25 -13.84 36.77
C HIS A 110 -43.04 -14.76 36.99
N GLU A 111 -41.87 -14.33 36.55
CA GLU A 111 -40.65 -15.06 36.82
C GLU A 111 -40.36 -15.25 38.33
N TYR A 112 -40.77 -14.29 39.16
CA TYR A 112 -40.53 -14.37 40.60
C TYR A 112 -41.59 -15.17 41.35
N GLY A 113 -42.61 -15.64 40.66
CA GLY A 113 -43.75 -16.25 41.32
C GLY A 113 -44.69 -15.16 41.82
N PRO A 114 -45.85 -15.56 42.39
CA PRO A 114 -46.85 -14.61 42.88
C PRO A 114 -46.28 -13.80 44.04
N LEU A 115 -45.84 -12.58 43.75
CA LEU A 115 -45.11 -11.79 44.72
C LEU A 115 -45.63 -10.38 44.61
N LEU A 116 -45.79 -9.69 45.75
CA LEU A 116 -46.38 -8.35 45.76
C LEU A 116 -45.42 -7.26 46.25
N LEU A 117 -45.50 -6.10 45.59
CA LEU A 117 -44.76 -4.92 46.00
C LEU A 117 -45.77 -3.90 46.54
N VAL A 118 -45.56 -3.45 47.77
CA VAL A 118 -46.55 -2.65 48.48
C VAL A 118 -45.92 -1.37 49.01
N ALA A 119 -46.61 -0.26 48.82
CA ALA A 119 -46.06 1.05 49.21
C ALA A 119 -47.01 1.84 50.11
N SER A 120 -46.47 2.48 51.15
CA SER A 120 -47.30 3.07 52.19
C SER A 120 -46.92 4.47 52.68
N SER A 121 -47.92 5.18 53.18
CA SER A 121 -47.70 6.50 53.76
C SER A 121 -46.88 6.46 55.05
N ASP A 122 -46.71 5.27 55.63
CA ASP A 122 -45.89 5.13 56.84
C ASP A 122 -44.40 5.22 56.52
N GLY A 123 -44.08 5.46 55.26
CA GLY A 123 -42.70 5.59 54.83
C GLY A 123 -42.06 4.30 54.37
N LYS A 124 -42.78 3.19 54.54
CA LYS A 124 -42.17 1.90 54.23
C LYS A 124 -42.65 1.28 52.92
N VAL A 125 -41.95 0.22 52.51
CA VAL A 125 -42.34 -0.57 51.37
C VAL A 125 -42.22 -2.02 51.78
N SER A 126 -43.21 -2.83 51.41
CA SER A 126 -43.12 -4.25 51.71
C SER A 126 -43.25 -5.12 50.47
N VAL A 127 -42.70 -6.32 50.57
CA VAL A 127 -42.72 -7.32 49.50
C VAL A 127 -43.11 -8.64 50.14
N VAL A 128 -44.21 -9.22 49.69
CA VAL A 128 -44.67 -10.46 50.29
C VAL A 128 -45.23 -11.40 49.22
N GLU A 129 -45.04 -12.69 49.46
CA GLU A 129 -45.50 -13.72 48.53
C GLU A 129 -46.98 -13.98 48.71
N PHE A 130 -47.59 -14.63 47.73
CA PHE A 130 -48.89 -15.25 47.92
C PHE A 130 -48.77 -16.75 47.66
N LYS A 131 -49.17 -17.56 48.64
CA LYS A 131 -49.17 -19.00 48.49
C LYS A 131 -50.38 -19.61 49.15
N GLU A 132 -50.87 -20.71 48.61
CA GLU A 132 -51.91 -21.48 49.30
C GLU A 132 -51.32 -22.81 49.77
N ASN A 133 -50.06 -23.03 49.40
CA ASN A 133 -49.39 -24.29 49.68
C ASN A 133 -48.23 -24.10 50.64
N GLY A 134 -48.20 -22.96 51.33
CA GLY A 134 -47.09 -22.66 52.22
C GLY A 134 -47.13 -21.33 52.96
N THR A 135 -46.07 -21.11 53.74
CA THR A 135 -45.99 -20.00 54.68
C THR A 135 -45.27 -18.79 54.09
N THR A 136 -45.93 -17.64 54.14
CA THR A 136 -45.37 -16.42 53.61
C THR A 136 -44.60 -15.65 54.68
N SER A 137 -43.84 -14.64 54.26
CA SER A 137 -43.14 -13.76 55.19
C SER A 137 -42.70 -12.48 54.50
N PRO A 138 -43.16 -11.33 55.01
CA PRO A 138 -42.90 -10.02 54.41
C PRO A 138 -41.49 -9.53 54.63
N ILE A 139 -40.95 -8.84 53.63
CA ILE A 139 -39.73 -8.06 53.77
C ILE A 139 -40.16 -6.60 53.86
N ILE A 140 -39.71 -5.90 54.88
CA ILE A 140 -40.15 -4.53 55.08
C ILE A 140 -38.97 -3.58 55.16
N ILE A 141 -38.94 -2.58 54.29
CA ILE A 141 -37.82 -1.65 54.23
C ILE A 141 -38.27 -0.20 54.39
N ASP A 142 -37.45 0.61 55.05
CA ASP A 142 -37.71 2.06 55.13
C ASP A 142 -37.31 2.72 53.82
N ALA A 143 -38.29 3.27 53.10
CA ALA A 143 -38.03 3.73 51.73
C ALA A 143 -37.92 5.24 51.60
N HIS A 144 -38.95 5.95 52.03
CA HIS A 144 -39.00 7.41 51.90
C HIS A 144 -39.42 8.05 53.20
N ALA A 145 -38.99 9.29 53.41
CA ALA A 145 -39.18 9.97 54.68
C ALA A 145 -40.66 10.14 55.03
N ILE A 146 -41.34 11.06 54.34
CA ILE A 146 -42.70 11.45 54.68
C ILE A 146 -43.74 10.45 54.19
N GLY A 147 -43.35 9.59 53.25
CA GLY A 147 -44.23 8.53 52.81
C GLY A 147 -44.00 8.11 51.38
N VAL A 148 -44.50 6.92 51.03
CA VAL A 148 -44.32 6.36 49.70
C VAL A 148 -45.67 6.36 48.96
N ASN A 149 -45.71 6.99 47.79
CA ASN A 149 -46.96 7.09 47.03
C ASN A 149 -47.11 6.05 45.92
N SER A 150 -46.06 5.29 45.65
CA SER A 150 -46.02 4.43 44.47
C SER A 150 -44.74 3.61 44.40
N ALA A 151 -44.87 2.37 43.92
CA ALA A 151 -43.72 1.49 43.73
C ALA A 151 -44.00 0.56 42.57
N SER A 152 -43.01 0.36 41.71
CA SER A 152 -43.24 -0.37 40.47
C SER A 152 -42.08 -1.30 40.13
N TRP A 153 -42.39 -2.52 39.74
CA TRP A 153 -41.35 -3.48 39.39
C TRP A 153 -40.64 -3.14 38.10
N ALA A 154 -39.34 -3.39 38.08
CA ALA A 154 -38.57 -3.42 36.86
C ALA A 154 -38.76 -4.79 36.21
N PRO A 155 -38.55 -4.88 34.89
CA PRO A 155 -38.68 -6.20 34.25
C PRO A 155 -37.66 -7.21 34.79
N ALA A 156 -38.06 -8.48 34.79
CA ALA A 156 -37.12 -9.57 35.06
C ALA A 156 -35.97 -9.52 34.05
N THR A 157 -34.73 -9.48 34.56
CA THR A 157 -33.54 -9.65 33.73
C THR A 157 -32.47 -10.48 34.44
N ILE A 158 -31.61 -11.12 33.64
CA ILE A 158 -30.48 -11.87 34.16
C ILE A 158 -29.21 -11.05 33.97
N GLU A 159 -28.37 -11.02 35.01
CA GLU A 159 -27.12 -10.27 34.97
C GLU A 159 -25.93 -11.18 35.25
N GLU A 160 -24.74 -10.68 35.00
CA GLU A 160 -23.51 -11.42 35.25
C GLU A 160 -23.26 -11.56 36.75
N ASP A 161 -22.98 -12.79 37.19
CA ASP A 161 -22.66 -13.04 38.59
C ASP A 161 -21.16 -13.26 38.77
N GLY A 162 -20.45 -12.19 39.12
CA GLY A 162 -19.00 -12.21 39.24
C GLY A 162 -18.46 -13.14 40.31
N GLU A 163 -18.97 -13.01 41.53
CA GLU A 163 -18.49 -13.79 42.67
C GLU A 163 -18.36 -15.28 42.36
N HIS A 164 -19.21 -15.76 41.46
CA HIS A 164 -19.28 -17.19 41.17
C HIS A 164 -19.08 -17.49 39.69
N ASN A 165 -18.77 -16.47 38.90
CA ASN A 165 -18.60 -16.62 37.46
C ASN A 165 -19.76 -17.38 36.82
N GLY A 166 -20.97 -16.85 37.00
CA GLY A 166 -22.17 -17.45 36.43
C GLY A 166 -23.25 -16.40 36.23
N THR A 167 -24.50 -16.82 36.25
CA THR A 167 -25.61 -15.89 36.05
C THR A 167 -26.56 -15.87 37.24
N LYS A 168 -26.97 -14.67 37.62
CA LYS A 168 -27.98 -14.49 38.66
C LYS A 168 -29.00 -13.47 38.17
N GLU A 169 -30.19 -13.49 38.73
CA GLU A 169 -31.18 -12.50 38.33
C GLU A 169 -31.08 -11.25 39.20
N SER A 170 -31.35 -10.09 38.59
CA SER A 170 -31.36 -8.84 39.34
C SER A 170 -32.79 -8.34 39.47
N ARG A 171 -33.28 -8.33 40.71
CA ARG A 171 -34.61 -7.84 41.02
C ARG A 171 -34.55 -6.38 41.40
N LYS A 172 -35.18 -5.53 40.60
CA LYS A 172 -35.23 -4.11 40.92
C LYS A 172 -36.67 -3.62 40.94
N PHE A 173 -36.89 -2.54 41.69
CA PHE A 173 -38.14 -1.80 41.59
C PHE A 173 -37.89 -0.32 41.87
N VAL A 174 -38.83 0.53 41.49
CA VAL A 174 -38.66 1.95 41.70
C VAL A 174 -39.78 2.47 42.60
N THR A 175 -39.45 3.43 43.47
CA THR A 175 -40.43 4.04 44.36
C THR A 175 -40.47 5.55 44.23
N GLY A 176 -41.64 6.12 44.53
CA GLY A 176 -41.80 7.56 44.53
C GLY A 176 -42.44 8.02 45.81
N GLY A 177 -41.83 9.00 46.46
CA GLY A 177 -42.26 9.40 47.78
C GLY A 177 -42.65 10.86 47.94
N ALA A 178 -43.34 11.14 49.03
CA ALA A 178 -43.71 12.49 49.42
C ALA A 178 -42.50 13.36 49.78
N ASP A 179 -41.29 12.83 49.59
CA ASP A 179 -40.07 13.60 49.83
C ASP A 179 -39.52 14.13 48.51
N ASN A 180 -40.34 14.05 47.47
CA ASN A 180 -39.96 14.53 46.14
C ASN A 180 -38.94 13.64 45.41
N LEU A 181 -38.51 12.54 46.05
CA LEU A 181 -37.47 11.70 45.45
C LEU A 181 -37.99 10.47 44.70
N VAL A 182 -37.16 9.98 43.79
CA VAL A 182 -37.36 8.70 43.12
C VAL A 182 -36.17 7.82 43.46
N LYS A 183 -36.42 6.57 43.82
CA LYS A 183 -35.34 5.66 44.21
C LYS A 183 -35.44 4.28 43.57
N ILE A 184 -34.29 3.74 43.17
CA ILE A 184 -34.24 2.39 42.63
C ILE A 184 -33.74 1.42 43.70
N TRP A 185 -34.39 0.26 43.77
CA TRP A 185 -34.04 -0.75 44.76
C TRP A 185 -33.62 -2.06 44.10
N LYS A 186 -32.63 -2.73 44.69
CA LYS A 186 -32.12 -3.99 44.15
C LYS A 186 -31.91 -5.03 45.27
N TYR A 187 -32.45 -6.22 45.07
CA TYR A 187 -32.34 -7.26 46.07
C TYR A 187 -30.88 -7.67 46.21
N ASN A 188 -30.49 -7.97 47.44
CA ASN A 188 -29.13 -8.37 47.74
C ASN A 188 -29.14 -9.63 48.63
N SER A 189 -28.68 -10.75 48.08
CA SER A 189 -28.74 -12.01 48.82
C SER A 189 -27.95 -11.94 50.12
N ASP A 190 -26.84 -11.20 50.11
CA ASP A 190 -26.02 -11.06 51.30
C ASP A 190 -26.73 -10.28 52.41
N ALA A 191 -27.46 -9.24 52.02
CA ALA A 191 -28.19 -8.42 52.98
C ALA A 191 -29.58 -8.99 53.24
N GLN A 192 -29.99 -9.94 52.40
CA GLN A 192 -31.28 -10.61 52.55
C GLN A 192 -32.46 -9.64 52.43
N THR A 193 -32.25 -8.53 51.75
CA THR A 193 -33.30 -7.55 51.57
C THR A 193 -33.02 -6.69 50.34
N TYR A 194 -33.90 -5.73 50.07
CA TYR A 194 -33.69 -4.78 49.00
C TYR A 194 -32.86 -3.61 49.50
N VAL A 195 -31.85 -3.20 48.74
CA VAL A 195 -31.00 -2.08 49.16
C VAL A 195 -31.05 -0.99 48.12
N LEU A 196 -30.74 0.22 48.56
CA LEU A 196 -30.82 1.40 47.71
C LEU A 196 -29.71 1.39 46.67
N GLU A 197 -30.09 1.39 45.39
CA GLU A 197 -29.12 1.47 44.32
C GLU A 197 -28.87 2.95 43.97
N SER A 198 -29.94 3.67 43.66
CA SER A 198 -29.81 5.09 43.28
C SER A 198 -30.91 5.99 43.83
N THR A 199 -30.56 7.26 44.03
CA THR A 199 -31.54 8.27 44.40
C THR A 199 -31.62 9.31 43.30
N LEU A 200 -32.76 9.37 42.60
CA LEU A 200 -32.92 10.29 41.48
C LEU A 200 -33.67 11.56 41.90
N GLU A 201 -32.96 12.69 41.89
CA GLU A 201 -33.54 13.97 42.27
C GLU A 201 -33.92 14.75 41.03
N GLY A 202 -35.07 15.44 41.08
CA GLY A 202 -35.54 16.13 39.91
C GLY A 202 -36.85 16.86 40.12
N HIS A 203 -37.75 16.26 40.89
CA HIS A 203 -39.02 16.90 41.16
C HIS A 203 -38.91 17.89 42.32
N SER A 204 -39.83 18.85 42.36
CA SER A 204 -39.84 19.87 43.40
C SER A 204 -41.07 19.75 44.31
N ASP A 205 -41.71 18.59 44.28
CA ASP A 205 -42.89 18.34 45.11
C ASP A 205 -43.21 16.84 45.04
N TRP A 206 -44.13 16.37 45.88
CA TRP A 206 -44.45 14.95 45.95
C TRP A 206 -44.42 14.26 44.58
N VAL A 207 -43.94 13.02 44.57
CA VAL A 207 -44.02 12.17 43.41
C VAL A 207 -45.25 11.29 43.54
N ARG A 208 -46.20 11.40 42.62
CA ARG A 208 -47.46 10.66 42.74
C ARG A 208 -47.42 9.26 42.11
N ASP A 209 -46.52 9.05 41.17
CA ASP A 209 -46.45 7.75 40.52
C ASP A 209 -45.10 7.55 39.83
N VAL A 210 -44.71 6.29 39.68
CA VAL A 210 -43.53 5.94 38.91
C VAL A 210 -43.85 4.67 38.17
N ALA A 211 -43.44 4.60 36.92
CA ALA A 211 -43.72 3.44 36.09
C ALA A 211 -42.48 3.08 35.32
N TRP A 212 -42.02 1.85 35.52
CA TRP A 212 -40.84 1.31 34.87
C TRP A 212 -41.28 0.65 33.57
N SER A 213 -40.79 1.12 32.43
CA SER A 213 -41.21 0.56 31.16
C SER A 213 -40.89 -0.92 31.04
N PRO A 214 -41.85 -1.72 30.58
CA PRO A 214 -41.61 -3.13 30.27
C PRO A 214 -40.86 -3.33 28.96
N THR A 215 -40.27 -2.27 28.41
CA THR A 215 -39.56 -2.38 27.14
C THR A 215 -38.58 -3.54 27.08
N VAL A 216 -38.65 -4.29 25.99
CA VAL A 216 -37.76 -5.40 25.74
C VAL A 216 -36.38 -4.95 25.22
N LEU A 217 -36.26 -3.65 24.94
CA LEU A 217 -34.99 -3.06 24.53
C LEU A 217 -34.00 -2.96 25.69
N LEU A 218 -32.74 -2.73 25.37
CA LEU A 218 -31.66 -2.74 26.37
C LEU A 218 -31.73 -1.54 27.30
N ARG A 219 -31.82 -0.36 26.73
CA ARG A 219 -31.96 0.84 27.55
C ARG A 219 -33.16 0.73 28.48
N SER A 220 -33.04 1.31 29.67
CA SER A 220 -34.13 1.33 30.64
C SER A 220 -34.86 2.68 30.68
N TYR A 221 -36.18 2.61 30.80
CA TYR A 221 -37.03 3.78 30.81
C TYR A 221 -37.91 3.82 32.07
N LEU A 222 -37.86 4.94 32.80
CA LEU A 222 -38.79 5.21 33.90
C LEU A 222 -39.53 6.51 33.62
N ALA A 223 -40.82 6.53 33.95
CA ALA A 223 -41.57 7.77 33.95
C ALA A 223 -41.99 8.10 35.37
N SER A 224 -41.57 9.27 35.87
CA SER A 224 -42.03 9.73 37.18
C SER A 224 -42.97 10.91 37.02
N VAL A 225 -43.94 11.02 37.89
CA VAL A 225 -44.97 12.04 37.73
C VAL A 225 -45.27 12.74 39.06
N SER A 226 -45.28 14.07 39.05
CA SER A 226 -45.32 14.82 40.31
C SER A 226 -46.38 15.93 40.43
N GLN A 227 -46.55 16.43 41.65
CA GLN A 227 -47.45 17.54 41.93
C GLN A 227 -46.82 18.84 41.51
N ASP A 228 -45.54 18.79 41.15
CA ASP A 228 -44.84 19.96 40.63
C ASP A 228 -45.31 20.23 39.20
N ARG A 229 -46.25 19.40 38.74
CA ARG A 229 -46.87 19.53 37.43
C ARG A 229 -45.95 19.13 36.29
N THR A 230 -44.97 18.26 36.55
CA THR A 230 -44.04 17.84 35.50
C THR A 230 -43.97 16.32 35.38
N CYS A 231 -43.53 15.84 34.22
CA CYS A 231 -43.24 14.43 34.06
C CYS A 231 -41.79 14.24 33.66
N ILE A 232 -41.04 13.50 34.46
CA ILE A 232 -39.65 13.23 34.16
C ILE A 232 -39.49 11.85 33.58
N ILE A 233 -38.82 11.77 32.43
CA ILE A 233 -38.44 10.49 31.83
C ILE A 233 -36.98 10.15 32.14
N TRP A 234 -36.76 9.07 32.88
CA TRP A 234 -35.41 8.63 33.25
C TRP A 234 -34.94 7.48 32.39
N THR A 235 -33.75 7.60 31.83
CA THR A 235 -33.21 6.51 31.02
C THR A 235 -31.88 6.03 31.59
N GLN A 236 -31.51 4.81 31.23
CA GLN A 236 -30.26 4.23 31.67
C GLN A 236 -29.73 3.36 30.56
N ASP A 237 -28.59 3.76 29.99
CA ASP A 237 -28.03 3.05 28.85
C ASP A 237 -27.55 1.66 29.25
N ASN A 238 -27.11 1.53 30.50
CA ASN A 238 -26.46 0.31 30.96
C ASN A 238 -26.88 -0.03 32.37
N GLU A 239 -27.19 -1.31 32.61
CA GLU A 239 -27.65 -1.78 33.91
C GLU A 239 -26.83 -1.25 35.08
N GLN A 240 -25.57 -0.91 34.80
CA GLN A 240 -24.66 -0.50 35.86
C GLN A 240 -24.29 0.99 35.79
N GLY A 241 -24.84 1.69 34.81
CA GLY A 241 -24.50 3.09 34.59
C GLY A 241 -25.49 4.08 35.19
N PRO A 242 -25.22 5.37 34.99
CA PRO A 242 -26.01 6.51 35.50
C PRO A 242 -27.40 6.60 34.87
N TRP A 243 -28.24 7.45 35.45
CA TRP A 243 -29.57 7.69 34.94
C TRP A 243 -29.65 9.07 34.32
N LYS A 244 -30.09 9.12 33.08
CA LYS A 244 -30.29 10.39 32.40
C LYS A 244 -31.68 10.88 32.74
N LYS A 245 -31.81 12.19 32.91
CA LYS A 245 -33.08 12.79 33.26
C LYS A 245 -33.54 13.73 32.15
N THR A 246 -34.82 13.64 31.79
CA THR A 246 -35.38 14.47 30.72
C THR A 246 -36.83 14.85 31.03
N LEU A 247 -37.16 16.12 30.83
CA LEU A 247 -38.55 16.55 30.92
C LEU A 247 -39.34 16.04 29.73
N LEU A 248 -40.51 15.45 29.98
CA LEU A 248 -41.37 14.98 28.90
C LEU A 248 -41.61 16.11 27.91
N LYS A 249 -41.98 17.27 28.44
CA LYS A 249 -42.07 18.49 27.67
C LYS A 249 -41.54 19.63 28.52
N GLU A 250 -41.09 20.70 27.87
CA GLU A 250 -40.35 21.76 28.54
C GLU A 250 -41.17 22.59 29.55
N GLU A 251 -42.48 22.67 29.34
CA GLU A 251 -43.32 23.53 30.18
C GLU A 251 -44.23 22.78 31.16
N LYS A 252 -44.44 23.35 32.34
CA LYS A 252 -45.30 22.73 33.34
C LYS A 252 -46.61 22.31 32.71
N PHE A 253 -47.21 21.26 33.22
CA PHE A 253 -48.57 20.89 32.84
C PHE A 253 -49.57 21.80 33.54
N PRO A 254 -50.83 21.78 33.10
CA PRO A 254 -51.82 22.73 33.63
C PRO A 254 -52.11 22.46 35.10
N ASP A 255 -52.22 21.19 35.45
CA ASP A 255 -52.55 20.79 36.82
C ASP A 255 -51.55 19.76 37.29
N VAL A 256 -51.89 19.09 38.39
CA VAL A 256 -51.02 18.09 38.98
C VAL A 256 -51.09 16.82 38.16
N LEU A 257 -50.02 16.04 38.16
CA LEU A 257 -50.02 14.75 37.47
C LEU A 257 -50.21 13.62 38.48
N TRP A 258 -51.01 12.64 38.10
CA TRP A 258 -51.51 11.66 39.04
C TRP A 258 -51.00 10.24 38.76
N ARG A 259 -51.24 9.74 37.56
CA ARG A 259 -50.79 8.40 37.19
C ARG A 259 -49.97 8.42 35.90
N ALA A 260 -49.13 7.40 35.74
CA ALA A 260 -48.37 7.19 34.51
C ALA A 260 -48.32 5.69 34.21
N SER A 261 -48.59 5.32 32.96
CA SER A 261 -48.65 3.92 32.61
C SER A 261 -48.11 3.66 31.20
N TRP A 262 -47.18 2.70 31.07
CA TRP A 262 -46.59 2.34 29.78
C TRP A 262 -47.41 1.27 29.08
N SER A 263 -47.52 1.38 27.77
CA SER A 263 -48.13 0.34 26.97
C SER A 263 -47.28 -0.90 27.10
N LEU A 264 -47.80 -2.05 26.66
CA LEU A 264 -47.08 -3.31 26.82
C LEU A 264 -45.78 -3.36 26.03
N SER A 265 -45.77 -2.77 24.84
CA SER A 265 -44.55 -2.80 24.03
C SER A 265 -43.54 -1.79 24.55
N GLY A 266 -43.99 -0.87 25.39
CA GLY A 266 -43.09 -0.03 26.16
C GLY A 266 -42.72 1.28 25.51
N ASN A 267 -43.34 1.57 24.37
CA ASN A 267 -43.02 2.78 23.62
C ASN A 267 -43.99 3.93 23.86
N VAL A 268 -45.23 3.60 24.23
CA VAL A 268 -46.23 4.64 24.47
C VAL A 268 -46.47 4.91 25.95
N LEU A 269 -46.47 6.20 26.31
CA LEU A 269 -46.70 6.64 27.68
C LEU A 269 -48.03 7.40 27.84
N ALA A 270 -48.90 6.93 28.75
CA ALA A 270 -50.19 7.58 28.99
C ALA A 270 -50.22 8.30 30.34
N LEU A 271 -50.39 9.62 30.32
CA LEU A 271 -50.42 10.41 31.54
C LEU A 271 -51.83 10.79 31.98
N SER A 272 -52.13 10.54 33.25
CA SER A 272 -53.39 10.97 33.86
C SER A 272 -53.18 12.24 34.68
N GLY A 273 -53.89 13.31 34.34
CA GLY A 273 -53.65 14.60 34.97
C GLY A 273 -54.82 15.20 35.72
N GLY A 274 -54.55 16.30 36.41
CA GLY A 274 -55.55 17.01 37.18
C GLY A 274 -56.48 17.84 36.31
N ASP A 275 -56.04 18.19 35.12
CA ASP A 275 -56.92 18.89 34.17
C ASP A 275 -57.99 17.93 33.65
N ASN A 276 -58.01 16.72 34.21
CA ASN A 276 -58.96 15.68 33.81
C ASN A 276 -58.86 15.32 32.34
N LYS A 277 -57.65 15.00 31.93
CA LYS A 277 -57.35 14.57 30.58
C LYS A 277 -56.24 13.54 30.63
N VAL A 278 -56.31 12.56 29.74
CA VAL A 278 -55.26 11.55 29.58
C VAL A 278 -54.49 11.85 28.31
N THR A 279 -53.17 12.02 28.41
CA THR A 279 -52.38 12.29 27.22
C THR A 279 -51.40 11.17 26.87
N LEU A 280 -51.36 10.82 25.60
CA LEU A 280 -50.44 9.79 25.12
C LEU A 280 -49.20 10.43 24.51
N TRP A 281 -48.05 9.79 24.71
CA TRP A 281 -46.79 10.33 24.22
C TRP A 281 -45.89 9.24 23.69
N LYS A 282 -45.05 9.59 22.73
CA LYS A 282 -44.03 8.68 22.24
C LYS A 282 -42.90 9.45 21.57
N GLU A 283 -41.79 8.76 21.36
CA GLU A 283 -40.58 9.40 20.85
C GLU A 283 -40.61 9.59 19.34
N ASN A 284 -40.10 10.73 18.89
CA ASN A 284 -39.84 10.97 17.48
C ASN A 284 -38.42 10.50 17.15
N LEU A 285 -38.01 10.61 15.88
CA LEU A 285 -36.67 10.18 15.46
C LEU A 285 -35.53 10.72 16.31
N GLU A 286 -35.66 11.96 16.75
CA GLU A 286 -34.60 12.61 17.50
C GLU A 286 -34.68 12.27 18.99
N GLY A 287 -35.71 11.51 19.37
CA GLY A 287 -35.87 11.08 20.75
C GLY A 287 -36.64 12.05 21.62
N LYS A 288 -37.24 13.07 21.00
CA LYS A 288 -38.08 14.01 21.72
C LYS A 288 -39.50 13.46 21.83
N TRP A 289 -40.13 13.68 22.97
CA TRP A 289 -41.48 13.16 23.20
C TRP A 289 -42.54 14.05 22.58
N GLU A 290 -43.49 13.43 21.89
CA GLU A 290 -44.53 14.16 21.18
C GLU A 290 -45.88 13.46 21.27
N PRO A 291 -46.96 14.24 21.22
CA PRO A 291 -48.33 13.70 21.32
C PRO A 291 -48.55 12.48 20.45
N ALA A 292 -49.17 11.45 21.01
CA ALA A 292 -49.46 10.22 20.27
C ALA A 292 -50.94 9.89 20.34
N GLY A 293 -51.74 10.89 20.70
CA GLY A 293 -53.17 10.72 20.85
C GLY A 293 -53.66 11.28 22.17
N GLU A 294 -54.97 11.40 22.30
CA GLU A 294 -55.53 11.92 23.54
C GLU A 294 -56.89 11.32 23.85
N VAL A 295 -57.27 11.46 25.13
CA VAL A 295 -58.60 11.10 25.61
C VAL A 295 -58.99 12.18 26.63
N HIS A 296 -59.88 13.07 26.24
CA HIS A 296 -60.25 14.22 27.08
C HIS A 296 -61.73 14.26 27.41
N GLN A 297 -62.48 13.33 26.83
CA GLN A 297 -63.93 13.24 27.01
C GLN A 297 -64.40 13.83 28.33
N LEU B 9 -57.57 16.65 47.46
CA LEU B 9 -57.08 16.09 46.21
C LEU B 9 -57.35 14.61 46.17
N LEU B 10 -57.42 13.99 47.33
CA LEU B 10 -57.75 12.59 47.36
C LEU B 10 -59.25 12.54 47.44
N ARG B 11 -59.89 13.71 47.47
CA ARG B 11 -61.34 13.78 47.57
C ARG B 11 -61.87 14.28 46.23
N ARG B 12 -61.05 14.04 45.22
CA ARG B 12 -61.25 14.56 43.88
C ARG B 12 -61.27 13.38 42.92
N GLN B 13 -62.11 13.46 41.88
CA GLN B 13 -62.19 12.40 40.89
C GLN B 13 -61.12 12.63 39.81
N PHE B 14 -60.25 11.63 39.61
CA PHE B 14 -59.17 11.71 38.62
C PHE B 14 -59.36 10.79 37.42
N PRO B 15 -58.69 11.09 36.30
CA PRO B 15 -58.79 10.20 35.15
C PRO B 15 -58.24 8.81 35.47
N ILE B 16 -58.58 7.83 34.66
CA ILE B 16 -58.02 6.49 34.80
C ILE B 16 -57.72 5.96 33.41
N PHE B 17 -56.58 5.28 33.25
CA PHE B 17 -56.20 4.68 31.98
C PHE B 17 -55.30 3.46 32.16
N HIS B 18 -55.64 2.35 31.52
CA HIS B 18 -54.83 1.15 31.62
C HIS B 18 -54.82 0.33 30.34
N TRP B 19 -53.65 -0.19 30.01
CA TRP B 19 -53.51 -1.08 28.88
C TRP B 19 -53.82 -2.50 29.32
N SER B 20 -54.27 -3.31 28.38
CA SER B 20 -54.52 -4.71 28.65
C SER B 20 -53.73 -5.57 27.66
N ALA B 21 -53.40 -6.79 28.08
CA ALA B 21 -52.75 -7.72 27.17
C ALA B 21 -53.68 -8.20 26.04
N ALA B 22 -54.97 -7.86 26.13
CA ALA B 22 -55.95 -8.31 25.13
C ALA B 22 -56.29 -7.25 24.09
N ASN B 23 -55.36 -6.33 23.83
CA ASN B 23 -55.57 -5.27 22.86
C ASN B 23 -56.84 -4.47 23.16
N LYS B 24 -57.15 -4.37 24.44
CA LYS B 24 -58.24 -3.51 24.89
C LYS B 24 -57.65 -2.44 25.80
N VAL B 25 -58.41 -1.38 26.03
CA VAL B 25 -57.98 -0.35 26.95
C VAL B 25 -59.15 0.02 27.85
N VAL B 26 -58.85 0.47 29.07
CA VAL B 26 -59.86 0.98 29.98
C VAL B 26 -59.51 2.40 30.36
N TYR B 27 -60.47 3.30 30.29
CA TYR B 27 -60.23 4.66 30.77
C TYR B 27 -61.47 5.28 31.38
N ALA B 28 -61.25 6.34 32.15
CA ALA B 28 -62.33 7.15 32.70
C ALA B 28 -61.87 8.59 32.70
N VAL B 29 -62.73 9.46 32.20
CA VAL B 29 -62.37 10.87 32.12
C VAL B 29 -63.48 11.68 32.78
N PRO B 30 -63.15 12.32 33.91
CA PRO B 30 -64.12 13.12 34.66
C PRO B 30 -64.73 14.20 33.77
N PRO B 31 -66.01 14.53 33.99
CA PRO B 31 -66.78 15.38 33.07
C PRO B 31 -66.53 16.87 33.31
N ILE B 32 -66.68 17.65 32.24
CA ILE B 32 -66.43 19.09 32.29
C ILE B 32 -67.52 19.81 33.09
N VAL B 45 -71.61 10.14 39.43
CA VAL B 45 -71.95 9.46 38.19
C VAL B 45 -70.82 9.58 37.17
N GLN B 46 -69.82 8.70 37.29
CA GLN B 46 -68.65 8.72 36.43
C GLN B 46 -68.51 7.45 35.59
N GLU B 47 -68.38 7.61 34.27
CA GLU B 47 -68.40 6.47 33.36
C GLU B 47 -67.05 5.81 33.11
N ILE B 48 -67.05 4.49 33.13
CA ILE B 48 -65.87 3.71 32.78
C ILE B 48 -66.07 3.09 31.39
N LYS B 49 -65.07 3.21 30.52
CA LYS B 49 -65.17 2.69 29.17
C LYS B 49 -64.07 1.70 28.83
N VAL B 50 -64.45 0.69 28.04
CA VAL B 50 -63.51 -0.32 27.59
C VAL B 50 -63.61 -0.45 26.09
N THR B 51 -62.57 0.01 25.40
CA THR B 51 -62.55 -0.01 23.95
C THR B 51 -61.27 -0.62 23.41
N PRO B 52 -61.34 -1.21 22.22
CA PRO B 52 -60.14 -1.76 21.58
C PRO B 52 -59.09 -0.66 21.45
N ILE B 53 -57.84 -1.09 21.39
CA ILE B 53 -56.73 -0.16 21.47
C ILE B 53 -56.70 0.80 20.27
N ASP B 54 -57.12 0.31 19.10
CA ASP B 54 -57.05 1.11 17.87
C ASP B 54 -58.06 2.24 17.71
N GLN B 55 -58.99 2.39 18.65
CA GLN B 55 -59.86 3.58 18.67
C GLN B 55 -59.14 4.68 19.42
N ILE B 56 -57.88 4.44 19.75
CA ILE B 56 -57.08 5.38 20.52
C ILE B 56 -55.69 5.51 19.90
N ILE B 57 -55.15 4.38 19.50
CA ILE B 57 -53.90 4.34 18.77
C ILE B 57 -54.18 4.04 17.30
N LYS B 58 -54.18 5.07 16.47
CA LYS B 58 -54.37 4.90 15.03
C LYS B 58 -53.23 4.08 14.48
N PRO B 59 -53.52 2.85 14.04
CA PRO B 59 -52.50 1.92 13.52
C PRO B 59 -51.82 2.43 12.24
N ASN B 60 -50.66 1.87 11.92
CA ASN B 60 -49.92 2.24 10.71
C ASN B 60 -49.98 1.17 9.64
N ASP B 61 -50.36 1.54 8.43
CA ASP B 61 -50.32 0.61 7.31
C ASP B 61 -48.87 0.20 7.07
N MET B 62 -47.95 1.02 7.56
CA MET B 62 -46.52 0.79 7.38
C MET B 62 -46.09 -0.58 7.92
N LEU B 63 -46.22 -0.76 9.23
CA LEU B 63 -45.87 -2.04 9.85
C LEU B 63 -46.66 -3.22 9.29
N LYS B 64 -47.90 -2.97 8.89
CA LYS B 64 -48.78 -4.03 8.40
C LYS B 64 -48.39 -4.53 7.01
N SER B 65 -47.88 -3.63 6.18
CA SER B 65 -47.58 -3.95 4.79
C SER B 65 -46.16 -4.49 4.59
N PHE B 66 -45.27 -4.14 5.52
CA PHE B 66 -43.87 -4.57 5.44
C PHE B 66 -43.78 -6.07 5.21
N PRO B 67 -42.98 -6.47 4.20
CA PRO B 67 -42.82 -7.86 3.76
C PRO B 67 -42.19 -8.77 4.80
N GLY B 68 -42.97 -9.22 5.78
CA GLY B 68 -42.52 -10.14 6.80
C GLY B 68 -41.11 -9.87 7.30
N PRO B 69 -40.49 -10.87 7.93
CA PRO B 69 -39.08 -10.75 8.36
C PRO B 69 -38.14 -10.87 7.17
N LEU B 70 -37.39 -9.81 6.88
CA LEU B 70 -36.37 -9.90 5.84
C LEU B 70 -35.30 -10.86 6.31
N GLY B 71 -34.55 -11.44 5.37
CA GLY B 71 -33.53 -12.40 5.75
C GLY B 71 -34.13 -13.78 5.92
N SER B 72 -35.36 -13.82 6.42
CA SER B 72 -36.15 -15.04 6.33
C SER B 72 -36.15 -15.34 4.85
N ALA B 73 -35.74 -16.55 4.48
CA ALA B 73 -35.44 -16.83 3.08
C ALA B 73 -36.67 -17.14 2.23
N LYS B 74 -37.85 -17.14 2.84
CA LYS B 74 -39.08 -17.23 2.08
C LYS B 74 -39.29 -15.87 1.42
N LEU B 75 -38.29 -15.03 1.57
CA LEU B 75 -38.33 -13.65 1.12
C LEU B 75 -37.89 -13.53 -0.33
N LYS B 76 -38.63 -12.73 -1.10
CA LYS B 76 -38.23 -12.37 -2.44
C LYS B 76 -37.91 -10.88 -2.46
N LYS B 77 -36.72 -10.55 -2.94
CA LYS B 77 -36.28 -9.16 -3.01
C LYS B 77 -37.27 -8.30 -3.79
N LYS B 78 -38.23 -8.95 -4.44
CA LYS B 78 -39.29 -8.26 -5.18
C LYS B 78 -40.15 -7.43 -4.24
N ASP B 79 -40.93 -8.14 -3.44
CA ASP B 79 -41.88 -7.53 -2.53
C ASP B 79 -41.27 -6.32 -1.83
N LEU B 80 -40.01 -6.44 -1.45
CA LEU B 80 -39.36 -5.38 -0.69
C LEU B 80 -39.12 -4.13 -1.52
N THR B 81 -38.48 -4.29 -2.68
CA THR B 81 -38.20 -3.16 -3.55
C THR B 81 -39.47 -2.40 -3.92
N LYS B 82 -40.54 -3.15 -4.19
CA LYS B 82 -41.83 -2.55 -4.51
C LYS B 82 -42.43 -1.87 -3.30
N TRP B 83 -42.32 -2.52 -2.14
CA TRP B 83 -42.86 -1.98 -0.90
C TRP B 83 -42.24 -0.64 -0.55
N MET B 84 -40.93 -0.50 -0.79
CA MET B 84 -40.25 0.76 -0.55
C MET B 84 -40.76 1.86 -1.48
N GLU B 85 -40.91 1.54 -2.76
CA GLU B 85 -41.50 2.48 -3.71
C GLU B 85 -42.83 2.99 -3.17
N THR B 86 -43.75 2.05 -2.94
CA THR B 86 -45.08 2.36 -2.46
C THR B 86 -45.04 3.26 -1.23
N THR B 87 -44.36 2.78 -0.19
CA THR B 87 -44.29 3.48 1.07
C THR B 87 -43.76 4.90 0.90
N ILE B 88 -42.62 5.01 0.20
CA ILE B 88 -41.99 6.30 -0.03
C ILE B 88 -42.91 7.26 -0.77
N LYS B 89 -43.65 6.75 -1.74
CA LYS B 89 -44.61 7.57 -2.47
C LYS B 89 -45.68 8.09 -1.51
N SER B 90 -46.41 7.17 -0.90
CA SER B 90 -47.50 7.53 0.01
C SER B 90 -47.04 8.49 1.10
N ILE B 91 -45.87 8.23 1.68
CA ILE B 91 -45.35 9.04 2.77
C ILE B 91 -45.11 10.49 2.37
N SER B 92 -44.32 10.68 1.33
CA SER B 92 -43.97 12.01 0.87
C SER B 92 -45.20 12.73 0.32
N GLU B 93 -46.04 12.00 -0.39
CA GLU B 93 -47.22 12.59 -0.99
C GLU B 93 -48.16 13.10 0.10
N ASN B 94 -48.40 12.26 1.10
CA ASN B 94 -49.32 12.61 2.19
C ASN B 94 -48.72 13.60 3.18
N GLU B 95 -47.39 13.66 3.22
CA GLU B 95 -46.69 14.57 4.12
C GLU B 95 -45.42 15.11 3.48
N SER B 96 -45.59 16.14 2.65
CA SER B 96 -44.49 16.69 1.86
C SER B 96 -43.26 17.09 2.68
N SER B 97 -43.49 17.54 3.91
CA SER B 97 -42.42 18.07 4.76
C SER B 97 -41.42 17.01 5.25
N THR B 98 -41.83 15.76 5.24
CA THR B 98 -40.98 14.67 5.72
C THR B 98 -39.69 14.50 4.92
N ASP B 99 -38.56 14.57 5.61
CA ASP B 99 -37.25 14.38 4.99
C ASP B 99 -37.06 12.93 4.57
N MET B 100 -36.90 12.70 3.27
CA MET B 100 -36.89 11.35 2.72
C MET B 100 -35.49 10.85 2.38
N THR B 101 -34.47 11.61 2.77
CA THR B 101 -33.09 11.23 2.50
C THR B 101 -32.79 9.77 2.85
N ILE B 102 -32.98 9.41 4.11
CA ILE B 102 -32.69 8.06 4.59
C ILE B 102 -33.51 7.00 3.88
N TRP B 103 -34.80 7.28 3.69
CA TRP B 103 -35.66 6.38 2.94
C TRP B 103 -35.02 6.07 1.58
N GLN B 104 -34.72 7.12 0.82
CA GLN B 104 -34.25 6.98 -0.54
C GLN B 104 -32.83 6.44 -0.61
N LEU B 105 -32.02 6.75 0.40
CA LEU B 105 -30.66 6.24 0.47
C LEU B 105 -30.67 4.73 0.60
N LEU B 106 -31.47 4.23 1.54
CA LEU B 106 -31.61 2.80 1.75
C LEU B 106 -32.17 2.09 0.52
N GLU B 107 -33.08 2.77 -0.19
CA GLU B 107 -33.64 2.21 -1.41
C GLU B 107 -32.57 2.00 -2.47
N MET B 108 -31.73 3.02 -2.68
CA MET B 108 -30.61 2.90 -3.61
C MET B 108 -29.73 1.70 -3.29
N LYS B 109 -29.24 1.66 -2.06
CA LYS B 109 -28.30 0.62 -1.65
C LYS B 109 -28.94 -0.76 -1.78
N LEU B 110 -30.26 -0.78 -1.72
CA LEU B 110 -30.99 -2.03 -1.86
C LEU B 110 -30.99 -2.50 -3.31
N ASN B 111 -30.78 -1.56 -4.24
CA ASN B 111 -30.94 -1.83 -5.66
C ASN B 111 -29.64 -2.16 -6.40
N ASP B 112 -28.53 -1.75 -5.82
CA ASP B 112 -27.26 -1.68 -6.53
C ASP B 112 -27.37 -0.67 -7.67
N LYS B 113 -28.44 0.13 -7.63
CA LYS B 113 -28.60 1.27 -8.51
C LYS B 113 -27.98 2.49 -7.84
N VAL B 114 -26.82 2.27 -7.23
CA VAL B 114 -26.17 3.28 -6.41
C VAL B 114 -24.78 3.68 -6.93
N ASN B 115 -24.64 4.95 -7.26
CA ASN B 115 -23.35 5.55 -7.61
C ASN B 115 -23.12 6.77 -6.72
N TRP B 116 -21.87 7.07 -6.42
CA TRP B 116 -21.55 8.25 -5.62
C TRP B 116 -22.18 9.51 -6.22
N LYS B 117 -22.33 9.53 -7.54
CA LYS B 117 -23.01 10.63 -8.21
C LYS B 117 -24.45 10.67 -7.74
N ASN B 118 -25.12 9.52 -7.81
CA ASN B 118 -26.52 9.43 -7.42
C ASN B 118 -26.74 9.79 -5.96
N ILE B 119 -25.90 9.26 -5.08
CA ILE B 119 -26.00 9.56 -3.67
C ILE B 119 -25.75 11.05 -3.42
N SER B 120 -24.77 11.61 -4.12
CA SER B 120 -24.46 13.02 -4.01
C SER B 120 -25.66 13.88 -4.38
N LYS B 121 -26.30 13.57 -5.50
CA LYS B 121 -27.43 14.34 -5.99
C LYS B 121 -28.64 14.22 -5.08
N LEU B 122 -28.73 13.09 -4.38
CA LEU B 122 -29.80 12.87 -3.43
C LEU B 122 -29.68 13.82 -2.25
N LEU B 123 -28.47 13.92 -1.68
CA LEU B 123 -28.21 14.85 -0.59
C LEU B 123 -28.47 16.29 -1.01
N TYR B 124 -28.01 16.65 -2.19
CA TYR B 124 -28.04 18.04 -2.62
C TYR B 124 -28.19 18.16 -4.12
N ASN B 125 -29.28 18.80 -4.56
CA ASN B 125 -29.49 19.04 -5.97
C ASN B 125 -28.53 20.08 -6.49
N SER B 126 -27.61 19.66 -7.35
CA SER B 126 -26.56 20.55 -7.84
C SER B 126 -26.99 21.32 -9.09
N ASP B 127 -28.18 21.00 -9.60
CA ASP B 127 -28.69 21.62 -10.81
C ASP B 127 -28.85 23.14 -10.68
N GLU B 128 -29.10 23.60 -9.45
CA GLU B 128 -29.19 25.02 -9.18
C GLU B 128 -27.90 25.72 -9.59
N LEU B 129 -26.77 25.04 -9.33
CA LEU B 129 -25.44 25.58 -9.61
C LEU B 129 -25.08 25.59 -11.09
N LEU B 130 -25.60 24.63 -11.85
CA LEU B 130 -25.32 24.55 -13.28
C LEU B 130 -25.81 25.80 -14.00
N MET B 131 -26.91 26.36 -13.51
CA MET B 131 -27.44 27.61 -14.05
C MET B 131 -26.39 28.70 -13.90
N TYR B 132 -25.89 28.83 -12.68
CA TYR B 132 -24.87 29.82 -12.35
C TYR B 132 -23.63 29.69 -13.21
N LEU B 133 -23.21 28.46 -13.49
CA LEU B 133 -21.98 28.22 -14.23
C LEU B 133 -22.13 28.50 -15.73
N SER B 134 -23.36 28.46 -16.22
CA SER B 134 -23.63 28.74 -17.63
C SER B 134 -23.55 30.25 -17.90
N GLN B 135 -23.90 31.04 -16.90
CA GLN B 135 -23.82 32.50 -17.03
C GLN B 135 -22.44 32.91 -17.49
N PRO B 136 -22.38 33.74 -18.54
CA PRO B 136 -21.12 34.18 -19.16
C PRO B 136 -20.12 34.67 -18.14
N PHE B 137 -18.85 34.32 -18.32
CA PHE B 137 -17.82 34.73 -17.38
C PHE B 137 -16.66 35.45 -18.05
N PRO B 138 -16.19 36.54 -17.41
CA PRO B 138 -15.05 37.33 -17.87
C PRO B 138 -13.77 36.51 -17.98
N ASN B 139 -13.23 36.39 -19.18
CA ASN B 139 -11.96 35.70 -19.38
C ASN B 139 -10.84 36.68 -19.72
N GLY B 140 -10.94 37.89 -19.17
CA GLY B 140 -10.00 38.94 -19.47
C GLY B 140 -8.76 38.95 -18.59
N ASP B 141 -7.93 39.98 -18.80
CA ASP B 141 -6.70 40.15 -18.02
C ASP B 141 -7.00 40.40 -16.55
N MET B 142 -5.95 40.75 -15.80
CA MET B 142 -6.06 40.98 -14.36
C MET B 142 -4.80 41.66 -13.88
N ILE B 143 -4.93 42.51 -12.86
CA ILE B 143 -3.76 43.14 -12.25
C ILE B 143 -3.08 42.14 -11.32
N PRO B 144 -1.74 42.23 -11.16
CA PRO B 144 -1.14 41.32 -10.18
C PRO B 144 -1.73 41.59 -8.80
N ASN B 145 -2.21 40.53 -8.14
CA ASN B 145 -2.82 40.67 -6.83
C ASN B 145 -2.31 39.61 -5.86
N ALA B 146 -1.34 38.82 -6.32
CA ALA B 146 -0.74 37.79 -5.49
C ALA B 146 0.77 37.94 -5.50
N TYR B 147 1.46 37.04 -4.82
CA TYR B 147 2.91 37.11 -4.75
C TYR B 147 3.59 35.85 -5.28
N ARG B 148 4.85 36.01 -5.65
CA ARG B 148 5.61 34.97 -6.31
C ARG B 148 7.10 35.23 -6.08
N LEU B 149 7.83 34.16 -5.74
CA LEU B 149 9.27 34.28 -5.49
C LEU B 149 10.03 34.82 -6.69
N ASP B 150 10.91 35.80 -6.45
CA ASP B 150 11.80 36.31 -7.49
C ASP B 150 12.99 35.38 -7.67
N ILE B 151 13.87 35.71 -8.62
CA ILE B 151 15.02 34.85 -8.90
C ILE B 151 15.84 34.59 -7.64
N ASN B 152 16.11 35.65 -6.87
CA ASN B 152 16.85 35.51 -5.63
C ASN B 152 16.25 34.47 -4.70
N CYS B 153 15.04 34.74 -4.21
CA CYS B 153 14.36 33.83 -3.31
C CYS B 153 14.26 32.45 -3.92
N GLN B 154 13.99 32.39 -5.21
CA GLN B 154 13.89 31.11 -5.90
C GLN B 154 15.18 30.32 -5.76
N MET B 155 16.32 30.99 -5.90
CA MET B 155 17.61 30.35 -5.70
C MET B 155 17.78 29.87 -4.26
N ARG B 156 17.38 30.70 -3.30
CA ARG B 156 17.47 30.35 -1.90
C ARG B 156 16.71 29.06 -1.60
N VAL B 157 15.49 28.96 -2.11
CA VAL B 157 14.67 27.77 -1.91
C VAL B 157 15.36 26.52 -2.45
N LEU B 158 15.93 26.63 -3.65
CA LEU B 158 16.62 25.49 -4.23
C LEU B 158 17.80 25.09 -3.36
N ALA B 159 18.63 26.06 -3.00
CA ALA B 159 19.77 25.81 -2.12
C ALA B 159 19.32 25.18 -0.80
N PHE B 160 18.22 25.68 -0.25
CA PHE B 160 17.67 25.12 0.98
C PHE B 160 17.35 23.64 0.79
N LEU B 161 16.73 23.31 -0.34
CA LEU B 161 16.35 21.93 -0.63
C LEU B 161 17.57 21.06 -0.90
N GLN B 162 18.58 21.64 -1.57
CA GLN B 162 19.82 20.94 -1.84
C GLN B 162 20.57 20.59 -0.56
N THR B 163 20.21 21.26 0.53
CA THR B 163 20.83 21.02 1.83
C THR B 163 19.91 20.25 2.76
N GLY B 164 18.72 19.91 2.27
CA GLY B 164 17.78 19.09 3.01
C GLY B 164 16.94 19.87 4.01
N ASN B 165 16.91 21.19 3.86
CA ASN B 165 16.23 22.06 4.81
C ASN B 165 14.79 22.39 4.41
N HIS B 166 13.89 21.47 4.69
CA HIS B 166 12.47 21.67 4.36
C HIS B 166 11.88 22.84 5.13
N ASP B 167 12.15 22.88 6.43
CA ASP B 167 11.55 23.88 7.31
C ASP B 167 11.93 25.29 6.90
N GLU B 168 13.20 25.49 6.57
CA GLU B 168 13.66 26.82 6.20
C GLU B 168 13.13 27.21 4.83
N ALA B 169 12.99 26.22 3.96
CA ALA B 169 12.44 26.44 2.63
C ALA B 169 10.98 26.89 2.70
N LEU B 170 10.20 26.21 3.53
CA LEU B 170 8.79 26.55 3.68
C LEU B 170 8.60 27.91 4.33
N ARG B 171 9.38 28.17 5.38
CA ARG B 171 9.28 29.44 6.08
C ARG B 171 9.51 30.60 5.13
N LEU B 172 10.46 30.43 4.22
CA LEU B 172 10.77 31.48 3.28
C LEU B 172 9.65 31.68 2.26
N ALA B 173 9.08 30.58 1.78
CA ALA B 173 8.01 30.65 0.79
C ALA B 173 6.75 31.29 1.36
N LEU B 174 6.50 31.03 2.64
CA LEU B 174 5.33 31.59 3.30
C LEU B 174 5.52 33.08 3.63
N SER B 175 6.75 33.46 3.98
CA SER B 175 7.02 34.84 4.36
C SER B 175 7.00 35.76 3.14
N LYS B 176 7.07 35.17 1.95
CA LYS B 176 6.99 35.94 0.72
C LYS B 176 5.61 35.73 0.09
N ARG B 177 4.77 34.99 0.80
CA ARG B 177 3.39 34.74 0.39
C ARG B 177 3.27 34.05 -0.96
N ASP B 178 4.25 33.20 -1.27
CA ASP B 178 4.17 32.39 -2.50
C ASP B 178 3.65 31.01 -2.16
N TYR B 179 2.33 30.86 -2.23
CA TYR B 179 1.69 29.65 -1.74
C TYR B 179 1.82 28.47 -2.69
N ALA B 180 2.27 28.73 -3.91
CA ALA B 180 2.47 27.67 -4.88
C ALA B 180 3.62 26.77 -4.43
N ILE B 181 4.81 27.35 -4.31
CA ILE B 181 5.99 26.59 -3.87
C ILE B 181 5.79 26.15 -2.44
N ALA B 182 5.05 26.94 -1.67
CA ALA B 182 4.77 26.57 -0.30
C ALA B 182 4.09 25.21 -0.30
N LEU B 183 3.09 25.06 -1.17
CA LEU B 183 2.38 23.78 -1.33
C LEU B 183 3.33 22.67 -1.77
N LEU B 184 4.14 22.96 -2.78
CA LEU B 184 5.11 22.02 -3.28
C LEU B 184 6.06 21.55 -2.17
N VAL B 185 6.75 22.50 -1.54
CA VAL B 185 7.65 22.16 -0.45
C VAL B 185 6.89 21.38 0.62
N GLY B 186 5.69 21.86 0.95
CA GLY B 186 4.85 21.23 1.94
C GLY B 186 4.56 19.77 1.65
N SER B 187 4.48 19.41 0.38
CA SER B 187 4.18 18.02 0.01
C SER B 187 5.34 17.09 0.36
N LEU B 188 6.55 17.64 0.45
CA LEU B 188 7.71 16.84 0.82
C LEU B 188 7.78 16.58 2.32
N MET B 189 6.83 17.16 3.06
CA MET B 189 6.93 17.19 4.53
C MET B 189 5.77 16.49 5.25
N GLY B 190 4.78 16.02 4.50
CA GLY B 190 3.66 15.33 5.08
C GLY B 190 2.37 16.14 5.09
N LYS B 191 1.24 15.44 5.28
CA LYS B 191 -0.07 16.05 5.21
C LYS B 191 -0.23 17.21 6.20
N ASP B 192 0.50 17.15 7.30
CA ASP B 192 0.37 18.13 8.38
C ASP B 192 0.61 19.56 7.93
N ARG B 193 1.83 19.85 7.50
CA ARG B 193 2.17 21.20 7.08
C ARG B 193 1.52 21.56 5.74
N TRP B 194 1.25 20.54 4.92
CA TRP B 194 0.48 20.73 3.71
C TRP B 194 -0.83 21.46 4.04
N SER B 195 -1.53 20.94 5.05
CA SER B 195 -2.78 21.53 5.49
C SER B 195 -2.61 22.97 5.96
N GLU B 196 -1.57 23.22 6.75
CA GLU B 196 -1.32 24.55 7.28
C GLU B 196 -1.14 25.56 6.15
N VAL B 197 -0.49 25.13 5.07
CA VAL B 197 -0.29 26.00 3.93
C VAL B 197 -1.63 26.34 3.28
N ILE B 198 -2.52 25.35 3.22
CA ILE B 198 -3.84 25.55 2.63
C ILE B 198 -4.59 26.64 3.39
N GLN B 199 -4.53 26.56 4.71
CA GLN B 199 -5.20 27.53 5.55
C GLN B 199 -4.65 28.94 5.30
N LYS B 200 -3.32 29.06 5.33
CA LYS B 200 -2.69 30.37 5.17
C LYS B 200 -3.03 30.98 3.81
N TYR B 201 -3.07 30.15 2.78
CA TYR B 201 -3.42 30.64 1.45
C TYR B 201 -4.86 31.16 1.38
N LEU B 202 -5.78 30.40 1.96
CA LEU B 202 -7.19 30.78 1.94
C LEU B 202 -7.51 31.97 2.83
N TYR B 203 -6.99 31.96 4.06
CA TYR B 203 -7.39 32.91 5.08
C TYR B 203 -6.49 34.13 5.19
N GLU B 204 -5.37 34.12 4.49
CA GLU B 204 -4.44 35.25 4.53
C GLU B 204 -5.15 36.55 4.15
N GLY B 205 -5.97 36.48 3.11
CA GLY B 205 -6.68 37.65 2.61
C GLY B 205 -5.98 38.27 1.42
N ASP B 212 -18.40 37.69 5.01
CA ASP B 212 -18.31 37.92 3.57
C ASP B 212 -17.89 36.65 2.84
N GLN B 213 -16.63 36.60 2.44
CA GLN B 213 -16.08 35.42 1.78
C GLN B 213 -15.83 34.32 2.81
N LYS B 214 -16.34 34.54 4.01
CA LYS B 214 -16.13 33.64 5.14
C LYS B 214 -16.37 32.18 4.78
N GLU B 215 -17.60 31.87 4.35
CA GLU B 215 -18.00 30.47 4.21
C GLU B 215 -17.32 29.77 3.04
N LEU B 216 -16.95 30.54 2.03
CA LEU B 216 -16.24 30.00 0.88
C LEU B 216 -15.00 29.24 1.32
N ALA B 217 -14.20 29.88 2.16
CA ALA B 217 -12.96 29.29 2.65
C ALA B 217 -13.22 27.99 3.40
N HIS B 218 -14.23 27.99 4.27
CA HIS B 218 -14.54 26.80 5.03
C HIS B 218 -14.76 25.61 4.11
N PHE B 219 -15.58 25.82 3.08
CA PHE B 219 -15.96 24.72 2.20
C PHE B 219 -14.74 24.20 1.45
N LEU B 220 -14.02 25.10 0.78
CA LEU B 220 -12.82 24.72 0.03
C LEU B 220 -11.81 24.01 0.92
N LEU B 221 -11.59 24.59 2.11
CA LEU B 221 -10.63 24.03 3.06
C LEU B 221 -10.97 22.57 3.36
N LEU B 222 -12.24 22.31 3.64
CA LEU B 222 -12.66 20.95 4.00
C LEU B 222 -12.46 19.96 2.87
N ILE B 223 -12.90 20.32 1.66
CA ILE B 223 -12.74 19.46 0.49
C ILE B 223 -11.29 19.05 0.27
N PHE B 224 -10.38 20.01 0.38
CA PHE B 224 -8.97 19.74 0.17
C PHE B 224 -8.35 18.94 1.32
N GLN B 225 -8.89 19.13 2.52
CA GLN B 225 -8.41 18.38 3.69
C GLN B 225 -8.78 16.91 3.57
N VAL B 226 -10.00 16.64 3.13
CA VAL B 226 -10.51 15.28 3.06
C VAL B 226 -9.66 14.40 2.15
N PHE B 227 -9.34 14.91 0.97
CA PHE B 227 -8.62 14.12 -0.01
C PHE B 227 -7.11 14.17 0.21
N VAL B 228 -6.71 14.48 1.45
CA VAL B 228 -5.30 14.48 1.82
C VAL B 228 -5.10 13.60 3.06
N GLY B 229 -6.20 13.35 3.77
CA GLY B 229 -6.17 12.51 4.95
C GLY B 229 -6.31 13.28 6.24
N ASN B 230 -6.65 14.57 6.11
CA ASN B 230 -6.77 15.44 7.27
C ASN B 230 -8.22 15.72 7.65
N SER B 231 -9.12 14.81 7.28
CA SER B 231 -10.52 14.96 7.66
C SER B 231 -10.68 15.03 9.18
N LYS B 232 -9.89 14.21 9.89
CA LYS B 232 -9.91 14.25 11.35
C LYS B 232 -9.57 15.65 11.84
N MET B 233 -8.42 16.16 11.40
CA MET B 233 -8.01 17.51 11.75
C MET B 233 -9.05 18.55 11.34
N ALA B 234 -9.44 18.50 10.07
CA ALA B 234 -10.38 19.47 9.50
C ALA B 234 -11.64 19.57 10.34
N ILE B 235 -12.22 18.42 10.68
CA ILE B 235 -13.48 18.37 11.42
C ILE B 235 -13.31 18.73 12.89
N LYS B 236 -12.18 18.33 13.47
CA LYS B 236 -11.90 18.65 14.86
C LYS B 236 -11.90 20.16 15.09
N SER B 237 -11.68 20.92 14.01
CA SER B 237 -11.63 22.37 14.09
C SER B 237 -13.00 22.95 14.43
N PHE B 238 -14.05 22.33 13.90
CA PHE B 238 -15.41 22.78 14.16
C PHE B 238 -15.68 22.93 15.65
N TYR B 239 -15.36 21.88 16.41
CA TYR B 239 -15.64 21.85 17.84
C TYR B 239 -15.22 23.13 18.56
N THR B 240 -14.12 23.73 18.12
CA THR B 240 -13.56 24.91 18.78
C THR B 240 -14.16 26.22 18.29
N ASN B 241 -14.64 26.24 17.05
CA ASN B 241 -15.22 27.45 16.48
C ASN B 241 -16.74 27.37 16.30
N ASN B 242 -17.47 28.07 17.16
CA ASN B 242 -18.93 28.09 17.16
C ASN B 242 -19.50 28.67 15.87
N GLU B 243 -18.73 29.54 15.22
CA GLU B 243 -19.17 30.15 13.98
C GLU B 243 -19.11 29.16 12.82
N THR B 244 -18.06 28.35 12.80
CA THR B 244 -17.85 27.39 11.72
C THR B 244 -18.59 26.08 11.98
N SER B 245 -18.90 25.82 13.25
CA SER B 245 -19.64 24.61 13.59
C SER B 245 -21.12 24.77 13.24
N GLN B 246 -21.64 25.99 13.40
CA GLN B 246 -23.01 26.27 13.02
C GLN B 246 -23.16 26.15 11.52
N TRP B 247 -22.15 26.61 10.79
CA TRP B 247 -22.14 26.50 9.34
C TRP B 247 -22.11 25.03 8.90
N ALA B 248 -21.23 24.26 9.52
CA ALA B 248 -21.04 22.86 9.16
C ALA B 248 -22.30 22.03 9.41
N SER B 249 -22.93 22.24 10.56
CA SER B 249 -24.12 21.48 10.91
C SER B 249 -25.34 21.93 10.11
N GLU B 250 -25.33 23.21 9.70
CA GLU B 250 -26.45 23.74 8.93
C GLU B 250 -26.36 23.35 7.46
N ASN B 251 -25.15 23.12 6.96
CA ASN B 251 -24.95 22.79 5.55
C ASN B 251 -24.36 21.40 5.30
N TRP B 252 -24.54 20.48 6.24
CA TRP B 252 -23.92 19.17 6.15
C TRP B 252 -24.29 18.44 4.87
N LYS B 253 -25.51 18.66 4.39
CA LYS B 253 -25.98 17.96 3.19
C LYS B 253 -25.13 18.27 1.95
N SER B 254 -24.89 19.56 1.69
CA SER B 254 -24.11 19.98 0.53
C SER B 254 -22.64 19.67 0.70
N ILE B 255 -22.18 19.66 1.95
CA ILE B 255 -20.79 19.34 2.25
C ILE B 255 -20.45 17.89 1.87
N VAL B 256 -21.20 16.96 2.44
CA VAL B 256 -21.01 15.56 2.12
C VAL B 256 -21.18 15.32 0.62
N ALA B 257 -22.16 15.98 0.02
CA ALA B 257 -22.44 15.83 -1.40
C ALA B 257 -21.25 16.27 -2.25
N ALA B 258 -20.58 17.32 -1.82
CA ALA B 258 -19.38 17.80 -2.51
C ALA B 258 -18.28 16.76 -2.47
N VAL B 259 -18.07 16.17 -1.30
CA VAL B 259 -17.04 15.14 -1.14
C VAL B 259 -17.31 13.92 -2.02
N LEU B 260 -18.55 13.41 -1.96
CA LEU B 260 -18.89 12.20 -2.70
C LEU B 260 -18.74 12.38 -4.21
N ILE B 261 -19.16 13.53 -4.72
CA ILE B 261 -19.17 13.77 -6.16
C ILE B 261 -17.76 13.96 -6.70
N ASN B 262 -16.80 14.15 -5.81
CA ASN B 262 -15.41 14.32 -6.20
C ASN B 262 -14.58 13.05 -6.02
N ILE B 263 -15.24 11.95 -5.73
CA ILE B 263 -14.57 10.67 -5.61
C ILE B 263 -14.20 10.17 -6.99
N PRO B 264 -12.92 9.84 -7.21
CA PRO B 264 -12.46 9.36 -8.52
C PRO B 264 -13.22 8.11 -8.96
N GLU B 265 -13.84 8.17 -10.12
CA GLU B 265 -14.61 7.04 -10.64
C GLU B 265 -13.78 5.77 -10.71
N ASN B 266 -14.39 4.65 -10.34
CA ASN B 266 -13.74 3.35 -10.44
C ASN B 266 -14.71 2.30 -10.95
N ASN B 267 -14.52 1.87 -12.19
CA ASN B 267 -15.45 0.94 -12.83
C ASN B 267 -15.58 -0.39 -12.09
N GLU B 268 -14.47 -0.90 -11.58
CA GLU B 268 -14.46 -2.19 -10.89
C GLU B 268 -14.75 -2.06 -9.39
N ASP B 269 -14.73 -0.82 -8.90
CA ASP B 269 -15.00 -0.57 -7.49
C ASP B 269 -16.02 0.55 -7.32
N PRO B 270 -17.26 0.29 -7.78
CA PRO B 270 -18.33 1.29 -7.73
C PRO B 270 -18.79 1.49 -6.30
N LEU B 271 -18.54 0.51 -5.45
CA LEU B 271 -18.98 0.53 -4.07
C LEU B 271 -17.80 0.55 -3.11
N LEU B 272 -16.63 0.93 -3.61
CA LEU B 272 -15.44 1.01 -2.77
C LEU B 272 -15.19 2.44 -2.34
N ILE B 273 -15.50 2.74 -1.09
CA ILE B 273 -15.26 4.05 -0.52
C ILE B 273 -13.77 4.19 -0.26
N PRO B 274 -13.17 5.30 -0.74
CA PRO B 274 -11.74 5.50 -0.48
C PRO B 274 -11.55 5.82 0.98
N PRO B 275 -10.56 5.19 1.63
CA PRO B 275 -10.34 5.33 3.07
C PRO B 275 -10.45 6.77 3.59
N VAL B 276 -9.88 7.73 2.88
CA VAL B 276 -9.90 9.13 3.31
C VAL B 276 -11.33 9.68 3.38
N VAL B 277 -12.19 9.19 2.50
CA VAL B 277 -13.57 9.59 2.48
C VAL B 277 -14.31 8.89 3.61
N LEU B 278 -13.88 7.66 3.92
CA LEU B 278 -14.46 6.93 5.03
C LEU B 278 -14.19 7.64 6.35
N GLU B 279 -12.94 8.07 6.58
CA GLU B 279 -12.62 8.82 7.79
C GLU B 279 -13.53 10.03 7.91
N PHE B 280 -13.66 10.78 6.82
CA PHE B 280 -14.48 11.99 6.82
C PHE B 280 -15.93 11.71 7.22
N LEU B 281 -16.49 10.62 6.73
CA LEU B 281 -17.89 10.31 7.00
C LEU B 281 -18.11 9.99 8.47
N ILE B 282 -17.22 9.20 9.05
CA ILE B 282 -17.32 8.85 10.45
C ILE B 282 -17.01 10.04 11.35
N GLU B 283 -15.88 10.69 11.13
CA GLU B 283 -15.52 11.88 11.90
C GLU B 283 -16.63 12.93 11.90
N PHE B 284 -17.23 13.13 10.73
CA PHE B 284 -18.28 14.14 10.57
C PHE B 284 -19.61 13.63 11.13
N GLY B 285 -19.82 12.32 11.05
CA GLY B 285 -20.99 11.70 11.64
C GLY B 285 -20.98 11.73 13.15
N ILE B 286 -19.78 11.91 13.73
CA ILE B 286 -19.63 12.06 15.17
C ILE B 286 -19.96 13.48 15.57
N PHE B 287 -19.34 14.43 14.90
CA PHE B 287 -19.62 15.84 15.15
C PHE B 287 -21.12 16.11 15.17
N LEU B 288 -21.83 15.59 14.17
CA LEU B 288 -23.26 15.82 14.04
C LEU B 288 -24.04 15.27 15.23
N THR B 289 -23.60 14.12 15.71
CA THR B 289 -24.20 13.50 16.90
C THR B 289 -24.14 14.45 18.08
N LYS B 290 -22.93 14.92 18.39
CA LYS B 290 -22.74 15.89 19.45
C LYS B 290 -23.68 17.09 19.28
N LYS B 291 -23.73 17.64 18.08
CA LYS B 291 -24.55 18.82 17.84
C LYS B 291 -26.04 18.48 17.79
N GLY B 292 -26.39 17.29 18.28
CA GLY B 292 -27.78 16.88 18.41
C GLY B 292 -28.46 16.28 17.19
N LEU B 293 -27.78 16.31 16.05
CA LEU B 293 -28.40 15.89 14.79
C LEU B 293 -28.19 14.41 14.49
N THR B 294 -28.95 13.53 15.14
CA THR B 294 -28.75 12.09 15.00
C THR B 294 -29.33 11.47 13.72
N ALA B 295 -30.17 12.21 13.00
CA ALA B 295 -30.60 11.75 11.69
C ALA B 295 -29.46 11.96 10.69
N ALA B 296 -28.90 13.16 10.69
CA ALA B 296 -27.76 13.46 9.86
C ALA B 296 -26.68 12.41 10.07
N ALA B 297 -26.18 12.34 11.31
CA ALA B 297 -25.12 11.39 11.65
C ALA B 297 -25.39 10.00 11.06
N SER B 298 -26.59 9.50 11.25
CA SER B 298 -26.96 8.18 10.76
C SER B 298 -26.88 8.10 9.24
N THR B 299 -27.24 9.19 8.57
CA THR B 299 -27.11 9.25 7.12
C THR B 299 -25.65 8.98 6.72
N LEU B 300 -24.72 9.72 7.33
CA LEU B 300 -23.30 9.52 7.02
C LEU B 300 -22.83 8.09 7.30
N PHE B 301 -23.26 7.53 8.44
CA PHE B 301 -22.88 6.17 8.82
C PHE B 301 -23.39 5.14 7.82
N ILE B 302 -24.61 5.35 7.34
CA ILE B 302 -25.20 4.50 6.32
C ILE B 302 -24.37 4.52 5.03
N ILE B 303 -24.09 5.72 4.54
CA ILE B 303 -23.27 5.87 3.35
C ILE B 303 -21.91 5.20 3.54
N GLY B 304 -21.36 5.33 4.75
CA GLY B 304 -20.06 4.77 5.06
C GLY B 304 -20.12 3.28 5.32
N ASN B 305 -21.31 2.71 5.26
CA ASN B 305 -21.52 1.31 5.59
C ASN B 305 -21.03 0.91 6.97
N VAL B 306 -21.17 1.81 7.93
CA VAL B 306 -20.76 1.51 9.30
C VAL B 306 -21.71 0.50 9.93
N PRO B 307 -21.16 -0.53 10.57
CA PRO B 307 -22.00 -1.57 11.18
C PRO B 307 -22.84 -1.06 12.36
N LEU B 308 -24.05 -1.60 12.51
CA LEU B 308 -24.87 -1.35 13.68
C LEU B 308 -24.40 -2.25 14.82
N SER B 309 -23.99 -1.63 15.93
CA SER B 309 -23.51 -2.38 17.09
C SER B 309 -23.45 -1.50 18.34
N ASN B 310 -22.85 -2.04 19.40
CA ASN B 310 -22.67 -1.30 20.65
C ASN B 310 -21.29 -0.66 20.75
N GLU B 311 -20.39 -1.10 19.88
CA GLU B 311 -19.02 -0.60 19.91
C GLU B 311 -18.95 0.79 19.31
N PRO B 312 -18.06 1.65 19.84
CA PRO B 312 -17.86 2.98 19.28
C PRO B 312 -17.47 2.93 17.81
N VAL B 313 -17.85 3.95 17.05
CA VAL B 313 -17.52 4.02 15.63
C VAL B 313 -16.06 4.38 15.43
N MET B 314 -15.52 5.19 16.34
CA MET B 314 -14.11 5.57 16.28
C MET B 314 -13.43 5.26 17.63
N ALA B 315 -12.14 5.01 17.59
CA ALA B 315 -11.40 4.66 18.80
C ALA B 315 -11.40 5.79 19.83
N ASP B 316 -11.15 7.01 19.36
CA ASP B 316 -11.01 8.16 20.24
C ASP B 316 -12.35 8.80 20.58
N SER B 317 -13.44 8.07 20.37
CA SER B 317 -14.77 8.60 20.62
C SER B 317 -15.67 7.61 21.34
N ASP B 318 -16.70 8.12 21.99
CA ASP B 318 -17.65 7.28 22.69
C ASP B 318 -18.94 7.09 21.88
N VAL B 319 -19.03 7.79 20.76
CA VAL B 319 -20.23 7.74 19.92
C VAL B 319 -20.54 6.32 19.43
N ILE B 320 -21.82 5.96 19.47
CA ILE B 320 -22.25 4.62 19.09
C ILE B 320 -23.27 4.67 17.94
N PHE B 321 -23.13 3.78 16.96
CA PHE B 321 -24.14 3.64 15.93
C PHE B 321 -25.02 2.45 16.27
N GLU B 322 -26.03 2.70 17.10
CA GLU B 322 -26.86 1.65 17.69
C GLU B 322 -28.10 1.37 16.84
N SER B 323 -28.65 2.43 16.24
CA SER B 323 -29.84 2.32 15.41
C SER B 323 -30.02 3.55 14.52
N ILE B 324 -30.71 3.36 13.39
CA ILE B 324 -31.02 4.46 12.50
C ILE B 324 -32.24 5.22 13.03
N GLY B 325 -32.00 6.41 13.59
CA GLY B 325 -33.05 7.12 14.30
C GLY B 325 -33.35 6.47 15.64
N ASN B 326 -34.15 7.15 16.46
CA ASN B 326 -34.51 6.60 17.77
C ASN B 326 -35.08 5.20 17.68
N MET B 327 -34.46 4.30 18.43
CA MET B 327 -34.76 2.87 18.34
C MET B 327 -36.24 2.50 18.49
N ASN B 328 -37.02 3.36 19.14
CA ASN B 328 -38.46 3.07 19.35
C ASN B 328 -39.35 3.39 18.16
N THR B 329 -38.89 4.28 17.29
CA THR B 329 -39.68 4.71 16.14
C THR B 329 -39.89 3.57 15.14
N PHE B 330 -41.06 3.54 14.50
CA PHE B 330 -41.33 2.54 13.48
C PHE B 330 -40.33 2.62 12.33
N GLU B 331 -40.01 3.85 11.91
CA GLU B 331 -39.00 4.05 10.87
C GLU B 331 -37.70 3.32 11.23
N SER B 332 -37.26 3.53 12.47
CA SER B 332 -36.04 2.88 12.96
C SER B 332 -36.11 1.37 12.88
N ILE B 333 -37.25 0.80 13.26
CA ILE B 333 -37.41 -0.65 13.20
C ILE B 333 -37.18 -1.15 11.78
N LEU B 334 -37.85 -0.52 10.83
CA LEU B 334 -37.81 -0.94 9.44
C LEU B 334 -36.47 -0.59 8.79
N TRP B 335 -36.03 0.66 8.94
CA TRP B 335 -34.73 1.06 8.43
C TRP B 335 -33.65 0.11 8.92
N ASP B 336 -33.60 -0.14 10.22
CA ASP B 336 -32.59 -1.03 10.78
C ASP B 336 -32.60 -2.41 10.15
N GLU B 337 -33.79 -2.96 9.93
CA GLU B 337 -33.87 -4.30 9.34
C GLU B 337 -33.49 -4.30 7.86
N ILE B 338 -33.88 -3.25 7.15
CA ILE B 338 -33.49 -3.08 5.75
C ILE B 338 -31.98 -2.92 5.61
N TYR B 339 -31.40 -2.07 6.45
CA TYR B 339 -29.96 -1.86 6.48
C TYR B 339 -29.25 -3.19 6.74
N GLU B 340 -29.85 -4.03 7.58
CA GLU B 340 -29.27 -5.34 7.87
C GLU B 340 -29.33 -6.23 6.63
N TYR B 341 -30.48 -6.24 5.98
CA TYR B 341 -30.66 -7.04 4.77
C TYR B 341 -29.59 -6.69 3.74
N ILE B 342 -29.29 -5.40 3.61
CA ILE B 342 -28.30 -4.94 2.64
C ILE B 342 -26.91 -5.54 2.93
N PHE B 343 -26.54 -5.58 4.20
CA PHE B 343 -25.29 -6.20 4.61
C PHE B 343 -25.32 -7.70 4.34
N SER B 344 -26.52 -8.26 4.25
CA SER B 344 -26.66 -9.72 4.17
C SER B 344 -26.19 -10.28 2.84
N TYR B 345 -26.20 -9.43 1.81
CA TYR B 345 -25.72 -9.89 0.51
C TYR B 345 -24.22 -10.08 0.51
N ASP B 346 -23.54 -9.45 1.46
CA ASP B 346 -22.18 -9.85 1.79
C ASP B 346 -22.28 -11.17 2.53
N PRO B 347 -21.90 -12.26 1.85
CA PRO B 347 -22.11 -13.63 2.32
C PRO B 347 -21.52 -13.90 3.70
N LYS B 348 -20.38 -13.29 4.02
CA LYS B 348 -19.74 -13.50 5.31
C LYS B 348 -20.57 -12.95 6.46
N PHE B 349 -21.35 -11.91 6.17
CA PHE B 349 -22.15 -11.20 7.18
C PHE B 349 -23.13 -12.11 7.91
N LYS B 350 -23.15 -12.01 9.24
CA LYS B 350 -23.96 -12.86 10.09
C LYS B 350 -25.14 -12.14 10.74
N GLY B 351 -25.13 -10.81 10.70
CA GLY B 351 -26.24 -10.03 11.24
C GLY B 351 -25.85 -9.16 12.42
N PHE B 352 -26.66 -8.14 12.71
CA PHE B 352 -26.43 -7.26 13.86
C PHE B 352 -27.14 -7.77 15.11
N SER B 353 -26.38 -8.33 16.04
CA SER B 353 -26.91 -8.75 17.32
C SER B 353 -27.58 -7.58 18.05
N SER B 354 -26.97 -6.40 17.91
CA SER B 354 -27.42 -5.25 18.67
C SER B 354 -28.87 -4.87 18.42
N ILE B 355 -29.44 -5.35 17.31
CA ILE B 355 -30.80 -4.99 16.96
C ILE B 355 -31.82 -6.12 17.17
N LEU B 356 -31.36 -7.28 17.64
CA LEU B 356 -32.27 -8.37 17.95
C LEU B 356 -33.36 -7.95 18.93
N PRO B 357 -32.99 -7.23 20.00
CA PRO B 357 -34.03 -6.71 20.90
C PRO B 357 -35.07 -5.90 20.13
N GLN B 358 -34.64 -5.08 19.18
CA GLN B 358 -35.57 -4.25 18.42
C GLN B 358 -36.51 -5.10 17.59
N LYS B 359 -36.01 -6.23 17.09
CA LYS B 359 -36.84 -7.15 16.31
C LYS B 359 -37.94 -7.78 17.15
N ILE B 360 -37.59 -8.17 18.38
CA ILE B 360 -38.57 -8.74 19.30
C ILE B 360 -39.61 -7.69 19.66
N TYR B 361 -39.14 -6.48 19.89
CA TYR B 361 -40.00 -5.35 20.15
C TYR B 361 -40.93 -5.10 18.97
N HIS B 362 -40.41 -5.37 17.77
CA HIS B 362 -41.19 -5.27 16.53
C HIS B 362 -42.34 -6.27 16.59
N ALA B 363 -42.00 -7.53 16.86
CA ALA B 363 -43.01 -8.58 17.01
C ALA B 363 -44.05 -8.23 18.06
N SER B 364 -43.60 -7.62 19.16
CA SER B 364 -44.50 -7.17 20.21
C SER B 364 -45.48 -6.13 19.67
N LEU B 365 -44.99 -5.23 18.83
CA LEU B 365 -45.83 -4.19 18.24
C LEU B 365 -46.89 -4.75 17.31
N LEU B 366 -46.56 -5.86 16.66
CA LEU B 366 -47.53 -6.53 15.80
C LEU B 366 -48.65 -7.14 16.61
N GLN B 367 -48.31 -7.71 17.76
CA GLN B 367 -49.29 -8.27 18.68
C GLN B 367 -50.32 -7.23 19.09
N GLU B 368 -49.84 -6.07 19.54
CA GLU B 368 -50.74 -5.03 20.00
C GLU B 368 -51.69 -4.56 18.89
N GLN B 369 -51.25 -4.65 17.64
CA GLN B 369 -52.07 -4.26 16.51
C GLN B 369 -52.86 -5.44 15.95
N GLY B 370 -53.00 -6.48 16.75
CA GLY B 370 -53.78 -7.64 16.37
C GLY B 370 -53.27 -8.35 15.13
N LEU B 371 -51.99 -8.18 14.83
CA LEU B 371 -51.39 -8.85 13.68
C LEU B 371 -50.62 -10.10 14.10
N ASN B 372 -51.34 -11.05 14.71
CA ASN B 372 -50.72 -12.28 15.19
C ASN B 372 -50.05 -13.08 14.08
N SER B 373 -50.57 -12.96 12.85
CA SER B 373 -50.03 -13.68 11.71
C SER B 373 -48.55 -13.36 11.45
N LEU B 374 -48.28 -12.11 11.08
CA LEU B 374 -46.92 -11.65 10.87
C LEU B 374 -46.10 -11.79 12.15
N GLY B 375 -46.80 -11.71 13.29
CA GLY B 375 -46.17 -11.82 14.58
C GLY B 375 -45.39 -13.10 14.77
N THR B 376 -46.04 -14.23 14.49
CA THR B 376 -45.38 -15.53 14.62
C THR B 376 -44.30 -15.71 13.56
N LYS B 377 -44.49 -15.13 12.38
CA LYS B 377 -43.47 -15.16 11.35
C LYS B 377 -42.16 -14.64 11.91
N TYR B 378 -42.25 -13.65 12.79
CA TYR B 378 -41.07 -13.06 13.43
C TYR B 378 -40.54 -13.90 14.59
N THR B 379 -41.40 -14.26 15.52
CA THR B 379 -40.97 -15.07 16.66
C THR B 379 -40.31 -16.36 16.19
N ASP B 380 -40.87 -16.99 15.18
CA ASP B 380 -40.29 -18.22 14.63
C ASP B 380 -38.91 -17.97 14.05
N TYR B 381 -38.82 -17.00 13.13
CA TYR B 381 -37.53 -16.66 12.54
C TYR B 381 -36.53 -16.28 13.62
N LEU B 382 -36.97 -15.50 14.59
CA LEU B 382 -36.09 -15.01 15.64
C LEU B 382 -35.60 -16.14 16.53
N SER B 383 -36.42 -17.18 16.66
CA SER B 383 -36.03 -18.35 17.44
C SER B 383 -34.76 -18.97 16.88
N SER B 384 -34.79 -19.33 15.61
CA SER B 384 -33.62 -19.90 14.95
C SER B 384 -32.46 -18.91 15.01
N SER B 385 -32.79 -17.64 14.87
CA SER B 385 -31.79 -16.58 14.93
C SER B 385 -31.06 -16.57 16.27
N VAL B 386 -31.82 -16.73 17.37
CA VAL B 386 -31.25 -16.71 18.71
C VAL B 386 -30.56 -18.02 19.09
N ARG B 387 -31.16 -19.13 18.68
CA ARG B 387 -30.59 -20.45 18.98
C ARG B 387 -29.22 -20.63 18.33
N LYS B 388 -28.91 -19.76 17.37
CA LYS B 388 -27.60 -19.77 16.72
C LYS B 388 -26.63 -18.84 17.46
N LEU B 389 -26.88 -18.63 18.74
CA LEU B 389 -26.02 -17.77 19.56
C LEU B 389 -25.42 -18.56 20.71
N PRO B 390 -24.32 -18.04 21.29
CA PRO B 390 -23.72 -18.67 22.47
C PRO B 390 -24.76 -18.84 23.59
N LYS B 391 -25.09 -20.08 23.91
CA LYS B 391 -26.19 -20.36 24.83
C LYS B 391 -25.99 -19.76 26.23
N LYS B 392 -24.75 -19.39 26.55
CA LYS B 392 -24.42 -18.96 27.91
C LYS B 392 -24.22 -17.45 28.06
N ASP B 393 -24.24 -16.73 26.95
CA ASP B 393 -24.12 -15.27 27.00
C ASP B 393 -25.32 -14.64 27.68
N ILE B 394 -25.11 -13.55 28.39
CA ILE B 394 -26.21 -12.87 29.05
C ILE B 394 -27.27 -12.43 28.04
N LEU B 395 -26.82 -11.77 26.98
CA LEU B 395 -27.72 -11.33 25.92
C LEU B 395 -28.60 -12.49 25.44
N THR B 396 -27.96 -13.61 25.16
CA THR B 396 -28.67 -14.77 24.65
C THR B 396 -29.81 -15.18 25.58
N ILE B 397 -29.50 -15.25 26.87
CA ILE B 397 -30.44 -15.72 27.90
C ILE B 397 -31.66 -14.80 28.04
N ASN B 398 -31.39 -13.50 28.08
CA ASN B 398 -32.44 -12.49 28.12
C ASN B 398 -33.34 -12.49 26.88
N LEU B 399 -32.72 -12.48 25.70
CA LEU B 399 -33.48 -12.52 24.44
C LEU B 399 -34.40 -13.74 24.39
N THR B 400 -33.91 -14.86 24.91
CA THR B 400 -34.70 -16.08 24.90
C THR B 400 -35.95 -15.91 25.75
N ARG B 401 -35.78 -15.38 26.95
CA ARG B 401 -36.89 -15.15 27.84
C ARG B 401 -37.89 -14.19 27.20
N GLU B 402 -37.39 -13.04 26.77
CA GLU B 402 -38.21 -11.98 26.21
C GLU B 402 -38.92 -12.47 24.95
N LEU B 403 -38.28 -13.35 24.22
CA LEU B 403 -38.86 -13.90 23.01
C LEU B 403 -39.98 -14.85 23.36
N SER B 404 -39.79 -15.62 24.42
CA SER B 404 -40.84 -16.52 24.90
C SER B 404 -42.10 -15.76 25.31
N GLU B 405 -41.90 -14.66 26.05
CA GLU B 405 -43.01 -13.86 26.53
C GLU B 405 -43.87 -13.37 25.37
N VAL B 406 -43.22 -12.79 24.36
CA VAL B 406 -43.93 -12.30 23.19
C VAL B 406 -44.60 -13.45 22.45
N ALA B 407 -43.86 -14.54 22.29
CA ALA B 407 -44.39 -15.71 21.61
C ALA B 407 -45.65 -16.21 22.32
N SER B 408 -45.59 -16.32 23.63
CA SER B 408 -46.73 -16.73 24.43
C SER B 408 -47.94 -15.84 24.15
N ARG B 409 -47.72 -14.53 24.19
CA ARG B 409 -48.78 -13.55 23.99
C ARG B 409 -49.49 -13.70 22.65
N LEU B 410 -48.79 -14.28 21.67
CA LEU B 410 -49.32 -14.42 20.32
C LEU B 410 -50.05 -15.74 20.13
N SER B 411 -50.80 -16.16 21.14
CA SER B 411 -51.57 -17.40 21.04
C SER B 411 -52.53 -17.57 22.21
N ARG C 11 60.15 -6.73 -49.14
CA ARG C 11 61.60 -6.71 -49.27
C ARG C 11 62.15 -5.74 -48.24
N ARG C 12 61.40 -5.62 -47.17
CA ARG C 12 61.60 -4.63 -46.13
C ARG C 12 61.62 -5.37 -44.80
N GLN C 13 62.49 -4.94 -43.89
CA GLN C 13 62.58 -5.56 -42.58
C GLN C 13 61.52 -4.97 -41.65
N PHE C 14 60.67 -5.81 -41.06
CA PHE C 14 59.58 -5.36 -40.19
C PHE C 14 59.77 -5.79 -38.73
N PRO C 15 59.13 -5.06 -37.80
CA PRO C 15 59.20 -5.44 -36.39
C PRO C 15 58.58 -6.81 -36.15
N ILE C 16 58.96 -7.46 -35.07
CA ILE C 16 58.37 -8.74 -34.69
C ILE C 16 58.09 -8.70 -33.21
N PHE C 17 56.94 -9.22 -32.80
CA PHE C 17 56.58 -9.30 -31.38
C PHE C 17 55.65 -10.49 -31.10
N HIS C 18 56.03 -11.32 -30.13
CA HIS C 18 55.18 -12.44 -29.74
C HIS C 18 55.18 -12.70 -28.24
N TRP C 19 54.02 -13.04 -27.71
CA TRP C 19 53.90 -13.40 -26.31
C TRP C 19 54.19 -14.89 -26.16
N SER C 20 54.70 -15.28 -25.00
CA SER C 20 54.88 -16.68 -24.71
C SER C 20 54.06 -17.09 -23.48
N ALA C 21 53.67 -18.35 -23.41
CA ALA C 21 53.02 -18.89 -22.24
C ALA C 21 53.98 -18.98 -21.04
N ALA C 22 55.26 -18.70 -21.27
CA ALA C 22 56.26 -18.80 -20.20
C ALA C 22 56.64 -17.45 -19.61
N ASN C 23 55.76 -16.47 -19.74
CA ASN C 23 56.03 -15.14 -19.20
C ASN C 23 57.31 -14.55 -19.78
N LYS C 24 57.58 -14.93 -21.03
CA LYS C 24 58.67 -14.35 -21.78
C LYS C 24 58.09 -13.67 -23.01
N VAL C 25 58.87 -12.79 -23.62
CA VAL C 25 58.46 -12.17 -24.86
C VAL C 25 59.62 -12.19 -25.87
N VAL C 26 59.30 -12.24 -27.15
CA VAL C 26 60.28 -12.14 -28.22
C VAL C 26 59.91 -10.95 -29.09
N TYR C 27 60.87 -10.07 -29.34
CA TYR C 27 60.64 -8.98 -30.30
C TYR C 27 61.88 -8.67 -31.12
N ALA C 28 61.66 -7.98 -32.24
CA ALA C 28 62.75 -7.46 -33.06
C ALA C 28 62.34 -6.11 -33.60
N VAL C 29 63.20 -5.12 -33.41
CA VAL C 29 62.90 -3.78 -33.88
C VAL C 29 64.03 -3.28 -34.77
N PRO C 30 63.74 -3.12 -36.08
CA PRO C 30 64.73 -2.65 -37.06
C PRO C 30 65.36 -1.33 -36.64
N PRO C 31 66.68 -1.22 -36.80
CA PRO C 31 67.53 -0.08 -36.43
C PRO C 31 67.18 1.19 -37.19
N ILE C 32 67.43 2.34 -36.58
CA ILE C 32 67.14 3.64 -37.19
C ILE C 32 68.25 4.06 -38.14
N VAL C 45 72.04 -7.29 -40.50
CA VAL C 45 72.34 -7.59 -39.10
C VAL C 45 71.23 -7.09 -38.17
N GLN C 46 70.19 -7.90 -38.00
CA GLN C 46 69.04 -7.54 -37.18
C GLN C 46 68.89 -8.40 -35.92
N GLU C 47 68.83 -7.74 -34.76
CA GLU C 47 68.84 -8.43 -33.47
C GLU C 47 67.47 -8.91 -32.97
N ILE C 48 67.44 -10.15 -32.49
CA ILE C 48 66.25 -10.71 -31.87
C ILE C 48 66.46 -10.81 -30.36
N LYS C 49 65.48 -10.32 -29.59
CA LYS C 49 65.60 -10.30 -28.14
C LYS C 49 64.48 -11.09 -27.43
N VAL C 50 64.87 -11.75 -26.34
CA VAL C 50 63.93 -12.52 -25.55
C VAL C 50 64.03 -12.06 -24.10
N THR C 51 62.96 -11.45 -23.61
CA THR C 51 62.98 -10.93 -22.25
C THR C 51 61.70 -11.25 -21.48
N PRO C 52 61.83 -11.24 -20.15
CA PRO C 52 60.71 -11.50 -19.23
C PRO C 52 59.66 -10.44 -19.48
N ILE C 53 58.38 -10.82 -19.40
CA ILE C 53 57.33 -9.95 -19.86
C ILE C 53 57.30 -8.62 -19.08
N ASP C 54 57.82 -8.63 -17.85
CA ASP C 54 57.81 -7.44 -17.00
C ASP C 54 58.83 -6.31 -17.32
N GLN C 55 59.76 -6.54 -18.25
CA GLN C 55 60.62 -5.45 -18.74
C GLN C 55 59.89 -4.73 -19.86
N ILE C 56 58.68 -5.19 -20.13
CA ILE C 56 57.83 -4.64 -21.19
C ILE C 56 56.52 -4.12 -20.59
N ILE C 57 56.01 -4.96 -19.69
CA ILE C 57 54.82 -4.69 -18.90
C ILE C 57 55.20 -4.75 -17.42
N LYS C 58 54.81 -3.73 -16.66
CA LYS C 58 55.12 -3.64 -15.24
C LYS C 58 53.88 -3.73 -14.39
N PRO C 59 53.87 -4.76 -13.54
CA PRO C 59 52.66 -5.14 -12.81
C PRO C 59 52.20 -4.05 -11.88
N ASN C 60 50.90 -3.78 -11.91
CA ASN C 60 50.35 -2.83 -10.99
C ASN C 60 50.42 -3.46 -9.62
N ASP C 61 50.72 -2.66 -8.61
CA ASP C 61 50.66 -3.14 -7.25
C ASP C 61 49.20 -3.41 -6.87
N MET C 62 48.29 -2.81 -7.64
CA MET C 62 46.85 -2.94 -7.40
C MET C 62 46.40 -4.40 -7.38
N LEU C 63 46.52 -5.06 -8.52
CA LEU C 63 46.13 -6.47 -8.63
C LEU C 63 46.91 -7.37 -7.67
N LYS C 64 48.15 -7.01 -7.39
CA LYS C 64 49.01 -7.83 -6.55
C LYS C 64 48.63 -7.77 -5.07
N SER C 65 48.14 -6.61 -4.63
CA SER C 65 47.85 -6.39 -3.22
C SER C 65 46.42 -6.79 -2.84
N PHE C 66 45.52 -6.79 -3.83
CA PHE C 66 44.12 -7.13 -3.61
C PHE C 66 44.00 -8.44 -2.83
N PRO C 67 43.21 -8.42 -1.74
CA PRO C 67 43.02 -9.55 -0.81
C PRO C 67 42.36 -10.77 -1.44
N GLY C 68 43.14 -11.55 -2.19
CA GLY C 68 42.65 -12.78 -2.80
C GLY C 68 41.25 -12.69 -3.36
N PRO C 69 40.60 -13.85 -3.57
CA PRO C 69 39.20 -13.87 -4.00
C PRO C 69 38.26 -13.52 -2.86
N LEU C 70 37.54 -12.42 -2.98
CA LEU C 70 36.51 -12.08 -2.00
C LEU C 70 35.43 -13.15 -2.07
N GLY C 71 34.66 -13.31 -1.00
CA GLY C 71 33.63 -14.32 -0.98
C GLY C 71 34.21 -15.67 -0.62
N SER C 72 35.43 -15.93 -1.09
CA SER C 72 36.20 -17.03 -0.54
C SER C 72 36.20 -16.75 0.95
N ALA C 73 35.76 -17.72 1.74
CA ALA C 73 35.45 -17.43 3.14
C ALA C 73 36.70 -17.42 4.05
N LYS C 74 37.87 -17.68 3.47
CA LYS C 74 39.12 -17.53 4.23
C LYS C 74 39.36 -16.04 4.33
N LEU C 75 38.37 -15.29 3.88
CA LEU C 75 38.44 -13.84 3.80
C LEU C 75 38.01 -13.19 5.10
N LYS C 76 38.76 -12.18 5.50
CA LYS C 76 38.38 -11.33 6.61
C LYS C 76 38.09 -9.93 6.08
N LYS C 77 36.91 -9.43 6.40
CA LYS C 77 36.49 -8.10 5.94
C LYS C 77 37.50 -7.03 6.34
N LYS C 78 38.44 -7.41 7.20
CA LYS C 78 39.51 -6.52 7.63
C LYS C 78 40.39 -6.12 6.47
N ASP C 79 41.15 -7.08 5.97
CA ASP C 79 42.11 -6.88 4.90
C ASP C 79 41.54 -6.01 3.80
N LEU C 80 40.27 -6.25 3.46
CA LEU C 80 39.63 -5.52 2.37
C LEU C 80 39.43 -4.04 2.69
N THR C 81 38.80 -3.75 3.82
CA THR C 81 38.53 -2.37 4.22
C THR C 81 39.82 -1.56 4.28
N LYS C 82 40.88 -2.18 4.79
CA LYS C 82 42.16 -1.51 4.88
C LYS C 82 42.79 -1.36 3.49
N TRP C 83 42.65 -2.39 2.67
CA TRP C 83 43.20 -2.35 1.32
C TRP C 83 42.60 -1.23 0.48
N MET C 84 41.31 -0.98 0.65
CA MET C 84 40.64 0.11 -0.05
C MET C 84 41.18 1.47 0.41
N GLU C 85 41.33 1.63 1.72
CA GLU C 85 41.92 2.86 2.25
C GLU C 85 43.26 3.10 1.58
N THR C 86 44.17 2.13 1.71
CA THR C 86 45.50 2.22 1.14
C THR C 86 45.48 2.59 -0.33
N THR C 87 44.78 1.77 -1.12
CA THR C 87 44.70 1.95 -2.55
C THR C 87 44.19 3.35 -2.92
N ILE C 88 43.07 3.73 -2.32
CA ILE C 88 42.46 5.02 -2.58
C ILE C 88 43.40 6.18 -2.25
N LYS C 89 44.14 6.05 -1.15
CA LYS C 89 45.12 7.06 -0.77
C LYS C 89 46.21 7.17 -1.84
N SER C 90 46.91 6.07 -2.09
CA SER C 90 47.98 6.04 -3.07
C SER C 90 47.54 6.53 -4.44
N ILE C 91 46.37 6.10 -4.88
CA ILE C 91 45.86 6.45 -6.21
C ILE C 91 45.64 7.96 -6.37
N SER C 92 44.86 8.54 -5.47
CA SER C 92 44.55 9.96 -5.54
C SER C 92 45.78 10.81 -5.29
N GLU C 93 46.62 10.38 -4.35
CA GLU C 93 47.82 11.12 -4.02
C GLU C 93 48.77 11.17 -5.21
N ASN C 94 48.99 10.01 -5.83
CA ASN C 94 49.90 9.91 -6.98
C ASN C 94 49.31 10.47 -8.26
N GLU C 95 47.98 10.55 -8.33
CA GLU C 95 47.29 11.07 -9.51
C GLU C 95 46.05 11.83 -9.10
N SER C 96 46.23 13.09 -8.73
CA SER C 96 45.14 13.91 -8.19
C SER C 96 43.92 14.00 -9.10
N SER C 97 44.15 13.95 -10.42
CA SER C 97 43.08 14.16 -11.40
C SER C 97 42.06 13.02 -11.45
N THR C 98 42.45 11.84 -10.97
CA THR C 98 41.58 10.66 -11.02
C THR C 98 40.29 10.85 -10.21
N ASP C 99 39.16 10.68 -10.87
CA ASP C 99 37.84 10.76 -10.24
C ASP C 99 37.63 9.56 -9.32
N MET C 100 37.46 9.83 -8.03
CA MET C 100 37.43 8.78 -7.02
C MET C 100 36.03 8.46 -6.52
N THR C 101 35.02 9.04 -7.16
CA THR C 101 33.63 8.82 -6.77
C THR C 101 33.29 7.35 -6.55
N ILE C 102 33.48 6.54 -7.59
CA ILE C 102 33.17 5.12 -7.53
C ILE C 102 33.97 4.39 -6.48
N TRP C 103 35.27 4.69 -6.41
CA TRP C 103 36.12 4.13 -5.37
C TRP C 103 35.50 4.35 -3.99
N GLN C 104 35.23 5.61 -3.69
CA GLN C 104 34.75 6.00 -2.37
C GLN C 104 33.32 5.54 -2.10
N LEU C 105 32.51 5.47 -3.15
CA LEU C 105 31.14 5.00 -3.02
C LEU C 105 31.12 3.54 -2.58
N LEU C 106 31.90 2.71 -3.28
CA LEU C 106 32.00 1.30 -2.93
C LEU C 106 32.56 1.09 -1.53
N GLU C 107 33.47 1.97 -1.12
CA GLU C 107 34.05 1.90 0.22
C GLU C 107 32.97 2.11 1.28
N MET C 108 32.15 3.15 1.09
CA MET C 108 31.04 3.42 2.00
C MET C 108 30.14 2.21 2.14
N LYS C 109 29.63 1.72 1.03
CA LYS C 109 28.68 0.62 1.02
C LYS C 109 29.30 -0.62 1.66
N LEU C 110 30.62 -0.70 1.62
CA LEU C 110 31.33 -1.82 2.21
C LEU C 110 31.33 -1.71 3.73
N ASN C 111 31.12 -0.49 4.24
CA ASN C 111 31.28 -0.21 5.67
C ASN C 111 29.99 -0.30 6.51
N ASP C 112 28.82 -0.35 5.88
CA ASP C 112 27.56 -0.39 6.62
C ASP C 112 27.26 0.94 7.32
N LYS C 113 28.23 1.84 7.28
CA LYS C 113 28.07 3.17 7.84
C LYS C 113 27.36 4.06 6.82
N VAL C 114 26.38 3.48 6.13
CA VAL C 114 25.78 4.11 4.97
C VAL C 114 24.57 4.98 5.28
N ASN C 115 24.80 6.29 5.42
CA ASN C 115 23.70 7.25 5.53
C ASN C 115 23.52 7.96 4.20
N TRP C 116 22.27 8.09 3.76
CA TRP C 116 21.97 8.77 2.50
C TRP C 116 22.68 10.12 2.43
N LYS C 117 22.67 10.85 3.53
CA LYS C 117 23.33 12.15 3.58
C LYS C 117 24.81 12.05 3.22
N ASN C 118 25.46 10.98 3.67
CA ASN C 118 26.88 10.79 3.40
C ASN C 118 27.12 10.49 1.93
N ILE C 119 26.29 9.61 1.37
CA ILE C 119 26.34 9.28 -0.05
C ILE C 119 26.12 10.54 -0.90
N SER C 120 25.13 11.34 -0.51
CA SER C 120 24.85 12.60 -1.18
C SER C 120 26.05 13.54 -1.18
N LYS C 121 26.64 13.75 0.01
CA LYS C 121 27.74 14.71 0.15
C LYS C 121 28.97 14.26 -0.62
N LEU C 122 29.06 12.96 -0.90
CA LEU C 122 30.14 12.40 -1.71
C LEU C 122 29.97 12.77 -3.18
N LEU C 123 28.73 12.67 -3.67
CA LEU C 123 28.43 13.05 -5.05
C LEU C 123 28.60 14.56 -5.27
N TYR C 124 28.01 15.34 -4.38
CA TYR C 124 28.14 16.78 -4.44
C TYR C 124 28.11 17.34 -3.03
N ASN C 125 29.05 18.22 -2.71
CA ASN C 125 29.14 18.77 -1.38
C ASN C 125 28.31 20.04 -1.21
N SER C 126 27.16 19.91 -0.55
CA SER C 126 26.21 21.00 -0.43
C SER C 126 26.71 22.12 0.47
N ASP C 127 27.79 21.85 1.22
CA ASP C 127 28.31 22.81 2.17
C ASP C 127 28.69 24.16 1.54
N GLU C 128 29.11 24.12 0.27
CA GLU C 128 29.44 25.34 -0.45
C GLU C 128 28.24 26.30 -0.51
N LEU C 129 27.04 25.75 -0.32
CA LEU C 129 25.82 26.53 -0.39
C LEU C 129 25.46 27.17 0.96
N LEU C 130 25.93 26.56 2.04
CA LEU C 130 25.57 26.99 3.39
C LEU C 130 25.99 28.43 3.69
N MET C 131 27.08 28.86 3.07
CA MET C 131 27.54 30.23 3.21
C MET C 131 26.58 31.21 2.53
N TYR C 132 26.22 30.90 1.28
CA TYR C 132 25.26 31.71 0.54
C TYR C 132 23.92 31.85 1.29
N LEU C 133 23.52 30.77 1.96
CA LEU C 133 22.25 30.77 2.68
C LEU C 133 22.32 31.62 3.94
N SER C 134 23.47 31.61 4.61
CA SER C 134 23.66 32.37 5.84
C SER C 134 23.73 33.87 5.54
N GLN C 135 23.83 34.21 4.27
CA GLN C 135 23.95 35.61 3.86
C GLN C 135 22.68 36.39 4.15
N PRO C 136 22.83 37.69 4.44
CA PRO C 136 21.74 38.64 4.70
C PRO C 136 20.75 38.69 3.55
N PHE C 137 19.46 38.69 3.86
CA PHE C 137 18.45 38.74 2.82
C PHE C 137 17.41 39.83 3.08
N PRO C 138 17.18 40.70 2.08
CA PRO C 138 16.20 41.77 2.14
C PRO C 138 14.79 41.24 2.35
N ASN C 139 14.21 41.53 3.50
CA ASN C 139 12.87 41.09 3.81
C ASN C 139 11.89 42.26 3.74
N GLY C 140 11.95 43.00 2.64
CA GLY C 140 11.06 44.12 2.43
C GLY C 140 9.77 43.72 1.73
N ASP C 141 8.67 44.33 2.14
CA ASP C 141 7.36 44.09 1.51
C ASP C 141 7.45 44.30 0.01
N MET C 142 6.77 43.45 -0.76
CA MET C 142 6.93 43.45 -2.22
C MET C 142 5.67 43.83 -2.97
N ILE C 143 5.85 44.37 -4.18
CA ILE C 143 4.73 44.60 -5.08
C ILE C 143 4.26 43.28 -5.65
N PRO C 144 2.98 43.21 -6.05
CA PRO C 144 2.36 42.00 -6.61
C PRO C 144 2.96 41.64 -7.97
N ASN C 145 3.38 40.39 -8.12
CA ASN C 145 3.99 39.93 -9.37
C ASN C 145 3.42 38.59 -9.81
N ALA C 146 2.41 38.12 -9.10
CA ALA C 146 1.77 36.85 -9.42
C ALA C 146 0.26 37.07 -9.50
N TYR C 147 -0.47 35.99 -9.73
CA TYR C 147 -1.92 36.09 -9.84
C TYR C 147 -2.66 35.21 -8.85
N ARG C 148 -3.91 35.56 -8.60
CA ARG C 148 -4.71 34.93 -7.57
C ARG C 148 -6.19 35.14 -7.89
N LEU C 149 -6.97 34.07 -7.78
CA LEU C 149 -8.39 34.14 -8.08
C LEU C 149 -9.12 35.18 -7.22
N ASP C 150 -9.96 35.99 -7.87
CA ASP C 150 -10.81 36.94 -7.16
C ASP C 150 -12.05 36.22 -6.62
N ILE C 151 -12.89 36.96 -5.90
CA ILE C 151 -14.08 36.35 -5.32
C ILE C 151 -14.92 35.63 -6.38
N ASN C 152 -15.16 36.28 -7.50
CA ASN C 152 -15.92 35.67 -8.59
C ASN C 152 -15.37 34.31 -8.99
N CYS C 153 -14.15 34.29 -9.52
CA CYS C 153 -13.51 33.05 -9.95
C CYS C 153 -13.47 32.04 -8.82
N GLN C 154 -13.20 32.51 -7.61
CA GLN C 154 -13.17 31.65 -6.45
C GLN C 154 -14.50 30.93 -6.26
N MET C 155 -15.60 31.66 -6.43
CA MET C 155 -16.93 31.05 -6.37
C MET C 155 -17.13 30.02 -7.48
N ARG C 156 -16.68 30.37 -8.69
CA ARG C 156 -16.79 29.46 -9.82
C ARG C 156 -16.12 28.13 -9.54
N VAL C 157 -14.90 28.20 -9.00
CA VAL C 157 -14.14 27.00 -8.68
C VAL C 157 -14.88 26.13 -7.68
N LEU C 158 -15.44 26.76 -6.65
CA LEU C 158 -16.19 26.00 -5.66
C LEU C 158 -17.40 25.33 -6.31
N ALA C 159 -18.18 26.10 -7.06
CA ALA C 159 -19.32 25.55 -7.76
C ALA C 159 -18.92 24.40 -8.69
N PHE C 160 -17.79 24.56 -9.36
CA PHE C 160 -17.27 23.53 -10.24
C PHE C 160 -17.02 22.24 -9.45
N LEU C 161 -16.42 22.39 -8.28
CA LEU C 161 -16.12 21.24 -7.43
C LEU C 161 -17.39 20.63 -6.84
N GLN C 162 -18.36 21.48 -6.50
CA GLN C 162 -19.63 21.00 -5.98
C GLN C 162 -20.39 20.20 -7.02
N THR C 163 -19.99 20.34 -8.28
CA THR C 163 -20.65 19.60 -9.37
C THR C 163 -19.77 18.47 -9.88
N GLY C 164 -18.61 18.29 -9.25
CA GLY C 164 -17.70 17.21 -9.59
C GLY C 164 -16.84 17.46 -10.80
N ASN C 165 -16.73 18.73 -11.21
CA ASN C 165 -16.02 19.09 -12.43
C ASN C 165 -14.57 19.48 -12.19
N HIS C 166 -13.71 18.49 -12.04
CA HIS C 166 -12.29 18.73 -11.80
C HIS C 166 -11.64 19.45 -12.97
N ASP C 167 -11.91 18.94 -14.17
CA ASP C 167 -11.26 19.45 -15.36
C ASP C 167 -11.58 20.93 -15.58
N GLU C 168 -12.83 21.30 -15.41
CA GLU C 168 -13.23 22.68 -15.63
C GLU C 168 -12.67 23.59 -14.55
N ALA C 169 -12.57 23.06 -13.33
CA ALA C 169 -12.01 23.79 -12.22
C ALA C 169 -10.53 24.10 -12.44
N LEU C 170 -9.78 23.09 -12.90
CA LEU C 170 -8.36 23.27 -13.16
C LEU C 170 -8.10 24.22 -14.31
N ARG C 171 -8.86 24.05 -15.39
CA ARG C 171 -8.72 24.90 -16.57
C ARG C 171 -8.89 26.37 -16.20
N LEU C 172 -9.84 26.64 -15.32
CA LEU C 172 -10.09 28.01 -14.89
C LEU C 172 -8.96 28.56 -14.02
N ALA C 173 -8.44 27.74 -13.12
CA ALA C 173 -7.36 28.16 -12.24
C ALA C 173 -6.08 28.43 -13.01
N LEU C 174 -5.84 27.65 -14.07
CA LEU C 174 -4.65 27.83 -14.88
C LEU C 174 -4.78 29.05 -15.81
N SER C 175 -5.98 29.30 -16.30
CA SER C 175 -6.18 30.41 -17.22
C SER C 175 -6.11 31.76 -16.51
N LYS C 176 -6.19 31.73 -15.17
CA LYS C 176 -6.07 32.94 -14.38
C LYS C 176 -4.73 32.93 -13.68
N ARG C 177 -3.91 31.94 -14.02
CA ARG C 177 -2.54 31.82 -13.52
C ARG C 177 -2.45 31.74 -12.00
N ASP C 178 -3.47 31.16 -11.38
CA ASP C 178 -3.43 30.94 -9.93
C ASP C 178 -2.96 29.52 -9.65
N TYR C 179 -1.66 29.35 -9.50
CA TYR C 179 -1.08 28.02 -9.42
C TYR C 179 -1.25 27.36 -8.07
N ALA C 180 -1.68 28.13 -7.07
CA ALA C 180 -1.94 27.57 -5.75
C ALA C 180 -3.14 26.62 -5.81
N ILE C 181 -4.31 27.15 -6.15
CA ILE C 181 -5.51 26.33 -6.27
C ILE C 181 -5.34 25.32 -7.39
N ALA C 182 -4.56 25.69 -8.40
CA ALA C 182 -4.30 24.77 -9.49
C ALA C 182 -3.71 23.50 -8.90
N LEU C 183 -2.70 23.67 -8.05
CA LEU C 183 -2.06 22.55 -7.37
C LEU C 183 -3.06 21.77 -6.50
N LEU C 184 -3.84 22.50 -5.71
CA LEU C 184 -4.89 21.91 -4.89
C LEU C 184 -5.85 21.06 -5.71
N VAL C 185 -6.51 21.69 -6.68
CA VAL C 185 -7.43 20.96 -7.54
C VAL C 185 -6.70 19.78 -8.18
N GLY C 186 -5.49 20.02 -8.66
CA GLY C 186 -4.69 18.99 -9.28
C GLY C 186 -4.46 17.76 -8.40
N SER C 187 -4.41 17.98 -7.09
CA SER C 187 -4.16 16.86 -6.18
C SER C 187 -5.36 15.92 -6.11
N LEU C 188 -6.55 16.43 -6.46
CA LEU C 188 -7.75 15.62 -6.48
C LEU C 188 -7.83 14.77 -7.74
N MET C 189 -6.87 14.93 -8.63
CA MET C 189 -6.96 14.34 -9.97
C MET C 189 -5.84 13.36 -10.32
N GLY C 190 -4.87 13.19 -9.42
CA GLY C 190 -3.79 12.25 -9.67
C GLY C 190 -2.47 12.92 -9.99
N LYS C 191 -1.38 12.16 -9.84
CA LYS C 191 -0.04 12.68 -10.02
C LYS C 191 0.18 13.32 -11.39
N ASP C 192 -0.57 12.84 -12.38
CA ASP C 192 -0.39 13.26 -13.76
C ASP C 192 -0.55 14.77 -13.95
N ARG C 193 -1.76 15.26 -13.69
CA ARG C 193 -2.03 16.69 -13.89
C ARG C 193 -1.36 17.53 -12.82
N TRP C 194 -1.14 16.94 -11.65
CA TRP C 194 -0.35 17.59 -10.61
C TRP C 194 0.98 18.04 -11.20
N SER C 195 1.66 17.11 -11.88
CA SER C 195 2.94 17.40 -12.51
C SER C 195 2.84 18.52 -13.53
N GLU C 196 1.82 18.46 -14.38
CA GLU C 196 1.63 19.46 -15.43
C GLU C 196 1.50 20.87 -14.83
N VAL C 197 0.83 20.96 -13.68
CA VAL C 197 0.68 22.23 -12.99
C VAL C 197 2.05 22.74 -12.52
N ILE C 198 2.88 21.84 -12.02
CA ILE C 198 4.22 22.20 -11.58
C ILE C 198 5.01 22.84 -12.72
N GLN C 199 4.95 22.22 -13.88
CA GLN C 199 5.65 22.71 -15.05
C GLN C 199 5.18 24.11 -15.42
N LYS C 200 3.86 24.28 -15.50
CA LYS C 200 3.29 25.56 -15.92
C LYS C 200 3.68 26.67 -14.94
N TYR C 201 3.69 26.35 -13.65
CA TYR C 201 4.06 27.34 -12.65
C TYR C 201 5.52 27.76 -12.79
N LEU C 202 6.40 26.79 -12.98
CA LEU C 202 7.83 27.08 -13.09
C LEU C 202 8.20 27.77 -14.40
N TYR C 203 7.68 27.26 -15.51
CA TYR C 203 8.12 27.68 -16.84
C TYR C 203 7.27 28.79 -17.47
N GLU C 204 6.15 29.13 -16.85
CA GLU C 204 5.29 30.18 -17.38
C GLU C 204 6.07 31.48 -17.58
N GLY C 205 6.93 31.80 -16.61
CA GLY C 205 7.74 33.00 -16.68
C GLY C 205 8.21 33.45 -15.31
N LYS C 214 15.79 29.88 -14.54
CA LYS C 214 16.34 29.25 -15.75
C LYS C 214 16.48 27.75 -15.55
N GLU C 215 17.73 27.30 -15.49
CA GLU C 215 18.07 25.98 -14.98
C GLU C 215 17.43 25.76 -13.60
N LEU C 216 17.12 26.86 -12.92
CA LEU C 216 16.44 26.79 -11.63
C LEU C 216 15.19 25.92 -11.73
N ALA C 217 14.35 26.23 -12.72
CA ALA C 217 13.10 25.52 -12.91
C ALA C 217 13.32 24.03 -13.12
N HIS C 218 14.31 23.70 -13.95
CA HIS C 218 14.60 22.30 -14.24
C HIS C 218 14.85 21.53 -12.97
N PHE C 219 15.69 22.09 -12.11
CA PHE C 219 16.10 21.41 -10.90
C PHE C 219 14.91 21.23 -9.96
N LEU C 220 14.21 22.31 -9.66
CA LEU C 220 13.04 22.26 -8.78
C LEU C 220 12.00 21.28 -9.32
N LEU C 221 11.73 21.38 -10.62
CA LEU C 221 10.75 20.52 -11.26
C LEU C 221 11.08 19.05 -11.01
N LEU C 222 12.33 18.68 -11.21
CA LEU C 222 12.73 17.29 -11.06
C LEU C 222 12.57 16.78 -9.63
N ILE C 223 13.04 17.56 -8.66
CA ILE C 223 12.92 17.19 -7.26
C ILE C 223 11.49 16.93 -6.84
N PHE C 224 10.57 17.79 -7.28
CA PHE C 224 9.16 17.63 -6.95
C PHE C 224 8.52 16.48 -7.71
N GLN C 225 9.03 16.19 -8.90
CA GLN C 225 8.50 15.08 -9.69
C GLN C 225 8.86 13.75 -9.03
N VAL C 226 10.10 13.65 -8.58
CA VAL C 226 10.61 12.41 -8.01
C VAL C 226 9.79 11.95 -6.81
N PHE C 227 9.51 12.86 -5.90
CA PHE C 227 8.81 12.50 -4.67
C PHE C 227 7.30 12.49 -4.85
N VAL C 228 6.87 12.30 -6.10
CA VAL C 228 5.45 12.19 -6.41
C VAL C 228 5.21 10.91 -7.23
N GLY C 229 6.27 10.41 -7.83
CA GLY C 229 6.21 9.18 -8.61
C GLY C 229 6.30 9.42 -10.10
N ASN C 230 6.63 10.66 -10.47
CA ASN C 230 6.72 11.03 -11.87
C ASN C 230 8.16 11.11 -12.38
N SER C 231 9.06 10.41 -11.74
CA SER C 231 10.45 10.40 -12.17
C SER C 231 10.56 9.88 -13.61
N LYS C 232 9.76 8.89 -13.95
CA LYS C 232 9.73 8.37 -15.31
C LYS C 232 9.38 9.49 -16.28
N MET C 233 8.26 10.15 -16.02
CA MET C 233 7.81 11.29 -16.82
C MET C 233 8.87 12.38 -16.86
N ALA C 234 9.30 12.82 -15.68
CA ALA C 234 10.27 13.90 -15.55
C ALA C 234 11.51 13.67 -16.39
N ILE C 235 12.07 12.47 -16.30
CA ILE C 235 13.30 12.13 -17.01
C ILE C 235 13.07 11.92 -18.50
N LYS C 236 11.92 11.34 -18.87
CA LYS C 236 11.60 11.13 -20.27
C LYS C 236 11.59 12.44 -21.04
N SER C 237 11.40 13.55 -20.32
CA SER C 237 11.37 14.87 -20.92
C SER C 237 12.73 15.27 -21.49
N PHE C 238 13.79 14.88 -20.80
CA PHE C 238 15.14 15.18 -21.25
C PHE C 238 15.36 14.76 -22.71
N TYR C 239 15.01 13.51 -23.02
CA TYR C 239 15.24 12.95 -24.34
C TYR C 239 14.81 13.88 -25.47
N THR C 240 13.72 14.61 -25.24
CA THR C 240 13.14 15.46 -26.28
C THR C 240 13.75 16.86 -26.32
N ASN C 241 14.28 17.32 -25.19
CA ASN C 241 14.88 18.66 -25.13
C ASN C 241 16.40 18.63 -24.99
N ASN C 242 17.09 18.94 -26.08
CA ASN C 242 18.55 18.94 -26.13
C ASN C 242 19.17 19.95 -25.16
N GLU C 243 18.43 21.01 -24.85
CA GLU C 243 18.91 22.03 -23.92
C GLU C 243 18.88 21.55 -22.48
N THR C 244 17.83 20.81 -22.13
CA THR C 244 17.67 20.32 -20.77
C THR C 244 18.39 19.00 -20.56
N SER C 245 18.66 18.28 -21.63
CA SER C 245 19.39 17.03 -21.53
C SER C 245 20.87 17.29 -21.30
N GLN C 246 21.39 18.34 -21.93
CA GLN C 246 22.77 18.74 -21.74
C GLN C 246 22.96 19.18 -20.29
N TRP C 247 21.98 19.89 -19.76
CA TRP C 247 22.03 20.32 -18.36
C TRP C 247 22.02 19.13 -17.42
N ALA C 248 21.10 18.19 -17.67
CA ALA C 248 20.94 17.02 -16.81
C ALA C 248 22.18 16.15 -16.78
N SER C 249 22.78 15.92 -17.93
CA SER C 249 23.95 15.05 -18.03
C SER C 249 25.19 15.75 -17.49
N GLU C 250 25.20 17.08 -17.58
CA GLU C 250 26.34 17.86 -17.10
C GLU C 250 26.31 18.04 -15.58
N ASN C 251 25.11 18.02 -14.99
CA ASN C 251 24.96 18.24 -13.56
C ASN C 251 24.37 17.05 -12.79
N TRP C 252 24.52 15.86 -13.34
CA TRP C 252 23.91 14.66 -12.74
C TRP C 252 24.32 14.45 -11.29
N LYS C 253 25.55 14.83 -10.95
CA LYS C 253 26.06 14.63 -9.60
C LYS C 253 25.26 15.38 -8.54
N SER C 254 25.04 16.67 -8.77
CA SER C 254 24.30 17.51 -7.83
C SER C 254 22.81 17.19 -7.83
N ILE C 255 22.31 16.71 -8.97
CA ILE C 255 20.91 16.32 -9.09
C ILE C 255 20.59 15.13 -8.20
N VAL C 256 21.33 14.04 -8.40
CA VAL C 256 21.14 12.85 -7.58
C VAL C 256 21.36 13.18 -6.10
N ALA C 257 22.36 14.00 -5.82
CA ALA C 257 22.68 14.38 -4.44
C ALA C 257 21.53 15.13 -3.78
N ALA C 258 20.83 15.96 -4.56
CA ALA C 258 19.67 16.68 -4.05
C ALA C 258 18.56 15.72 -3.67
N VAL C 259 18.32 14.73 -4.53
CA VAL C 259 17.28 13.73 -4.26
C VAL C 259 17.58 12.92 -3.00
N LEU C 260 18.80 12.42 -2.90
CA LEU C 260 19.17 11.55 -1.78
C LEU C 260 19.09 12.27 -0.45
N ILE C 261 19.54 13.52 -0.41
CA ILE C 261 19.58 14.28 0.83
C ILE C 261 18.19 14.69 1.30
N ASN C 262 17.20 14.53 0.43
CA ASN C 262 15.82 14.86 0.76
C ASN C 262 14.97 13.63 1.09
N ILE C 263 15.64 12.48 1.20
CA ILE C 263 14.95 11.27 1.59
C ILE C 263 14.59 11.29 3.06
N PRO C 264 13.31 11.03 3.36
CA PRO C 264 12.81 10.89 4.74
C PRO C 264 13.62 9.82 5.48
N GLU C 265 14.27 10.22 6.56
CA GLU C 265 15.03 9.27 7.36
C GLU C 265 14.11 8.29 8.08
N ASN C 266 14.31 6.99 7.83
CA ASN C 266 13.55 5.95 8.52
C ASN C 266 14.45 5.12 9.44
N ASN C 267 14.35 5.36 10.74
CA ASN C 267 15.19 4.67 11.71
C ASN C 267 15.04 3.16 11.66
N GLU C 268 13.80 2.69 11.50
CA GLU C 268 13.53 1.26 11.40
C GLU C 268 14.41 0.63 10.32
N ASP C 269 14.20 1.05 9.07
CA ASP C 269 15.02 0.58 7.97
C ASP C 269 15.69 1.76 7.28
N PRO C 270 17.01 1.91 7.50
CA PRO C 270 17.80 3.02 6.95
C PRO C 270 18.36 2.72 5.57
N LEU C 271 18.60 1.44 5.28
CA LEU C 271 19.24 1.03 4.04
C LEU C 271 18.25 0.75 2.90
N LEU C 272 16.97 0.67 3.24
CA LEU C 272 15.93 0.47 2.22
C LEU C 272 15.72 1.75 1.42
N ILE C 273 15.50 1.59 0.12
CA ILE C 273 15.33 2.75 -0.76
C ILE C 273 13.87 2.97 -1.14
N PRO C 274 13.38 4.20 -0.94
CA PRO C 274 12.03 4.56 -1.37
C PRO C 274 11.81 4.14 -2.83
N PRO C 275 10.71 3.43 -3.10
CA PRO C 275 10.43 2.93 -4.45
C PRO C 275 10.54 4.02 -5.51
N VAL C 276 10.01 5.21 -5.22
CA VAL C 276 10.04 6.31 -6.18
C VAL C 276 11.46 6.83 -6.39
N VAL C 277 12.33 6.60 -5.42
CA VAL C 277 13.72 7.01 -5.55
C VAL C 277 14.52 5.95 -6.30
N LEU C 278 14.15 4.69 -6.10
CA LEU C 278 14.77 3.59 -6.82
C LEU C 278 14.45 3.71 -8.31
N GLU C 279 13.18 4.01 -8.60
CA GLU C 279 12.74 4.20 -9.97
C GLU C 279 13.56 5.30 -10.64
N PHE C 280 13.69 6.43 -9.97
CA PHE C 280 14.45 7.57 -10.49
C PHE C 280 15.90 7.22 -10.82
N LEU C 281 16.57 6.51 -9.91
CA LEU C 281 17.97 6.16 -10.10
C LEU C 281 18.14 5.34 -11.37
N ILE C 282 17.35 4.29 -11.51
CA ILE C 282 17.43 3.43 -12.69
C ILE C 282 17.10 4.19 -13.97
N GLU C 283 16.00 4.94 -13.95
CA GLU C 283 15.62 5.73 -15.12
C GLU C 283 16.72 6.75 -15.47
N PHE C 284 17.28 7.38 -14.45
CA PHE C 284 18.33 8.37 -14.66
C PHE C 284 19.60 7.71 -15.17
N GLY C 285 19.90 6.53 -14.65
CA GLY C 285 21.06 5.79 -15.11
C GLY C 285 20.95 5.45 -16.58
N ILE C 286 19.84 4.80 -16.94
CA ILE C 286 19.53 4.48 -18.32
C ILE C 286 19.84 5.65 -19.26
N PHE C 287 19.32 6.82 -18.92
CA PHE C 287 19.54 8.03 -19.69
C PHE C 287 21.02 8.34 -19.84
N LEU C 288 21.76 8.28 -18.74
CA LEU C 288 23.20 8.56 -18.78
C LEU C 288 23.93 7.59 -19.70
N THR C 289 23.59 6.31 -19.60
CA THR C 289 24.15 5.30 -20.49
C THR C 289 23.90 5.67 -21.95
N LYS C 290 22.69 6.14 -22.22
CA LYS C 290 22.30 6.50 -23.58
C LYS C 290 23.17 7.64 -24.11
N LYS C 291 23.83 8.35 -23.20
CA LYS C 291 24.75 9.41 -23.60
C LYS C 291 26.22 9.05 -23.34
N GLY C 292 26.49 7.75 -23.25
CA GLY C 292 27.84 7.25 -23.16
C GLY C 292 28.55 7.57 -21.86
N LEU C 293 27.79 8.01 -20.86
CA LEU C 293 28.35 8.28 -19.54
C LEU C 293 28.28 7.02 -18.70
N THR C 294 28.97 5.98 -19.14
CA THR C 294 28.91 4.68 -18.50
C THR C 294 29.33 4.74 -17.03
N ALA C 295 30.33 5.57 -16.74
CA ALA C 295 30.83 5.73 -15.37
C ALA C 295 29.75 6.32 -14.46
N ALA C 296 29.17 7.43 -14.90
CA ALA C 296 28.09 8.08 -14.18
C ALA C 296 26.92 7.13 -13.97
N ALA C 297 26.55 6.41 -15.03
CA ALA C 297 25.45 5.45 -14.96
C ALA C 297 25.73 4.38 -13.92
N SER C 298 26.94 3.84 -13.94
CA SER C 298 27.34 2.83 -12.96
C SER C 298 27.29 3.36 -11.53
N THR C 299 27.55 4.65 -11.35
CA THR C 299 27.47 5.25 -10.03
C THR C 299 26.05 5.15 -9.48
N LEU C 300 25.07 5.47 -10.32
CA LEU C 300 23.67 5.40 -9.92
C LEU C 300 23.21 3.97 -9.75
N PHE C 301 23.58 3.10 -10.69
CA PHE C 301 23.21 1.70 -10.63
C PHE C 301 23.67 1.05 -9.31
N ILE C 302 24.82 1.51 -8.82
CA ILE C 302 25.37 1.01 -7.56
C ILE C 302 24.54 1.48 -6.37
N ILE C 303 24.26 2.76 -6.32
CA ILE C 303 23.49 3.33 -5.22
C ILE C 303 22.12 2.66 -5.10
N GLY C 304 21.51 2.38 -6.25
CA GLY C 304 20.20 1.74 -6.26
C GLY C 304 20.29 0.26 -5.98
N ASN C 305 21.52 -0.25 -5.90
CA ASN C 305 21.77 -1.66 -5.68
C ASN C 305 21.31 -2.55 -6.83
N VAL C 306 21.51 -2.07 -8.05
CA VAL C 306 21.18 -2.85 -9.24
C VAL C 306 22.16 -4.01 -9.39
N PRO C 307 21.63 -5.23 -9.51
CA PRO C 307 22.47 -6.42 -9.65
C PRO C 307 23.23 -6.44 -10.97
N LEU C 308 24.41 -7.05 -10.97
CA LEU C 308 25.20 -7.22 -12.20
C LEU C 308 24.69 -8.43 -12.99
N SER C 309 24.10 -8.18 -14.15
CA SER C 309 23.57 -9.25 -14.98
C SER C 309 23.31 -8.78 -16.40
N ASN C 310 22.91 -9.71 -17.26
CA ASN C 310 22.68 -9.43 -18.67
C ASN C 310 21.24 -9.02 -18.96
N GLU C 311 20.32 -9.43 -18.08
CA GLU C 311 18.92 -9.06 -18.22
C GLU C 311 18.74 -7.55 -18.06
N PRO C 312 18.22 -6.88 -19.11
CA PRO C 312 18.02 -5.43 -19.10
C PRO C 312 17.43 -4.94 -17.78
N VAL C 313 18.19 -4.14 -17.06
CA VAL C 313 17.80 -3.66 -15.73
C VAL C 313 16.36 -3.18 -15.69
N MET C 314 15.94 -2.49 -16.74
CA MET C 314 14.58 -1.97 -16.84
C MET C 314 13.87 -2.61 -18.03
N ALA C 315 12.61 -3.00 -17.82
CA ALA C 315 11.85 -3.69 -18.85
C ALA C 315 11.60 -2.82 -20.08
N ASP C 316 11.27 -1.55 -19.86
CA ASP C 316 10.90 -0.66 -20.95
C ASP C 316 12.09 -0.26 -21.83
N SER C 317 13.30 -0.65 -21.42
CA SER C 317 14.51 -0.30 -22.16
C SER C 317 15.46 -1.48 -22.28
N ASP C 318 16.48 -1.33 -23.11
CA ASP C 318 17.42 -2.42 -23.38
C ASP C 318 18.69 -2.32 -22.54
N VAL C 319 18.97 -1.13 -22.03
CA VAL C 319 20.19 -0.88 -21.26
C VAL C 319 20.40 -1.95 -20.20
N ILE C 320 21.61 -2.53 -20.18
CA ILE C 320 21.95 -3.53 -19.18
C ILE C 320 23.11 -3.08 -18.30
N PHE C 321 23.20 -3.66 -17.11
CA PHE C 321 24.29 -3.39 -16.19
C PHE C 321 25.20 -4.61 -16.12
N GLU C 322 26.18 -4.67 -17.01
CA GLU C 322 27.02 -5.85 -17.12
C GLU C 322 28.28 -5.75 -16.27
N SER C 323 28.82 -4.55 -16.13
CA SER C 323 30.02 -4.34 -15.35
C SER C 323 30.25 -2.87 -15.08
N ILE C 324 30.80 -2.57 -13.91
CA ILE C 324 31.15 -1.22 -13.52
C ILE C 324 32.30 -0.73 -14.40
N GLY C 325 31.98 0.14 -15.35
CA GLY C 325 32.98 0.61 -16.31
C GLY C 325 33.40 -0.49 -17.25
N ASN C 326 34.29 -0.15 -18.18
CA ASN C 326 34.75 -1.11 -19.18
C ASN C 326 35.32 -2.37 -18.56
N MET C 327 34.86 -3.51 -19.06
CA MET C 327 35.15 -4.81 -18.46
C MET C 327 36.63 -5.19 -18.50
N ASN C 328 37.35 -4.63 -19.45
CA ASN C 328 38.73 -5.05 -19.69
C ASN C 328 39.75 -4.34 -18.80
N THR C 329 39.26 -3.47 -17.94
CA THR C 329 40.15 -2.69 -17.08
C THR C 329 40.32 -3.35 -15.73
N PHE C 330 41.45 -3.08 -15.10
CA PHE C 330 41.73 -3.64 -13.79
C PHE C 330 40.75 -3.12 -12.74
N GLU C 331 40.45 -1.83 -12.80
CA GLU C 331 39.45 -1.24 -11.89
C GLU C 331 38.16 -2.04 -11.93
N SER C 332 37.67 -2.30 -13.14
CA SER C 332 36.44 -3.06 -13.33
C SER C 332 36.52 -4.45 -12.70
N ILE C 333 37.63 -5.13 -12.88
CA ILE C 333 37.80 -6.46 -12.30
C ILE C 333 37.59 -6.39 -10.79
N LEU C 334 38.31 -5.46 -10.15
CA LEU C 334 38.28 -5.32 -8.70
C LEU C 334 36.95 -4.76 -8.21
N TRP C 335 36.51 -3.66 -8.81
CA TRP C 335 35.23 -3.07 -8.45
C TRP C 335 34.13 -4.12 -8.52
N ASP C 336 34.07 -4.84 -9.63
CA ASP C 336 33.04 -5.85 -9.81
C ASP C 336 33.06 -6.91 -8.71
N GLU C 337 34.24 -7.35 -8.32
CA GLU C 337 34.32 -8.37 -7.28
C GLU C 337 33.97 -7.82 -5.90
N ILE C 338 34.37 -6.58 -5.65
CA ILE C 338 34.04 -5.90 -4.40
C ILE C 338 32.53 -5.69 -4.30
N TYR C 339 31.95 -5.21 -5.40
CA TYR C 339 30.51 -5.01 -5.47
C TYR C 339 29.77 -6.32 -5.20
N GLU C 340 30.35 -7.43 -5.67
CA GLU C 340 29.76 -8.74 -5.44
C GLU C 340 29.85 -9.12 -3.97
N TYR C 341 31.01 -8.88 -3.38
CA TYR C 341 31.21 -9.18 -1.96
C TYR C 341 30.17 -8.45 -1.11
N ILE C 342 29.88 -7.21 -1.46
CA ILE C 342 28.91 -6.42 -0.72
C ILE C 342 27.53 -7.07 -0.75
N PHE C 343 27.13 -7.57 -1.91
CA PHE C 343 25.87 -8.30 -2.04
C PHE C 343 25.89 -9.58 -1.22
N SER C 344 27.09 -10.09 -0.96
CA SER C 344 27.22 -11.40 -0.33
C SER C 344 26.76 -11.41 1.12
N TYR C 345 26.74 -10.23 1.74
CA TYR C 345 26.28 -10.10 3.13
C TYR C 345 25.00 -10.90 3.35
N ASP C 346 23.94 -10.53 2.63
CA ASP C 346 22.71 -11.30 2.67
C ASP C 346 23.02 -12.75 2.35
N PRO C 347 22.80 -13.64 3.32
CA PRO C 347 23.12 -15.07 3.17
C PRO C 347 22.34 -15.71 2.03
N LYS C 348 21.15 -15.16 1.75
CA LYS C 348 20.30 -15.69 0.68
C LYS C 348 20.94 -15.50 -0.69
N PHE C 349 21.72 -14.44 -0.84
CA PHE C 349 22.39 -14.10 -2.10
C PHE C 349 23.41 -15.15 -2.52
N LYS C 350 23.41 -15.49 -3.81
CA LYS C 350 24.27 -16.56 -4.32
C LYS C 350 25.10 -16.16 -5.55
N GLY C 351 26.04 -15.23 -5.36
CA GLY C 351 26.98 -14.84 -6.41
C GLY C 351 26.36 -14.29 -7.68
N PHE C 352 27.22 -13.81 -8.58
CA PHE C 352 26.79 -13.35 -9.89
C PHE C 352 27.29 -14.33 -10.95
N SER C 353 26.57 -14.42 -12.07
CA SER C 353 27.03 -15.25 -13.16
C SER C 353 27.69 -14.40 -14.25
N SER C 354 27.12 -13.23 -14.51
CA SER C 354 27.57 -12.41 -15.63
C SER C 354 29.04 -12.00 -15.51
N ILE C 355 29.61 -12.09 -14.31
CA ILE C 355 30.98 -11.67 -14.11
C ILE C 355 31.98 -12.82 -13.95
N LEU C 356 31.48 -14.05 -13.98
CA LEU C 356 32.37 -15.21 -13.91
C LEU C 356 33.47 -15.16 -14.98
N PRO C 357 33.09 -14.85 -16.23
CA PRO C 357 34.12 -14.68 -17.26
C PRO C 357 35.19 -13.69 -16.81
N GLN C 358 34.78 -12.58 -16.22
CA GLN C 358 35.74 -11.56 -15.78
C GLN C 358 36.68 -12.10 -14.71
N LYS C 359 36.17 -12.97 -13.85
CA LYS C 359 36.99 -13.59 -12.81
C LYS C 359 38.06 -14.49 -13.40
N ILE C 360 37.69 -15.27 -14.41
CA ILE C 360 38.64 -16.15 -15.09
C ILE C 360 39.70 -15.29 -15.78
N TYR C 361 39.24 -14.23 -16.43
CA TYR C 361 40.12 -13.26 -17.07
C TYR C 361 41.07 -12.64 -16.04
N HIS C 362 40.56 -12.49 -14.82
CA HIS C 362 41.36 -11.99 -13.70
C HIS C 362 42.50 -12.96 -13.42
N ALA C 363 42.14 -14.23 -13.24
CA ALA C 363 43.12 -15.29 -13.02
C ALA C 363 44.16 -15.35 -14.14
N SER C 364 43.69 -15.14 -15.37
CA SER C 364 44.59 -15.10 -16.53
C SER C 364 45.60 -13.96 -16.37
N LEU C 365 45.12 -12.80 -15.91
CA LEU C 365 45.99 -11.64 -15.72
C LEU C 365 47.05 -11.88 -14.65
N LEU C 366 46.72 -12.69 -13.66
CA LEU C 366 47.68 -13.06 -12.62
C LEU C 366 48.79 -13.94 -13.19
N GLN C 367 48.41 -14.86 -14.07
CA GLN C 367 49.38 -15.70 -14.75
C GLN C 367 50.43 -14.89 -15.50
N GLU C 368 49.97 -13.94 -16.31
CA GLU C 368 50.88 -13.12 -17.11
C GLU C 368 51.85 -12.33 -16.23
N GLN C 369 51.42 -11.99 -15.02
CA GLN C 369 52.27 -11.25 -14.10
C GLN C 369 53.04 -12.18 -13.17
N GLY C 370 53.15 -13.44 -13.57
CA GLY C 370 53.92 -14.42 -12.82
C GLY C 370 53.42 -14.66 -11.41
N LEU C 371 52.14 -14.37 -11.18
CA LEU C 371 51.54 -14.59 -9.87
C LEU C 371 50.75 -15.89 -9.83
N ASN C 372 51.44 -17.00 -10.08
CA ASN C 372 50.80 -18.32 -10.10
C ASN C 372 50.12 -18.68 -8.78
N SER C 373 50.66 -18.15 -7.69
CA SER C 373 50.13 -18.43 -6.36
C SER C 373 48.67 -18.01 -6.22
N LEU C 374 48.42 -16.71 -6.30
CA LEU C 374 47.06 -16.17 -6.25
C LEU C 374 46.23 -16.73 -7.40
N GLY C 375 46.91 -17.06 -8.50
CA GLY C 375 46.26 -17.59 -9.68
C GLY C 375 45.46 -18.84 -9.41
N THR C 376 46.08 -19.82 -8.76
CA THR C 376 45.41 -21.07 -8.44
C THR C 376 44.33 -20.86 -7.37
N LYS C 377 44.56 -19.91 -6.47
CA LYS C 377 43.54 -19.56 -5.47
C LYS C 377 42.24 -19.24 -6.17
N TYR C 378 42.34 -18.63 -7.34
CA TYR C 378 41.16 -18.26 -8.13
C TYR C 378 40.59 -19.43 -8.91
N THR C 379 41.44 -20.09 -9.69
CA THR C 379 40.98 -21.24 -10.48
C THR C 379 40.29 -22.27 -9.61
N ASP C 380 40.87 -22.53 -8.44
CA ASP C 380 40.28 -23.49 -7.51
C ASP C 380 38.92 -23.04 -7.04
N TYR C 381 38.83 -21.82 -6.50
CA TYR C 381 37.57 -21.27 -6.05
C TYR C 381 36.55 -21.25 -7.17
N LEU C 382 37.00 -20.84 -8.36
CA LEU C 382 36.12 -20.73 -9.52
C LEU C 382 35.60 -22.10 -9.96
N SER C 383 36.40 -23.14 -9.74
CA SER C 383 35.98 -24.50 -10.07
C SER C 383 34.71 -24.87 -9.32
N SER C 384 34.75 -24.78 -8.00
CA SER C 384 33.58 -25.06 -7.18
C SER C 384 32.44 -24.14 -7.58
N SER C 385 32.78 -22.90 -7.89
CA SER C 385 31.80 -21.89 -8.28
C SER C 385 31.06 -22.33 -9.54
N VAL C 386 31.79 -22.86 -10.51
CA VAL C 386 31.21 -23.29 -11.78
C VAL C 386 30.49 -24.63 -11.68
N ARG C 387 31.08 -25.56 -10.94
CA ARG C 387 30.48 -26.88 -10.77
C ARG C 387 29.13 -26.80 -10.07
N LYS C 388 28.84 -25.65 -9.46
CA LYS C 388 27.55 -25.42 -8.84
C LYS C 388 26.57 -24.81 -9.84
N LEU C 389 26.78 -25.15 -11.11
CA LEU C 389 25.90 -24.76 -12.20
C LEU C 389 25.48 -25.98 -12.99
N PRO C 390 24.36 -25.89 -13.70
CA PRO C 390 23.88 -27.01 -14.52
C PRO C 390 24.92 -27.42 -15.57
N LYS C 391 25.33 -28.68 -15.53
CA LYS C 391 26.37 -29.17 -16.45
C LYS C 391 25.89 -29.25 -17.89
N LYS C 392 24.71 -28.69 -18.15
CA LYS C 392 24.13 -28.73 -19.48
C LYS C 392 24.15 -27.36 -20.16
N ASP C 393 24.35 -26.30 -19.38
CA ASP C 393 24.33 -24.95 -19.90
C ASP C 393 25.53 -24.62 -20.76
N ILE C 394 25.39 -23.60 -21.60
CA ILE C 394 26.46 -23.13 -22.48
C ILE C 394 27.57 -22.47 -21.67
N LEU C 395 27.16 -21.59 -20.75
CA LEU C 395 28.10 -20.89 -19.88
C LEU C 395 28.94 -21.88 -19.09
N THR C 396 28.29 -22.90 -18.55
CA THR C 396 28.99 -23.93 -17.79
C THR C 396 30.09 -24.57 -18.61
N ILE C 397 29.71 -25.21 -19.71
CA ILE C 397 30.68 -25.93 -20.53
C ILE C 397 31.82 -25.03 -20.99
N ASN C 398 31.49 -23.84 -21.49
CA ASN C 398 32.53 -22.90 -21.92
C ASN C 398 33.45 -22.49 -20.78
N LEU C 399 32.87 -22.03 -19.69
CA LEU C 399 33.65 -21.64 -18.52
C LEU C 399 34.53 -22.78 -18.03
N THR C 400 34.01 -24.00 -18.10
CA THR C 400 34.76 -25.17 -17.66
C THR C 400 36.00 -25.35 -18.52
N ARG C 401 35.81 -25.29 -19.83
CA ARG C 401 36.92 -25.44 -20.77
C ARG C 401 37.95 -24.34 -20.54
N GLU C 402 37.48 -23.09 -20.56
CA GLU C 402 38.35 -21.94 -20.42
C GLU C 402 39.07 -21.96 -19.08
N LEU C 403 38.41 -22.49 -18.07
CA LEU C 403 39.00 -22.58 -16.74
C LEU C 403 40.11 -23.64 -16.75
N SER C 404 39.87 -24.74 -17.47
CA SER C 404 40.88 -25.78 -17.59
C SER C 404 42.13 -25.25 -18.26
N GLU C 405 41.95 -24.49 -19.34
CA GLU C 405 43.08 -23.95 -20.09
C GLU C 405 43.99 -23.11 -19.20
N VAL C 406 43.38 -22.18 -18.47
CA VAL C 406 44.12 -21.32 -17.55
C VAL C 406 44.77 -22.14 -16.45
N ALA C 407 44.01 -23.08 -15.89
CA ALA C 407 44.53 -23.95 -14.85
C ALA C 407 45.75 -24.72 -15.35
N SER C 408 45.66 -25.29 -16.54
CA SER C 408 46.78 -26.00 -17.14
C SER C 408 48.01 -25.11 -17.21
N ARG C 409 47.82 -23.89 -17.72
CA ARG C 409 48.91 -22.94 -17.91
C ARG C 409 49.65 -22.61 -16.61
N LEU C 410 48.96 -22.78 -15.49
CA LEU C 410 49.51 -22.45 -14.18
C LEU C 410 50.22 -23.63 -13.53
N SER C 411 50.93 -24.41 -14.32
CA SER C 411 51.68 -25.56 -13.81
C SER C 411 52.60 -26.16 -14.85
N MET D 1 69.08 -10.36 -20.19
CA MET D 1 68.25 -10.51 -21.38
C MET D 1 68.99 -11.30 -22.45
N VAL D 2 68.26 -12.11 -23.20
CA VAL D 2 68.84 -12.91 -24.28
C VAL D 2 68.89 -12.16 -25.61
N VAL D 3 70.08 -11.98 -26.16
CA VAL D 3 70.19 -11.34 -27.47
C VAL D 3 70.76 -12.29 -28.52
N ILE D 4 70.10 -12.34 -29.68
CA ILE D 4 70.56 -13.14 -30.81
C ILE D 4 70.88 -12.26 -32.01
N ALA D 5 72.16 -12.01 -32.24
CA ALA D 5 72.61 -11.25 -33.40
C ALA D 5 72.87 -12.19 -34.57
N ASN D 6 72.58 -11.72 -35.78
CA ASN D 6 72.87 -12.50 -36.98
C ASN D 6 72.30 -13.93 -37.00
N ALA D 7 70.99 -14.07 -36.82
CA ALA D 7 70.37 -15.39 -36.95
C ALA D 7 70.30 -15.75 -38.43
N HIS D 8 70.19 -14.74 -39.28
CA HIS D 8 70.19 -14.92 -40.72
C HIS D 8 70.97 -13.80 -41.38
N ASN D 9 71.48 -14.03 -42.58
CA ASN D 9 72.13 -12.94 -43.30
C ASN D 9 71.10 -12.11 -44.07
N GLU D 10 69.97 -12.75 -44.39
CA GLU D 10 68.86 -12.10 -45.07
C GLU D 10 67.73 -11.70 -44.10
N LEU D 11 66.76 -10.94 -44.60
CA LEU D 11 65.58 -10.52 -43.83
C LEU D 11 65.00 -11.61 -42.94
N ILE D 12 64.69 -11.24 -41.69
CA ILE D 12 64.02 -12.16 -40.78
C ILE D 12 62.53 -11.80 -40.72
N HIS D 13 61.66 -12.76 -41.01
CA HIS D 13 60.24 -12.48 -41.17
C HIS D 13 59.43 -12.83 -39.94
N ASP D 14 59.96 -13.73 -39.13
CA ASP D 14 59.24 -14.16 -37.95
C ASP D 14 60.18 -14.82 -36.95
N ALA D 15 59.89 -14.64 -35.66
CA ALA D 15 60.61 -15.32 -34.62
C ALA D 15 59.64 -15.59 -33.48
N VAL D 16 59.55 -16.85 -33.07
CA VAL D 16 58.48 -17.26 -32.15
C VAL D 16 58.99 -18.22 -31.10
N LEU D 17 58.75 -17.89 -29.84
CA LEU D 17 59.07 -18.80 -28.74
C LEU D 17 58.05 -19.90 -28.67
N ASP D 18 58.51 -21.11 -28.34
CA ASP D 18 57.57 -22.16 -28.04
C ASP D 18 56.93 -21.94 -26.67
N TYR D 19 56.02 -22.85 -26.29
CA TYR D 19 55.15 -22.69 -25.12
C TYR D 19 55.92 -22.52 -23.81
N TYR D 20 56.98 -23.30 -23.63
CA TYR D 20 57.79 -23.21 -22.42
C TYR D 20 58.88 -22.15 -22.49
N GLY D 21 58.96 -21.43 -23.59
CA GLY D 21 59.94 -20.36 -23.74
C GLY D 21 61.37 -20.85 -23.69
N LYS D 22 61.62 -22.07 -24.20
CA LYS D 22 62.98 -22.59 -24.19
C LYS D 22 63.48 -22.98 -25.58
N ARG D 23 62.64 -22.80 -26.58
CA ARG D 23 63.08 -22.89 -27.97
C ARG D 23 62.58 -21.67 -28.70
N LEU D 24 63.42 -21.12 -29.58
CA LEU D 24 63.03 -20.02 -30.44
C LEU D 24 63.10 -20.49 -31.88
N ALA D 25 62.12 -20.13 -32.69
CA ALA D 25 62.16 -20.47 -34.11
C ALA D 25 62.18 -19.20 -34.96
N THR D 26 63.12 -19.13 -35.91
CA THR D 26 63.27 -17.95 -36.75
C THR D 26 63.28 -18.33 -38.23
N CYS D 27 62.79 -17.44 -39.08
CA CYS D 27 62.64 -17.74 -40.49
C CYS D 27 62.95 -16.56 -41.39
N SER D 28 63.48 -16.84 -42.57
CA SER D 28 64.12 -15.80 -43.38
C SER D 28 63.86 -15.90 -44.89
N SER D 29 64.09 -14.81 -45.60
CA SER D 29 64.18 -14.83 -47.06
C SER D 29 65.26 -15.80 -47.56
N ASP D 30 66.14 -16.26 -46.69
CA ASP D 30 67.16 -17.21 -47.10
C ASP D 30 66.62 -18.63 -47.23
N LYS D 31 65.30 -18.77 -47.13
CA LYS D 31 64.60 -20.05 -47.30
C LYS D 31 64.76 -21.06 -46.17
N THR D 32 65.25 -20.63 -45.01
CA THR D 32 65.52 -21.58 -43.93
C THR D 32 64.77 -21.23 -42.66
N ILE D 33 64.56 -22.24 -41.82
CA ILE D 33 64.10 -22.01 -40.45
C ILE D 33 65.29 -22.31 -39.55
N LYS D 34 65.46 -21.54 -38.49
CA LYS D 34 66.44 -21.90 -37.48
C LYS D 34 65.80 -22.12 -36.10
N ILE D 35 66.24 -23.18 -35.41
CA ILE D 35 65.77 -23.45 -34.06
C ILE D 35 66.86 -23.19 -33.03
N PHE D 36 66.64 -22.20 -32.18
CA PHE D 36 67.57 -21.87 -31.10
C PHE D 36 67.10 -22.42 -29.76
N GLU D 37 68.03 -22.94 -28.97
CA GLU D 37 67.72 -23.30 -27.59
C GLU D 37 67.93 -22.08 -26.71
N VAL D 38 66.93 -21.76 -25.90
CA VAL D 38 67.06 -20.70 -24.91
C VAL D 38 66.94 -21.28 -23.50
N GLU D 39 68.05 -21.35 -22.79
CA GLU D 39 68.03 -21.86 -21.42
C GLU D 39 68.67 -20.82 -20.49
N GLY D 40 67.83 -20.07 -19.78
CA GLY D 40 68.33 -18.98 -18.97
C GLY D 40 68.67 -17.77 -19.83
N GLU D 41 69.84 -17.19 -19.60
CA GLU D 41 70.28 -16.02 -20.35
C GLU D 41 71.10 -16.42 -21.59
N THR D 42 71.33 -17.72 -21.72
CA THR D 42 72.12 -18.26 -22.84
C THR D 42 71.28 -18.75 -24.01
N HIS D 43 71.93 -18.94 -25.15
CA HIS D 43 71.26 -19.46 -26.34
C HIS D 43 72.26 -20.17 -27.25
N LYS D 44 71.79 -21.16 -28.00
CA LYS D 44 72.63 -21.80 -29.02
C LYS D 44 71.81 -22.34 -30.17
N LEU D 45 72.38 -22.29 -31.36
CA LEU D 45 71.74 -22.85 -32.56
C LEU D 45 71.68 -24.36 -32.45
N ILE D 46 70.50 -24.92 -32.65
CA ILE D 46 70.31 -26.36 -32.56
C ILE D 46 70.33 -27.00 -33.96
N ASP D 47 69.66 -26.33 -34.90
CA ASP D 47 69.49 -26.92 -36.21
C ASP D 47 68.98 -25.88 -37.18
N THR D 48 69.41 -25.98 -38.43
CA THR D 48 68.84 -25.16 -39.48
C THR D 48 67.97 -26.05 -40.35
N LEU D 49 66.75 -25.60 -40.63
CA LEU D 49 65.84 -26.43 -41.42
C LEU D 49 65.76 -25.91 -42.85
N THR D 50 66.15 -26.75 -43.80
CA THR D 50 66.03 -26.42 -45.23
C THR D 50 64.96 -27.26 -45.89
N GLY D 51 64.35 -26.72 -46.93
CA GLY D 51 63.26 -27.39 -47.62
C GLY D 51 62.42 -26.48 -48.50
N HIS D 52 62.19 -25.27 -48.01
CA HIS D 52 61.42 -24.30 -48.77
C HIS D 52 62.22 -23.79 -49.96
N GLU D 53 61.53 -23.24 -50.94
CA GLU D 53 62.15 -22.85 -52.20
C GLU D 53 61.89 -21.38 -52.46
N GLY D 54 61.50 -20.68 -51.40
CA GLY D 54 61.35 -19.24 -51.44
C GLY D 54 61.40 -18.74 -50.02
N PRO D 55 61.33 -17.41 -49.82
CA PRO D 55 61.33 -16.90 -48.45
C PRO D 55 60.28 -17.58 -47.58
N VAL D 56 60.65 -17.88 -46.33
CA VAL D 56 59.72 -18.40 -45.33
C VAL D 56 59.14 -17.23 -44.52
N TRP D 57 57.82 -17.11 -44.53
CA TRP D 57 57.17 -15.90 -44.00
C TRP D 57 56.81 -16.00 -42.52
N ARG D 58 56.35 -17.17 -42.08
CA ARG D 58 55.84 -17.29 -40.73
C ARG D 58 56.06 -18.70 -40.20
N VAL D 59 56.10 -18.85 -38.88
CA VAL D 59 56.12 -20.15 -38.22
C VAL D 59 55.16 -20.13 -37.03
N ASP D 60 54.74 -21.32 -36.60
CA ASP D 60 53.85 -21.43 -35.45
C ASP D 60 54.08 -22.74 -34.72
N TRP D 61 54.14 -22.68 -33.39
CA TRP D 61 54.34 -23.87 -32.58
C TRP D 61 53.02 -24.51 -32.26
N ALA D 62 53.01 -25.83 -32.29
CA ALA D 62 51.85 -26.60 -31.86
C ALA D 62 51.89 -26.77 -30.33
N HIS D 63 50.72 -26.99 -29.74
CA HIS D 63 50.60 -27.15 -28.29
C HIS D 63 51.45 -28.32 -27.79
N PRO D 64 52.16 -28.12 -26.68
CA PRO D 64 53.16 -29.08 -26.19
C PRO D 64 52.63 -30.51 -26.00
N LYS D 65 51.34 -30.69 -25.75
CA LYS D 65 50.84 -32.04 -25.52
C LYS D 65 50.92 -32.90 -26.78
N PHE D 66 51.02 -32.25 -27.93
CA PHE D 66 51.21 -32.96 -29.19
C PHE D 66 52.68 -33.25 -29.42
N GLY D 67 53.52 -32.78 -28.50
CA GLY D 67 54.96 -32.90 -28.64
C GLY D 67 55.61 -31.61 -29.11
N THR D 68 56.84 -31.69 -29.59
CA THR D 68 57.59 -30.51 -30.01
C THR D 68 57.52 -30.34 -31.53
N ILE D 69 56.53 -29.58 -31.99
CA ILE D 69 56.19 -29.53 -33.41
C ILE D 69 56.06 -28.11 -33.95
N LEU D 70 56.71 -27.85 -35.06
CA LEU D 70 56.64 -26.53 -35.69
C LEU D 70 55.99 -26.59 -37.06
N ALA D 71 55.31 -25.53 -37.44
CA ALA D 71 54.81 -25.42 -38.80
C ALA D 71 55.39 -24.17 -39.47
N SER D 72 55.75 -24.31 -40.75
CA SER D 72 56.25 -23.17 -41.52
C SER D 72 55.50 -23.00 -42.85
N CYS D 73 55.37 -21.75 -43.28
CA CYS D 73 54.77 -21.45 -44.58
C CYS D 73 55.69 -20.57 -45.40
N SER D 74 55.53 -20.59 -46.72
CA SER D 74 56.48 -19.96 -47.62
C SER D 74 55.90 -19.46 -48.95
N TYR D 75 56.58 -18.48 -49.51
CA TYR D 75 56.35 -18.02 -50.87
C TYR D 75 56.22 -19.17 -51.89
N ASP D 76 56.92 -20.28 -51.66
CA ASP D 76 56.89 -21.43 -52.56
C ASP D 76 55.54 -22.16 -52.56
N GLY D 77 54.61 -21.67 -51.75
CA GLY D 77 53.27 -22.22 -51.73
C GLY D 77 53.11 -23.45 -50.86
N LYS D 78 54.17 -23.81 -50.13
CA LYS D 78 54.10 -24.99 -49.27
C LYS D 78 54.02 -24.67 -47.78
N VAL D 79 53.45 -25.60 -47.04
CA VAL D 79 53.52 -25.57 -45.58
C VAL D 79 54.33 -26.79 -45.17
N LEU D 80 55.37 -26.57 -44.38
CA LEU D 80 56.16 -27.70 -43.90
C LEU D 80 55.98 -27.85 -42.39
N ILE D 81 55.99 -29.10 -41.95
CA ILE D 81 55.78 -29.43 -40.55
C ILE D 81 56.97 -30.21 -40.00
N TRP D 82 57.55 -29.70 -38.92
CA TRP D 82 58.78 -30.27 -38.38
C TRP D 82 58.61 -30.75 -36.94
N LYS D 83 59.28 -31.84 -36.60
CA LYS D 83 59.17 -32.42 -35.27
C LYS D 83 60.55 -32.62 -34.65
N GLU D 84 60.65 -32.46 -33.34
CA GLU D 84 61.90 -32.73 -32.63
C GLU D 84 61.75 -34.05 -31.89
N GLU D 85 62.64 -35.00 -32.18
CA GLU D 85 62.64 -36.26 -31.47
C GLU D 85 64.06 -36.56 -30.97
N ASN D 86 64.17 -36.91 -29.70
CA ASN D 86 65.46 -37.18 -29.09
C ASN D 86 66.52 -36.12 -29.43
N GLY D 87 66.12 -34.86 -29.35
CA GLY D 87 67.05 -33.75 -29.51
C GLY D 87 67.25 -33.26 -30.93
N ARG D 88 66.97 -34.12 -31.92
CA ARG D 88 67.20 -33.78 -33.33
C ARG D 88 65.93 -33.43 -34.11
N TRP D 89 66.06 -32.50 -35.04
CA TRP D 89 64.93 -32.08 -35.87
C TRP D 89 64.84 -32.81 -37.21
N SER D 90 63.63 -32.86 -37.76
CA SER D 90 63.42 -33.39 -39.10
C SER D 90 62.03 -33.01 -39.62
N GLN D 91 61.84 -33.22 -40.91
CA GLN D 91 60.58 -32.91 -41.56
C GLN D 91 59.66 -34.13 -41.49
N ILE D 92 58.40 -33.90 -41.11
CA ILE D 92 57.47 -35.02 -40.96
C ILE D 92 56.23 -34.92 -41.85
N ALA D 93 56.01 -33.75 -42.43
CA ALA D 93 54.81 -33.57 -43.24
C ALA D 93 54.93 -32.41 -44.22
N VAL D 94 54.19 -32.50 -45.33
CA VAL D 94 54.13 -31.43 -46.31
C VAL D 94 52.69 -31.17 -46.70
N HIS D 95 52.28 -29.91 -46.62
CA HIS D 95 50.97 -29.49 -47.08
C HIS D 95 51.18 -28.63 -48.32
N ALA D 96 50.93 -29.21 -49.49
CA ALA D 96 51.20 -28.50 -50.74
C ALA D 96 49.99 -28.47 -51.67
N VAL D 97 49.04 -27.58 -51.38
CA VAL D 97 47.80 -27.52 -52.14
C VAL D 97 47.59 -26.19 -52.85
N HIS D 98 48.28 -25.15 -52.40
CA HIS D 98 48.03 -23.80 -52.90
C HIS D 98 48.91 -23.46 -54.09
N SER D 99 48.41 -22.62 -54.99
CA SER D 99 49.15 -22.32 -56.23
C SER D 99 49.82 -20.94 -56.20
N ALA D 100 49.97 -20.40 -55.00
CA ALA D 100 50.73 -19.16 -54.82
C ALA D 100 51.15 -19.08 -53.37
N SER D 101 51.86 -18.02 -53.02
CA SER D 101 52.42 -17.91 -51.68
C SER D 101 51.45 -18.26 -50.57
N VAL D 102 51.95 -18.99 -49.58
CA VAL D 102 51.23 -19.22 -48.34
C VAL D 102 51.68 -18.22 -47.29
N ASN D 103 50.77 -17.33 -46.90
CA ASN D 103 51.12 -16.16 -46.10
C ASN D 103 51.04 -16.34 -44.59
N SER D 104 50.23 -17.28 -44.14
CA SER D 104 50.15 -17.54 -42.70
C SER D 104 49.77 -18.98 -42.42
N VAL D 105 50.24 -19.49 -41.30
CA VAL D 105 49.90 -20.84 -40.87
C VAL D 105 49.70 -20.74 -39.37
N GLN D 106 48.67 -21.40 -38.85
CA GLN D 106 48.41 -21.31 -37.41
C GLN D 106 47.75 -22.55 -36.87
N TRP D 107 48.32 -23.12 -35.82
CA TRP D 107 47.71 -24.26 -35.14
C TRP D 107 46.40 -23.89 -34.44
N ALA D 108 45.40 -24.77 -34.53
CA ALA D 108 44.10 -24.56 -33.92
C ALA D 108 44.15 -24.83 -32.43
N PRO D 109 43.13 -24.34 -31.69
CA PRO D 109 42.95 -24.68 -30.26
C PRO D 109 43.13 -26.16 -30.06
N HIS D 110 43.82 -26.56 -29.00
CA HIS D 110 44.18 -27.95 -28.85
C HIS D 110 42.95 -28.87 -28.70
N GLU D 111 41.81 -28.27 -28.43
CA GLU D 111 40.55 -29.02 -28.37
C GLU D 111 40.23 -29.75 -29.68
N TYR D 112 40.65 -29.18 -30.81
CA TYR D 112 40.38 -29.77 -32.12
C TYR D 112 41.39 -30.83 -32.53
N GLY D 113 42.43 -31.03 -31.75
CA GLY D 113 43.54 -31.89 -32.17
C GLY D 113 44.51 -31.07 -33.00
N PRO D 114 45.63 -31.67 -33.41
CA PRO D 114 46.65 -31.01 -34.23
C PRO D 114 46.07 -30.68 -35.61
N LEU D 115 45.69 -29.42 -35.80
CA LEU D 115 44.93 -29.03 -36.97
C LEU D 115 45.47 -27.68 -37.42
N LEU D 116 45.60 -27.47 -38.72
CA LEU D 116 46.22 -26.25 -39.24
C LEU D 116 45.28 -25.37 -40.07
N LEU D 117 45.43 -24.06 -39.90
CA LEU D 117 44.72 -23.06 -40.69
C LEU D 117 45.75 -22.35 -41.57
N VAL D 118 45.51 -22.34 -42.87
CA VAL D 118 46.51 -21.92 -43.85
C VAL D 118 45.92 -20.90 -44.82
N ALA D 119 46.61 -19.80 -45.03
CA ALA D 119 46.09 -18.74 -45.89
C ALA D 119 47.04 -18.39 -47.03
N SER D 120 46.49 -18.15 -48.22
CA SER D 120 47.30 -18.04 -49.43
C SER D 120 46.92 -16.93 -50.41
N SER D 121 47.90 -16.47 -51.17
CA SER D 121 47.68 -15.43 -52.17
C SER D 121 46.85 -15.91 -53.36
N ASP D 122 46.68 -17.23 -53.48
CA ASP D 122 45.80 -17.81 -54.51
C ASP D 122 44.32 -17.55 -54.22
N GLY D 123 44.04 -16.88 -53.11
CA GLY D 123 42.68 -16.53 -52.75
C GLY D 123 42.00 -17.54 -51.85
N LYS D 124 42.69 -18.64 -51.58
CA LYS D 124 42.08 -19.72 -50.82
C LYS D 124 42.60 -19.84 -49.39
N VAL D 125 41.86 -20.59 -48.58
CA VAL D 125 42.27 -20.92 -47.24
C VAL D 125 42.14 -22.43 -47.12
N SER D 126 43.08 -23.09 -46.46
CA SER D 126 42.97 -24.52 -46.25
C SER D 126 43.09 -24.89 -44.78
N VAL D 127 42.51 -26.03 -44.44
CA VAL D 127 42.52 -26.58 -43.08
C VAL D 127 42.88 -28.06 -43.19
N VAL D 128 43.99 -28.45 -42.59
CA VAL D 128 44.42 -29.83 -42.68
C VAL D 128 44.91 -30.33 -41.33
N GLU D 129 44.73 -31.62 -41.07
CA GLU D 129 45.18 -32.22 -39.82
C GLU D 129 46.64 -32.56 -39.91
N PHE D 130 47.26 -32.81 -38.76
CA PHE D 130 48.53 -33.48 -38.71
C PHE D 130 48.40 -34.77 -37.92
N LYS D 131 48.79 -35.89 -38.51
CA LYS D 131 48.77 -37.18 -37.85
C LYS D 131 49.97 -38.00 -38.29
N GLU D 132 50.43 -38.88 -37.41
CA GLU D 132 51.43 -39.88 -37.82
C GLU D 132 50.80 -41.25 -37.73
N ASN D 133 49.57 -41.28 -37.22
CA ASN D 133 48.85 -42.53 -37.00
C ASN D 133 47.67 -42.69 -37.94
N GLY D 134 47.65 -41.91 -39.02
CA GLY D 134 46.52 -41.95 -39.92
C GLY D 134 46.57 -41.01 -41.12
N THR D 135 45.52 -41.09 -41.94
CA THR D 135 45.45 -40.39 -43.21
C THR D 135 44.73 -39.05 -43.11
N THR D 136 45.39 -38.00 -43.58
CA THR D 136 44.83 -36.66 -43.53
C THR D 136 44.08 -36.31 -44.82
N SER D 137 43.41 -35.16 -44.81
CA SER D 137 42.70 -34.66 -45.99
C SER D 137 42.31 -33.20 -45.79
N PRO D 138 42.79 -32.33 -46.69
CA PRO D 138 42.57 -30.88 -46.61
C PRO D 138 41.15 -30.46 -46.97
N ILE D 139 40.66 -29.44 -46.29
CA ILE D 139 39.44 -28.75 -46.69
C ILE D 139 39.89 -27.42 -47.30
N ILE D 140 39.46 -27.16 -48.53
CA ILE D 140 39.92 -25.96 -49.22
C ILE D 140 38.75 -25.07 -49.61
N ILE D 141 38.75 -23.85 -49.11
CA ILE D 141 37.65 -22.91 -49.40
C ILE D 141 38.15 -21.67 -50.13
N ASP D 142 37.30 -21.14 -51.00
CA ASP D 142 37.58 -19.86 -51.65
C ASP D 142 37.22 -18.73 -50.70
N ALA D 143 38.23 -17.99 -50.25
CA ALA D 143 38.02 -17.02 -49.17
C ALA D 143 37.94 -15.57 -49.61
N HIS D 144 38.99 -15.11 -50.29
CA HIS D 144 39.07 -13.72 -50.69
C HIS D 144 39.46 -13.58 -52.16
N ALA D 145 39.00 -12.50 -52.78
CA ALA D 145 39.20 -12.31 -54.22
C ALA D 145 40.67 -12.32 -54.64
N ILE D 146 41.40 -11.26 -54.28
CA ILE D 146 42.76 -11.06 -54.77
C ILE D 146 43.81 -11.85 -53.98
N GLY D 147 43.45 -12.28 -52.77
CA GLY D 147 44.34 -13.11 -51.98
C GLY D 147 44.10 -12.97 -50.49
N VAL D 148 44.55 -13.97 -49.73
CA VAL D 148 44.39 -13.98 -48.29
C VAL D 148 45.75 -13.76 -47.63
N ASN D 149 45.85 -12.72 -46.81
CA ASN D 149 47.12 -12.40 -46.14
C ASN D 149 47.26 -12.99 -44.73
N SER D 150 46.15 -13.46 -44.16
CA SER D 150 46.15 -13.84 -42.75
C SER D 150 44.87 -14.56 -42.35
N ALA D 151 45.02 -15.56 -41.48
CA ALA D 151 43.87 -16.30 -40.97
C ALA D 151 44.15 -16.71 -39.53
N SER D 152 43.16 -16.54 -38.65
CA SER D 152 43.37 -16.75 -37.23
C SER D 152 42.20 -17.46 -36.58
N TRP D 153 42.49 -18.48 -35.78
CA TRP D 153 41.44 -19.23 -35.07
C TRP D 153 40.77 -18.41 -34.00
N ALA D 154 39.47 -18.61 -33.85
CA ALA D 154 38.75 -18.17 -32.68
C ALA D 154 38.93 -19.22 -31.59
N PRO D 155 38.75 -18.82 -30.33
CA PRO D 155 38.86 -19.80 -29.24
C PRO D 155 37.80 -20.89 -29.34
N ALA D 156 38.14 -22.09 -28.90
CA ALA D 156 37.16 -23.16 -28.74
C ALA D 156 36.04 -22.68 -27.84
N THR D 157 34.80 -22.88 -28.28
CA THR D 157 33.61 -22.68 -27.45
C THR D 157 32.51 -23.69 -27.76
N ILE D 158 31.68 -23.96 -26.77
CA ILE D 158 30.53 -24.83 -26.93
C ILE D 158 29.27 -23.97 -27.07
N GLU D 159 28.45 -24.28 -28.07
CA GLU D 159 27.21 -23.55 -28.29
C GLU D 159 26.01 -24.47 -28.20
N GLU D 160 24.83 -23.88 -28.10
CA GLU D 160 23.58 -24.62 -28.07
C GLU D 160 23.31 -25.31 -29.40
N ASP D 161 22.99 -26.60 -29.34
CA ASP D 161 22.65 -27.36 -30.54
C ASP D 161 21.14 -27.54 -30.63
N GLY D 162 20.50 -26.69 -31.41
CA GLY D 162 19.05 -26.65 -31.50
C GLY D 162 18.41 -27.89 -32.09
N GLU D 163 18.85 -28.28 -33.29
CA GLU D 163 18.28 -29.41 -34.02
C GLU D 163 18.15 -30.66 -33.16
N HIS D 164 19.00 -30.79 -32.15
CA HIS D 164 19.05 -31.99 -31.34
C HIS D 164 18.82 -31.70 -29.85
N ASN D 165 18.66 -30.44 -29.50
CA ASN D 165 18.52 -30.04 -28.11
C ASN D 165 19.68 -30.54 -27.25
N GLY D 166 20.89 -30.15 -27.63
CA GLY D 166 22.09 -30.56 -26.92
C GLY D 166 23.18 -29.53 -27.11
N THR D 167 24.44 -29.96 -27.02
CA THR D 167 25.55 -29.04 -27.20
C THR D 167 26.46 -29.47 -28.34
N LYS D 168 26.81 -28.52 -29.21
CA LYS D 168 27.81 -28.75 -30.24
C LYS D 168 28.90 -27.69 -30.13
N GLU D 169 30.09 -27.98 -30.63
CA GLU D 169 31.11 -26.94 -30.60
C GLU D 169 31.03 -26.10 -31.86
N SER D 170 31.33 -24.81 -31.72
CA SER D 170 31.36 -23.91 -32.86
C SER D 170 32.80 -23.54 -33.18
N ARG D 171 33.26 -23.98 -34.34
CA ARG D 171 34.61 -23.69 -34.82
C ARG D 171 34.57 -22.49 -35.74
N LYS D 172 35.21 -21.41 -35.32
CA LYS D 172 35.28 -20.22 -36.16
C LYS D 172 36.73 -19.80 -36.38
N PHE D 173 36.97 -19.10 -37.48
CA PHE D 173 38.22 -18.38 -37.67
C PHE D 173 37.98 -17.11 -38.49
N VAL D 174 38.96 -16.21 -38.47
CA VAL D 174 38.83 -14.97 -39.19
C VAL D 174 39.95 -14.85 -40.23
N THR D 175 39.63 -14.26 -41.37
CA THR D 175 40.59 -14.07 -42.45
C THR D 175 40.66 -12.62 -42.88
N GLY D 176 41.81 -12.21 -43.40
CA GLY D 176 41.96 -10.87 -43.93
C GLY D 176 42.60 -10.95 -45.29
N GLY D 177 42.03 -10.23 -46.25
CA GLY D 177 42.44 -10.38 -47.63
C GLY D 177 42.84 -9.11 -48.34
N ALA D 178 43.53 -9.29 -49.47
CA ALA D 178 43.92 -8.19 -50.34
C ALA D 178 42.72 -7.45 -50.95
N ASP D 179 41.51 -7.90 -50.60
CA ASP D 179 40.30 -7.24 -51.07
C ASP D 179 39.79 -6.22 -50.06
N ASN D 180 40.60 -5.95 -49.03
CA ASN D 180 40.24 -4.98 -47.99
C ASN D 180 39.22 -5.50 -46.97
N LEU D 181 38.79 -6.75 -47.11
CA LEU D 181 37.73 -7.29 -46.24
C LEU D 181 38.23 -8.16 -45.10
N VAL D 182 37.43 -8.23 -44.04
CA VAL D 182 37.66 -9.18 -42.96
C VAL D 182 36.44 -10.09 -42.94
N LYS D 183 36.67 -11.39 -42.80
CA LYS D 183 35.57 -12.36 -42.84
C LYS D 183 35.63 -13.41 -41.72
N ILE D 184 34.47 -13.77 -41.19
CA ILE D 184 34.39 -14.80 -40.17
C ILE D 184 33.85 -16.08 -40.79
N TRP D 185 34.44 -17.21 -40.42
CA TRP D 185 34.06 -18.51 -40.97
C TRP D 185 33.62 -19.49 -39.89
N LYS D 186 32.59 -20.28 -40.17
CA LYS D 186 32.08 -21.25 -39.21
C LYS D 186 31.86 -22.62 -39.83
N TYR D 187 32.39 -23.66 -39.21
CA TYR D 187 32.23 -25.00 -39.74
C TYR D 187 30.76 -25.40 -39.68
N ASN D 188 30.32 -26.09 -40.72
CA ASN D 188 28.94 -26.53 -40.82
C ASN D 188 28.92 -28.02 -41.21
N SER D 189 28.51 -28.88 -40.27
CA SER D 189 28.52 -30.32 -40.50
C SER D 189 27.69 -30.72 -41.71
N ASP D 190 26.62 -29.97 -41.99
CA ASP D 190 25.78 -30.25 -43.14
C ASP D 190 26.49 -29.96 -44.46
N ALA D 191 27.18 -28.82 -44.52
CA ALA D 191 27.90 -28.44 -45.73
C ALA D 191 29.26 -29.13 -45.79
N GLN D 192 29.66 -29.72 -44.67
CA GLN D 192 30.92 -30.45 -44.58
C GLN D 192 32.14 -29.55 -44.81
N THR D 193 31.98 -28.27 -44.52
CA THR D 193 33.06 -27.32 -44.74
C THR D 193 32.82 -26.03 -43.95
N TYR D 194 33.76 -25.10 -44.04
CA TYR D 194 33.61 -23.79 -43.42
C TYR D 194 32.80 -22.86 -44.31
N VAL D 195 31.80 -22.21 -43.74
CA VAL D 195 30.96 -21.29 -44.51
C VAL D 195 31.03 -19.89 -43.94
N LEU D 196 30.77 -18.92 -44.80
CA LEU D 196 30.88 -17.52 -44.44
C LEU D 196 29.79 -17.10 -43.47
N GLU D 197 30.19 -16.63 -42.30
CA GLU D 197 29.23 -16.13 -41.31
C GLU D 197 29.03 -14.63 -41.49
N SER D 198 30.11 -13.87 -41.52
CA SER D 198 30.01 -12.41 -41.62
C SER D 198 31.12 -11.80 -42.49
N THR D 199 30.78 -10.69 -43.17
CA THR D 199 31.76 -9.92 -43.93
C THR D 199 31.88 -8.53 -43.30
N LEU D 200 33.06 -8.23 -42.76
CA LEU D 200 33.26 -6.97 -42.06
C LEU D 200 34.03 -5.96 -42.91
N GLU D 201 33.35 -4.88 -43.30
CA GLU D 201 33.96 -3.84 -44.11
C GLU D 201 34.38 -2.66 -43.24
N GLY D 202 35.55 -2.11 -43.51
CA GLY D 202 36.05 -1.01 -42.72
C GLY D 202 37.38 -0.46 -43.21
N HIS D 203 38.21 -1.34 -43.74
CA HIS D 203 39.51 -0.91 -44.25
C HIS D 203 39.41 -0.42 -45.69
N SER D 204 40.31 0.46 -46.08
CA SER D 204 40.31 1.03 -47.43
C SER D 204 41.52 0.54 -48.26
N ASP D 205 42.15 -0.54 -47.82
CA ASP D 205 43.30 -1.09 -48.53
C ASP D 205 43.60 -2.46 -47.90
N TRP D 206 44.54 -3.21 -48.48
CA TRP D 206 44.81 -4.57 -48.03
C TRP D 206 44.75 -4.72 -46.51
N VAL D 207 44.30 -5.88 -46.07
CA VAL D 207 44.35 -6.26 -44.67
C VAL D 207 45.55 -7.16 -44.45
N ARG D 208 46.50 -6.75 -43.62
CA ARG D 208 47.74 -7.50 -43.44
C ARG D 208 47.70 -8.56 -42.35
N ASP D 209 46.84 -8.36 -41.36
CA ASP D 209 46.75 -9.32 -40.27
C ASP D 209 45.41 -9.24 -39.57
N VAL D 210 45.00 -10.35 -38.98
CA VAL D 210 43.82 -10.38 -38.12
C VAL D 210 44.14 -11.30 -36.96
N ALA D 211 43.78 -10.87 -35.76
CA ALA D 211 44.05 -11.65 -34.58
C ALA D 211 42.80 -11.69 -33.73
N TRP D 212 42.33 -12.90 -33.46
CA TRP D 212 41.16 -13.10 -32.63
C TRP D 212 41.61 -13.28 -31.19
N SER D 213 41.20 -12.37 -30.31
CA SER D 213 41.59 -12.45 -28.90
C SER D 213 41.20 -13.77 -28.25
N PRO D 214 42.11 -14.34 -27.46
CA PRO D 214 41.85 -15.54 -26.69
C PRO D 214 41.13 -15.24 -25.37
N THR D 215 40.61 -14.01 -25.22
CA THR D 215 39.92 -13.63 -24.00
C THR D 215 38.93 -14.68 -23.52
N VAL D 216 39.02 -14.96 -22.23
CA VAL D 216 38.11 -15.89 -21.58
C VAL D 216 36.75 -15.23 -21.31
N LEU D 217 36.69 -13.90 -21.48
CA LEU D 217 35.44 -13.16 -21.34
C LEU D 217 34.43 -13.49 -22.43
N LEU D 218 33.17 -13.14 -22.21
CA LEU D 218 32.09 -13.51 -23.14
C LEU D 218 32.14 -12.73 -24.44
N ARG D 219 32.35 -11.43 -24.36
CA ARG D 219 32.46 -10.62 -25.56
C ARG D 219 33.63 -11.10 -26.41
N SER D 220 33.50 -10.98 -27.72
CA SER D 220 34.57 -11.36 -28.64
C SER D 220 35.32 -10.14 -29.17
N TYR D 221 36.64 -10.27 -29.29
CA TYR D 221 37.49 -9.19 -29.76
C TYR D 221 38.32 -9.64 -30.96
N LEU D 222 38.31 -8.84 -32.02
CA LEU D 222 39.21 -9.02 -33.15
C LEU D 222 39.97 -7.74 -33.40
N ALA D 223 41.26 -7.87 -33.69
CA ALA D 223 42.02 -6.73 -34.16
C ALA D 223 42.41 -6.98 -35.60
N SER D 224 42.04 -6.06 -36.49
CA SER D 224 42.47 -6.18 -37.87
C SER D 224 43.41 -5.02 -38.20
N VAL D 225 44.39 -5.29 -39.06
CA VAL D 225 45.44 -4.32 -39.32
C VAL D 225 45.73 -4.17 -40.81
N SER D 226 45.73 -2.93 -41.30
CA SER D 226 45.72 -2.69 -42.74
C SER D 226 46.81 -1.74 -43.26
N GLN D 227 46.97 -1.70 -44.58
CA GLN D 227 47.91 -0.79 -45.23
C GLN D 227 47.32 0.60 -45.31
N ASP D 228 46.02 0.70 -45.00
CA ASP D 228 45.36 1.99 -44.93
C ASP D 228 45.86 2.77 -43.71
N ARG D 229 46.77 2.14 -42.97
CA ARG D 229 47.42 2.75 -41.82
C ARG D 229 46.53 2.83 -40.59
N THR D 230 45.52 1.97 -40.51
CA THR D 230 44.61 1.98 -39.37
C THR D 230 44.53 0.62 -38.71
N CYS D 231 44.14 0.59 -37.45
CA CYS D 231 43.82 -0.66 -36.79
C CYS D 231 42.37 -0.63 -36.34
N ILE D 232 41.60 -1.61 -36.78
CA ILE D 232 40.19 -1.71 -36.38
C ILE D 232 40.02 -2.77 -35.31
N ILE D 233 39.32 -2.41 -34.24
CA ILE D 233 38.95 -3.37 -33.19
C ILE D 233 37.48 -3.76 -33.33
N TRP D 234 37.24 -5.05 -33.54
CA TRP D 234 35.88 -5.57 -33.72
C TRP D 234 35.41 -6.30 -32.47
N THR D 235 34.23 -5.95 -32.00
CA THR D 235 33.66 -6.62 -30.84
C THR D 235 32.31 -7.24 -31.16
N GLN D 236 31.96 -8.29 -30.43
CA GLN D 236 30.68 -8.95 -30.59
C GLN D 236 30.16 -9.34 -29.22
N ASP D 237 29.06 -8.72 -28.82
CA ASP D 237 28.53 -8.94 -27.48
C ASP D 237 28.00 -10.34 -27.32
N ASN D 238 27.58 -10.93 -28.42
CA ASN D 238 26.87 -12.20 -28.40
C ASN D 238 27.22 -13.05 -29.62
N GLU D 239 27.49 -14.33 -29.38
CA GLU D 239 27.89 -15.26 -30.44
C GLU D 239 27.05 -15.15 -31.71
N GLN D 240 25.80 -14.73 -31.55
CA GLN D 240 24.86 -14.71 -32.67
C GLN D 240 24.53 -13.31 -33.16
N GLY D 241 25.14 -12.30 -32.53
CA GLY D 241 24.84 -10.91 -32.85
C GLY D 241 25.84 -10.23 -33.75
N PRO D 242 25.61 -8.95 -34.05
CA PRO D 242 26.40 -8.10 -34.95
C PRO D 242 27.78 -7.79 -34.39
N TRP D 243 28.66 -7.29 -35.25
CA TRP D 243 30.00 -6.89 -34.85
C TRP D 243 30.09 -5.38 -34.77
N LYS D 244 30.62 -4.88 -33.66
CA LYS D 244 30.88 -3.46 -33.52
C LYS D 244 32.28 -3.17 -34.05
N LYS D 245 32.40 -2.03 -34.72
CA LYS D 245 33.67 -1.62 -35.30
C LYS D 245 34.17 -0.35 -34.61
N THR D 246 35.43 -0.36 -34.21
CA THR D 246 36.04 0.78 -33.55
C THR D 246 37.49 0.98 -33.98
N LEU D 247 37.84 2.22 -34.31
CA LEU D 247 39.23 2.57 -34.59
C LEU D 247 40.04 2.57 -33.29
N LEU D 248 41.15 1.84 -33.29
CA LEU D 248 42.05 1.83 -32.13
C LEU D 248 42.33 3.25 -31.66
N LYS D 249 42.75 4.09 -32.59
CA LYS D 249 42.87 5.53 -32.35
C LYS D 249 42.33 6.28 -33.55
N GLU D 250 41.92 7.53 -33.33
CA GLU D 250 41.18 8.29 -34.32
C GLU D 250 41.98 8.66 -35.58
N GLU D 251 43.30 8.75 -35.44
CA GLU D 251 44.14 9.22 -36.56
C GLU D 251 45.02 8.13 -37.18
N LYS D 252 45.26 8.24 -38.48
CA LYS D 252 46.08 7.27 -39.19
C LYS D 252 47.40 7.08 -38.47
N PHE D 253 47.96 5.87 -38.56
CA PHE D 253 49.31 5.62 -38.09
C PHE D 253 50.31 6.19 -39.09
N PRO D 254 51.58 6.31 -38.68
CA PRO D 254 52.56 6.99 -39.54
C PRO D 254 52.85 6.19 -40.81
N ASP D 255 52.89 4.86 -40.67
CA ASP D 255 53.17 3.98 -41.79
C ASP D 255 52.18 2.85 -41.81
N VAL D 256 52.44 1.87 -42.67
CA VAL D 256 51.58 0.72 -42.84
C VAL D 256 51.64 -0.15 -41.60
N LEU D 257 50.56 -0.84 -41.28
CA LEU D 257 50.55 -1.78 -40.17
C LEU D 257 50.66 -3.21 -40.69
N TRP D 258 51.41 -4.04 -39.96
CA TRP D 258 51.85 -5.32 -40.47
C TRP D 258 51.34 -6.52 -39.68
N ARG D 259 51.57 -6.53 -38.37
CA ARG D 259 51.13 -7.63 -37.52
C ARG D 259 50.32 -7.13 -36.32
N ALA D 260 49.53 -8.01 -35.75
CA ALA D 260 48.76 -7.70 -34.54
C ALA D 260 48.65 -8.97 -33.70
N SER D 261 48.97 -8.85 -32.42
CA SER D 261 49.03 -10.04 -31.56
C SER D 261 48.51 -9.75 -30.14
N TRP D 262 47.59 -10.58 -29.66
CA TRP D 262 47.01 -10.42 -28.32
C TRP D 262 47.82 -11.18 -27.26
N SER D 263 47.96 -10.57 -26.09
CA SER D 263 48.54 -11.28 -24.95
C SER D 263 47.67 -12.46 -24.60
N LEU D 264 48.20 -13.39 -23.81
CA LEU D 264 47.47 -14.60 -23.45
C LEU D 264 46.19 -14.34 -22.66
N SER D 265 46.17 -13.28 -21.87
CA SER D 265 44.96 -12.98 -21.11
C SER D 265 43.93 -12.21 -21.95
N GLY D 266 44.39 -11.69 -23.08
CA GLY D 266 43.49 -11.13 -24.08
C GLY D 266 43.18 -9.65 -23.94
N ASN D 267 43.82 -8.99 -22.99
CA ASN D 267 43.56 -7.58 -22.74
C ASN D 267 44.56 -6.64 -23.41
N VAL D 268 45.77 -7.13 -23.67
CA VAL D 268 46.79 -6.29 -24.27
C VAL D 268 47.02 -6.59 -25.75
N LEU D 269 47.02 -5.53 -26.56
CA LEU D 269 47.24 -5.64 -27.99
C LEU D 269 48.59 -5.04 -28.43
N ALA D 270 49.42 -5.82 -29.11
CA ALA D 270 50.73 -5.34 -29.58
C ALA D 270 50.78 -5.21 -31.11
N LEU D 271 50.96 -3.97 -31.58
CA LEU D 271 50.98 -3.70 -33.02
C LEU D 271 52.37 -3.52 -33.60
N SER D 272 52.65 -4.26 -34.68
CA SER D 272 53.90 -4.10 -35.44
C SER D 272 53.67 -3.21 -36.65
N GLY D 273 54.40 -2.11 -36.75
CA GLY D 273 54.16 -1.16 -37.81
C GLY D 273 55.34 -0.86 -38.74
N GLY D 274 55.07 -0.08 -39.77
CA GLY D 274 56.07 0.31 -40.75
C GLY D 274 57.04 1.35 -40.21
N ASP D 275 56.60 2.11 -39.22
CA ASP D 275 57.49 3.09 -38.59
C ASP D 275 58.58 2.38 -37.79
N ASN D 276 58.61 1.06 -37.90
CA ASN D 276 59.56 0.22 -37.19
C ASN D 276 59.49 0.41 -35.68
N LYS D 277 58.27 0.28 -35.16
CA LYS D 277 57.99 0.39 -33.75
C LYS D 277 56.89 -0.59 -33.40
N VAL D 278 56.96 -1.15 -32.20
CA VAL D 278 55.90 -2.00 -31.67
C VAL D 278 55.16 -1.21 -30.59
N THR D 279 53.84 -1.09 -30.72
CA THR D 279 53.07 -0.36 -29.72
C THR D 279 52.06 -1.25 -28.99
N LEU D 280 52.00 -1.10 -27.67
CA LEU D 280 51.10 -1.87 -26.85
C LEU D 280 49.88 -1.02 -26.47
N TRP D 281 48.72 -1.65 -26.39
CA TRP D 281 47.47 -0.93 -26.17
C TRP D 281 46.56 -1.71 -25.25
N LYS D 282 45.75 -1.00 -24.46
CA LYS D 282 44.73 -1.64 -23.65
C LYS D 282 43.65 -0.64 -23.27
N GLU D 283 42.50 -1.17 -22.85
CA GLU D 283 41.34 -0.34 -22.62
C GLU D 283 41.39 0.37 -21.28
N ASN D 284 40.86 1.59 -21.27
CA ASN D 284 40.67 2.33 -20.03
C ASN D 284 39.26 2.06 -19.49
N LEU D 285 38.89 2.67 -18.37
CA LEU D 285 37.56 2.44 -17.78
C LEU D 285 36.40 2.63 -18.76
N GLU D 286 36.54 3.63 -19.63
CA GLU D 286 35.45 3.96 -20.55
C GLU D 286 35.52 3.13 -21.83
N GLY D 287 36.52 2.25 -21.91
CA GLY D 287 36.65 1.34 -23.04
C GLY D 287 37.45 1.89 -24.20
N LYS D 288 38.04 3.07 -24.01
CA LYS D 288 38.89 3.65 -25.04
C LYS D 288 40.29 3.06 -24.96
N TRP D 289 40.89 2.79 -26.12
CA TRP D 289 42.24 2.20 -26.16
C TRP D 289 43.33 3.22 -25.91
N GLU D 290 44.28 2.86 -25.05
CA GLU D 290 45.34 3.77 -24.67
C GLU D 290 46.68 3.04 -24.53
N PRO D 291 47.79 3.77 -24.78
CA PRO D 291 49.14 3.21 -24.72
C PRO D 291 49.36 2.39 -23.46
N ALA D 292 49.92 1.19 -23.61
CA ALA D 292 50.21 0.33 -22.48
C ALA D 292 51.69 -0.04 -22.46
N GLY D 293 52.49 0.77 -23.13
CA GLY D 293 53.92 0.52 -23.25
C GLY D 293 54.39 0.51 -24.69
N GLU D 294 55.70 0.58 -24.88
CA GLU D 294 56.25 0.58 -26.23
C GLU D 294 57.59 -0.12 -26.31
N VAL D 295 57.94 -0.54 -27.53
CA VAL D 295 59.24 -1.08 -27.86
C VAL D 295 59.65 -0.45 -29.19
N HIS D 296 60.59 0.48 -29.16
CA HIS D 296 60.94 1.24 -30.36
C HIS D 296 62.42 1.10 -30.73
N GLN D 297 63.17 0.43 -29.86
CA GLN D 297 64.61 0.25 -30.01
C GLN D 297 65.08 0.32 -31.47
#